data_7V1Q
#
_entry.id   7V1Q
#
_cell.length_a   54.671
_cell.length_b   238.522
_cell.length_c   68.921
_cell.angle_alpha   90.000
_cell.angle_beta   113.350
_cell.angle_gamma   90.000
#
_symmetry.space_group_name_H-M   'P 1 21 1'
#
loop_
_entity.id
_entity.type
_entity.pdbx_description
1 polymer 'Alcohol Dehydrogenases'
2 non-polymer 'ISOPROPYL ALCOHOL'
3 non-polymer NICOTINAMIDE-ADENINE-DINUCLEOTIDE
4 non-polymer 'ZINC ION'
5 water water
#
_entity_poly.entity_id   1
_entity_poly.type   'polypeptide(L)'
_entity_poly.pdbx_seq_one_letter_code
;(MSE)AQYDVADRSAIVTGGGSGIGRAVALTLAASGAAVLVTDLNEEHAQAVVAEIEAAGGKAAALAGDVTDPAFGEASV
AAANALAPLKIAVNNAGIGGEAATVGDYSLDSWRKVIEVNLNAVFYG(MSE)QPQLKA(MSE)AANGGGAIVN(MSE)AS
ILGSVGFANSSAYVTAKHALLGLTQNAALEYAADKVRVVAVGPGFIRTPLVEANLSAEALAFLEGKHALGRLGEPEEVAS
LVAFLASDAASFITGSYHLVDGGYTAQ
;
_entity_poly.pdbx_strand_id   A,B,C,D,E,F,G,H
#
loop_
_chem_comp.id
_chem_comp.type
_chem_comp.name
_chem_comp.formula
IPA non-polymer 'ISOPROPYL ALCOHOL' 'C3 H8 O'
NAD non-polymer NICOTINAMIDE-ADENINE-DINUCLEOTIDE 'C21 H27 N7 O14 P2'
ZN non-polymer 'ZINC ION' 'Zn 2'
#
# COMPACT_ATOMS: atom_id res chain seq x y z
N MSE A 1 -20.77 40.37 0.24
CA MSE A 1 -19.82 41.52 0.11
C MSE A 1 -18.62 41.35 1.03
O MSE A 1 -18.07 42.36 1.50
CB MSE A 1 -20.56 42.82 0.45
N ALA A 2 -18.18 40.11 1.24
CA ALA A 2 -17.04 39.85 2.12
C ALA A 2 -15.75 40.26 1.42
N GLN A 3 -14.91 41.02 2.11
CA GLN A 3 -13.56 41.39 1.62
C GLN A 3 -12.58 41.20 2.77
N TYR A 4 -11.37 40.78 2.43
CA TYR A 4 -10.31 40.46 3.41
C TYR A 4 -9.11 41.35 3.21
N ASP A 5 -8.46 41.71 4.31
CA ASP A 5 -7.23 42.53 4.31
C ASP A 5 -6.04 41.65 3.94
N VAL A 6 -5.96 41.25 2.67
CA VAL A 6 -4.87 40.40 2.15
C VAL A 6 -4.21 41.02 0.92
N ALA A 7 -4.37 42.33 0.72
CA ALA A 7 -3.85 42.99 -0.50
C ALA A 7 -2.36 43.30 -0.34
N ASP A 8 -1.72 43.63 -1.48
CA ASP A 8 -0.33 44.13 -1.53
C ASP A 8 0.66 43.10 -0.97
N ARG A 9 0.40 41.82 -1.26
CA ARG A 9 1.27 40.72 -0.81
C ARG A 9 1.03 39.52 -1.69
N SER A 10 1.95 38.57 -1.67
CA SER A 10 1.75 37.27 -2.35
C SER A 10 1.32 36.21 -1.35
N ALA A 11 0.61 35.21 -1.86
CA ALA A 11 0.05 34.09 -1.10
C ALA A 11 0.38 32.79 -1.84
N ILE A 12 0.99 31.83 -1.15
CA ILE A 12 1.12 30.47 -1.71
C ILE A 12 -0.11 29.68 -1.30
N VAL A 13 -0.73 28.99 -2.24
CA VAL A 13 -1.76 27.99 -1.89
C VAL A 13 -1.31 26.64 -2.47
N THR A 14 -0.85 25.73 -1.61
CA THR A 14 -0.43 24.39 -2.07
C THR A 14 -1.69 23.55 -2.31
N GLY A 15 -1.64 22.67 -3.31
CA GLY A 15 -2.84 21.93 -3.74
C GLY A 15 -3.94 22.87 -4.20
N GLY A 16 -3.57 23.99 -4.80
CA GLY A 16 -4.52 25.04 -5.18
C GLY A 16 -5.25 24.73 -6.47
N GLY A 17 -4.94 23.61 -7.12
CA GLY A 17 -5.56 23.26 -8.42
C GLY A 17 -6.92 22.57 -8.29
N SER A 18 -7.38 22.27 -7.08
CA SER A 18 -8.61 21.47 -6.88
C SER A 18 -9.26 21.82 -5.54
N GLY A 19 -10.57 21.56 -5.44
CA GLY A 19 -11.28 21.48 -4.17
C GLY A 19 -11.09 22.68 -3.26
N ILE A 20 -10.70 22.43 -2.01
CA ILE A 20 -10.58 23.50 -1.00
C ILE A 20 -9.50 24.50 -1.40
N GLY A 21 -8.35 23.99 -1.85
CA GLY A 21 -7.23 24.84 -2.29
C GLY A 21 -7.66 25.79 -3.38
N ARG A 22 -8.44 25.29 -4.36
CA ARG A 22 -8.97 26.13 -5.44
C ARG A 22 -9.82 27.26 -4.86
N ALA A 23 -10.74 26.91 -3.96
CA ALA A 23 -11.66 27.90 -3.32
C ALA A 23 -10.85 28.94 -2.56
N VAL A 24 -9.83 28.49 -1.84
CA VAL A 24 -8.93 29.40 -1.08
C VAL A 24 -8.26 30.37 -2.06
N ALA A 25 -7.74 29.84 -3.15
CA ALA A 25 -6.99 30.66 -4.13
C ALA A 25 -7.91 31.74 -4.71
N LEU A 26 -9.13 31.36 -5.06
CA LEU A 26 -10.11 32.31 -5.64
C LEU A 26 -10.46 33.39 -4.61
N THR A 27 -10.71 33.00 -3.37
CA THR A 27 -11.11 33.96 -2.32
C THR A 27 -9.98 34.94 -2.03
N LEU A 28 -8.75 34.44 -1.86
CA LEU A 28 -7.60 35.33 -1.58
C LEU A 28 -7.38 36.30 -2.75
N ALA A 29 -7.41 35.81 -3.98
CA ALA A 29 -7.16 36.65 -5.17
C ALA A 29 -8.26 37.72 -5.32
N ALA A 30 -9.49 37.38 -5.00
CA ALA A 30 -10.64 38.32 -5.13
C ALA A 30 -10.51 39.50 -4.16
N SER A 31 -9.72 39.34 -3.09
CA SER A 31 -9.45 40.43 -2.11
C SER A 31 -8.06 41.06 -2.34
N GLY A 32 -7.39 40.72 -3.45
CA GLY A 32 -6.21 41.46 -3.92
C GLY A 32 -4.88 40.80 -3.66
N ALA A 33 -4.87 39.60 -3.08
CA ALA A 33 -3.63 38.84 -2.90
C ALA A 33 -3.15 38.37 -4.27
N ALA A 34 -1.84 38.47 -4.53
CA ALA A 34 -1.21 37.84 -5.69
C ALA A 34 -0.94 36.38 -5.34
N VAL A 35 -1.71 35.47 -5.92
CA VAL A 35 -1.71 34.06 -5.47
C VAL A 35 -0.80 33.20 -6.36
N LEU A 36 0.15 32.50 -5.74
CA LEU A 36 0.86 31.42 -6.42
C LEU A 36 0.11 30.11 -6.15
N VAL A 37 -0.46 29.56 -7.19
CA VAL A 37 -1.22 28.29 -7.12
C VAL A 37 -0.24 27.16 -7.40
N THR A 38 0.04 26.33 -6.39
CA THR A 38 1.00 25.22 -6.58
C THR A 38 0.23 23.92 -6.48
N ASP A 39 0.64 22.97 -7.30
CA ASP A 39 -0.05 21.68 -7.40
C ASP A 39 0.80 20.70 -8.20
N LEU A 40 0.65 19.41 -7.89
CA LEU A 40 1.19 18.33 -8.73
C LEU A 40 0.69 18.50 -10.17
N ASN A 41 -0.59 18.88 -10.29
CA ASN A 41 -1.29 18.92 -11.58
C ASN A 41 -1.16 20.31 -12.21
N GLU A 42 -0.27 20.44 -13.18
CA GLU A 42 0.03 21.75 -13.81
C GLU A 42 -1.23 22.31 -14.46
N GLU A 43 -1.97 21.50 -15.20
CA GLU A 43 -3.15 21.98 -15.96
C GLU A 43 -4.23 22.46 -14.99
N HIS A 44 -4.40 21.79 -13.85
CA HIS A 44 -5.40 22.22 -12.86
C HIS A 44 -4.97 23.55 -12.25
N ALA A 45 -3.69 23.69 -11.94
CA ALA A 45 -3.18 24.95 -11.37
C ALA A 45 -3.40 26.08 -12.39
N GLN A 46 -3.11 25.81 -13.66
CA GLN A 46 -3.28 26.81 -14.72
C GLN A 46 -4.76 27.20 -14.85
N ALA A 47 -5.66 26.24 -14.70
CA ALA A 47 -7.10 26.49 -14.83
C ALA A 47 -7.55 27.46 -13.75
N VAL A 48 -7.04 27.28 -12.53
CA VAL A 48 -7.41 28.16 -11.38
C VAL A 48 -6.85 29.56 -11.62
N VAL A 49 -5.62 29.65 -12.10
CA VAL A 49 -4.99 30.95 -12.44
C VAL A 49 -5.85 31.67 -13.49
N ALA A 50 -6.33 30.94 -14.50
CA ALA A 50 -7.16 31.54 -15.57
C ALA A 50 -8.47 32.07 -14.99
N GLU A 51 -9.08 31.34 -14.07
CA GLU A 51 -10.32 31.77 -13.39
C GLU A 51 -10.06 33.05 -12.59
N ILE A 52 -8.95 33.07 -11.87
CA ILE A 52 -8.57 34.24 -11.03
C ILE A 52 -8.41 35.46 -11.94
N GLU A 53 -7.65 35.31 -13.03
CA GLU A 53 -7.37 36.44 -13.94
C GLU A 53 -8.65 36.94 -14.62
N ALA A 54 -9.53 36.02 -15.04
CA ALA A 54 -10.81 36.38 -15.68
C ALA A 54 -11.68 37.20 -14.72
N ALA A 55 -11.59 36.90 -13.43
CA ALA A 55 -12.33 37.62 -12.36
C ALA A 55 -11.63 38.92 -11.96
N GLY A 56 -10.50 39.25 -12.58
CA GLY A 56 -9.80 40.54 -12.37
C GLY A 56 -8.67 40.49 -11.36
N GLY A 57 -8.26 39.29 -10.94
CA GLY A 57 -7.21 39.12 -9.93
C GLY A 57 -5.85 38.82 -10.54
N LYS A 58 -4.85 38.67 -9.67
CA LYS A 58 -3.47 38.37 -10.07
C LYS A 58 -3.09 37.00 -9.50
N ALA A 59 -2.59 36.13 -10.36
CA ALA A 59 -2.10 34.82 -9.92
C ALA A 59 -1.11 34.24 -10.93
N ALA A 60 -0.43 33.19 -10.51
CA ALA A 60 0.51 32.43 -11.36
C ALA A 60 0.52 31.00 -10.85
N ALA A 61 0.82 30.06 -11.75
CA ALA A 61 0.86 28.63 -11.43
C ALA A 61 2.30 28.17 -11.28
N LEU A 62 2.52 27.23 -10.38
CA LEU A 62 3.81 26.53 -10.30
C LEU A 62 3.54 25.06 -9.99
N ALA A 63 3.90 24.19 -10.91
CA ALA A 63 3.62 22.75 -10.81
C ALA A 63 4.80 22.03 -10.15
N GLY A 64 4.49 21.17 -9.20
CA GLY A 64 5.51 20.33 -8.57
C GLY A 64 4.98 19.60 -7.36
N ASP A 65 5.88 18.95 -6.66
CA ASP A 65 5.56 18.02 -5.57
C ASP A 65 6.04 18.62 -4.25
N VAL A 66 5.11 18.90 -3.33
CA VAL A 66 5.45 19.52 -2.03
C VAL A 66 6.32 18.60 -1.16
N THR A 67 6.39 17.30 -1.46
CA THR A 67 7.27 16.38 -0.71
C THR A 67 8.73 16.54 -1.14
N ASP A 68 9.01 17.33 -2.18
CA ASP A 68 10.40 17.72 -2.52
C ASP A 68 10.69 19.06 -1.84
N PRO A 69 11.59 19.09 -0.83
CA PRO A 69 11.88 20.36 -0.15
C PRO A 69 12.31 21.48 -1.11
N ALA A 70 12.98 21.13 -2.20
CA ALA A 70 13.41 22.10 -3.22
C ALA A 70 12.21 22.82 -3.84
N PHE A 71 11.08 22.14 -3.94
CA PHE A 71 9.88 22.71 -4.59
C PHE A 71 9.25 23.78 -3.70
N GLY A 72 9.24 23.55 -2.39
CA GLY A 72 8.75 24.56 -1.44
C GLY A 72 9.61 25.81 -1.49
N GLU A 73 10.93 25.63 -1.64
CA GLU A 73 11.89 26.75 -1.81
C GLU A 73 11.55 27.52 -3.09
N ALA A 74 11.36 26.80 -4.20
CA ALA A 74 11.05 27.38 -5.52
C ALA A 74 9.71 28.13 -5.45
N SER A 75 8.76 27.61 -4.67
CA SER A 75 7.43 28.22 -4.52
C SER A 75 7.56 29.57 -3.81
N VAL A 76 8.34 29.60 -2.74
CA VAL A 76 8.58 30.84 -1.97
C VAL A 76 9.24 31.88 -2.89
N ALA A 77 10.23 31.49 -3.69
CA ALA A 77 10.94 32.43 -4.59
C ALA A 77 9.97 32.99 -5.64
N ALA A 78 9.15 32.13 -6.22
CA ALA A 78 8.20 32.49 -7.29
C ALA A 78 7.12 33.42 -6.71
N ALA A 79 6.64 33.13 -5.50
CA ALA A 79 5.64 33.97 -4.83
C ALA A 79 6.22 35.36 -4.53
N ASN A 80 7.41 35.39 -3.93
CA ASN A 80 8.11 36.65 -3.59
C ASN A 80 8.30 37.54 -4.83
N ALA A 81 8.47 36.93 -6.00
CA ALA A 81 8.64 37.66 -7.27
C ALA A 81 7.37 38.41 -7.67
N LEU A 82 6.19 37.92 -7.25
CA LEU A 82 4.90 38.58 -7.56
C LEU A 82 4.71 39.78 -6.64
N ALA A 83 5.00 39.57 -5.36
CA ALA A 83 4.81 40.54 -4.26
C ALA A 83 5.40 39.90 -3.01
N PRO A 84 5.69 40.69 -1.95
CA PRO A 84 6.29 40.11 -0.75
C PRO A 84 5.40 38.99 -0.18
N LEU A 85 6.00 37.83 0.06
CA LEU A 85 5.25 36.67 0.58
C LEU A 85 4.82 36.95 2.02
N LYS A 86 3.51 36.97 2.25
CA LYS A 86 2.94 37.20 3.59
C LYS A 86 1.78 36.26 3.88
N ILE A 87 1.46 35.33 2.98
CA ILE A 87 0.44 34.28 3.23
C ILE A 87 0.95 32.97 2.65
N ALA A 88 0.85 31.89 3.42
CA ALA A 88 1.01 30.53 2.86
C ALA A 88 -0.08 29.65 3.43
N VAL A 89 -0.75 28.92 2.55
CA VAL A 89 -1.78 27.94 2.94
C VAL A 89 -1.27 26.57 2.53
N ASN A 90 -0.86 25.78 3.52
CA ASN A 90 -0.33 24.43 3.29
C ASN A 90 -1.52 23.48 3.26
N ASN A 91 -2.07 23.30 2.07
CA ASN A 91 -3.38 22.66 1.87
C ASN A 91 -3.26 21.32 1.11
N ALA A 92 -2.23 21.12 0.30
CA ALA A 92 -2.05 19.86 -0.45
C ALA A 92 -2.16 18.69 0.53
N GLY A 93 -2.88 17.65 0.13
CA GLY A 93 -3.05 16.46 0.97
C GLY A 93 -3.72 15.33 0.22
N ILE A 94 -3.61 14.13 0.77
CA ILE A 94 -4.19 12.89 0.20
C ILE A 94 -4.97 12.18 1.29
N GLY A 95 -5.96 11.38 0.89
CA GLY A 95 -6.84 10.66 1.82
C GLY A 95 -6.17 9.44 2.43
N GLY A 96 -5.35 8.75 1.62
CA GLY A 96 -4.63 7.55 2.07
C GLY A 96 -5.43 6.27 1.94
N GLU A 97 -4.74 5.14 2.12
CA GLU A 97 -5.34 3.80 2.12
C GLU A 97 -6.46 3.74 3.17
N ALA A 98 -7.54 3.03 2.84
CA ALA A 98 -8.61 2.68 3.79
C ALA A 98 -8.35 1.28 4.34
N ALA A 99 -7.88 1.22 5.58
CA ALA A 99 -7.50 -0.05 6.23
C ALA A 99 -7.37 0.19 7.73
N THR A 100 -7.48 -0.87 8.51
CA THR A 100 -7.25 -0.81 9.96
C THR A 100 -5.77 -0.57 10.23
N VAL A 101 -5.46 -0.10 11.43
CA VAL A 101 -4.05 0.11 11.84
C VAL A 101 -3.26 -1.18 11.63
N GLY A 102 -3.83 -2.32 12.03
CA GLY A 102 -3.15 -3.62 11.92
C GLY A 102 -2.84 -4.02 10.49
N ASP A 103 -3.72 -3.64 9.55
CA ASP A 103 -3.59 -4.05 8.13
C ASP A 103 -2.85 -3.01 7.30
N TYR A 104 -2.70 -1.80 7.83
CA TYR A 104 -2.19 -0.66 7.04
C TYR A 104 -0.84 -1.02 6.42
N SER A 105 -0.68 -0.78 5.12
CA SER A 105 0.62 -1.06 4.46
C SER A 105 1.64 0.01 4.88
N LEU A 106 2.90 -0.40 5.05
CA LEU A 106 3.95 0.53 5.54
C LEU A 106 4.17 1.65 4.54
N ASP A 107 4.21 1.33 3.25
CA ASP A 107 4.46 2.39 2.24
C ASP A 107 3.29 3.37 2.23
N SER A 108 2.07 2.87 2.37
CA SER A 108 0.84 3.70 2.40
C SER A 108 0.84 4.64 3.59
N TRP A 109 1.18 4.12 4.76
CA TRP A 109 1.35 4.92 5.98
C TRP A 109 2.37 6.03 5.72
N ARG A 110 3.55 5.64 5.27
CA ARG A 110 4.67 6.59 5.06
C ARG A 110 4.30 7.67 4.05
N LYS A 111 3.54 7.32 3.02
CA LYS A 111 3.15 8.29 1.98
C LYS A 111 2.22 9.35 2.57
N VAL A 112 1.26 8.94 3.40
CA VAL A 112 0.30 9.89 4.01
C VAL A 112 1.06 10.80 4.96
N ILE A 113 1.97 10.26 5.76
CA ILE A 113 2.78 11.10 6.67
C ILE A 113 3.63 12.05 5.82
N GLU A 114 4.17 11.57 4.69
CA GLU A 114 5.10 12.39 3.90
C GLU A 114 4.39 13.62 3.32
N VAL A 115 3.20 13.42 2.74
CA VAL A 115 2.46 14.53 2.09
C VAL A 115 1.73 15.38 3.13
N ASN A 116 1.04 14.75 4.05
CA ASN A 116 0.07 15.46 4.91
C ASN A 116 0.77 16.08 6.13
N LEU A 117 1.95 15.60 6.49
CA LEU A 117 2.74 16.21 7.58
C LEU A 117 4.08 16.75 7.07
N ASN A 118 4.97 15.88 6.60
CA ASN A 118 6.37 16.28 6.39
C ASN A 118 6.45 17.38 5.33
N ALA A 119 5.60 17.31 4.29
CA ALA A 119 5.61 18.32 3.22
C ALA A 119 5.13 19.68 3.73
N VAL A 120 4.25 19.69 4.73
CA VAL A 120 3.82 20.97 5.36
C VAL A 120 5.03 21.59 6.04
N PHE A 121 5.74 20.79 6.84
CA PHE A 121 7.01 21.21 7.46
C PHE A 121 8.00 21.67 6.38
N TYR A 122 8.18 20.89 5.30
CA TYR A 122 9.19 21.26 4.27
C TYR A 122 8.87 22.64 3.72
N GLY A 123 7.61 22.89 3.38
CA GLY A 123 7.18 24.18 2.84
C GLY A 123 7.32 25.30 3.86
N MSE A 124 7.02 25.00 5.13
CA MSE A 124 7.06 26.02 6.18
C MSE A 124 8.46 26.59 6.38
O MSE A 124 8.59 27.74 6.78
CB MSE A 124 6.53 25.46 7.50
CG MSE A 124 5.03 25.40 7.50
SE MSE A 124 4.32 24.58 9.12
CE MSE A 124 4.98 25.82 10.48
N GLN A 125 9.51 25.79 6.15
CA GLN A 125 10.85 26.29 6.42
C GLN A 125 11.14 27.58 5.64
N PRO A 126 11.09 27.56 4.28
CA PRO A 126 11.32 28.79 3.53
C PRO A 126 10.22 29.85 3.71
N GLN A 127 8.98 29.40 3.95
CA GLN A 127 7.85 30.32 4.21
C GLN A 127 8.16 31.14 5.46
N LEU A 128 8.48 30.48 6.56
CA LEU A 128 8.75 31.16 7.84
C LEU A 128 9.91 32.15 7.66
N LYS A 129 11.00 31.71 7.03
CA LYS A 129 12.20 32.56 6.88
C LYS A 129 11.88 33.78 6.01
N ALA A 130 11.09 33.61 4.95
CA ALA A 130 10.74 34.73 4.04
C ALA A 130 9.85 35.74 4.75
N MSE A 131 8.87 35.25 5.51
CA MSE A 131 7.94 36.13 6.18
C MSE A 131 8.60 36.85 7.34
O MSE A 131 8.28 38.02 7.58
CB MSE A 131 6.72 35.32 6.64
CG MSE A 131 5.91 34.87 5.45
SE MSE A 131 4.26 34.06 6.06
CE MSE A 131 3.96 32.89 4.51
N ALA A 132 9.49 36.17 8.06
CA ALA A 132 10.24 36.81 9.12
C ALA A 132 11.10 37.95 8.56
N ALA A 133 11.70 37.74 7.40
CA ALA A 133 12.62 38.72 6.78
C ALA A 133 11.86 39.95 6.27
N ASN A 134 10.59 39.79 5.86
CA ASN A 134 9.86 40.93 5.26
C ASN A 134 8.81 41.50 6.22
N GLY A 135 8.94 41.23 7.53
CA GLY A 135 8.23 41.97 8.59
C GLY A 135 6.98 41.30 9.12
N GLY A 136 6.73 40.05 8.72
CA GLY A 136 5.61 39.27 9.27
C GLY A 136 4.69 38.70 8.22
N GLY A 137 3.76 37.84 8.67
CA GLY A 137 2.78 37.24 7.76
C GLY A 137 1.95 36.20 8.46
N ALA A 138 1.29 35.36 7.68
CA ALA A 138 0.39 34.31 8.20
C ALA A 138 0.57 33.02 7.42
N ILE A 139 0.74 31.92 8.14
CA ILE A 139 0.71 30.56 7.58
C ILE A 139 -0.53 29.85 8.11
N VAL A 140 -1.33 29.33 7.19
CA VAL A 140 -2.55 28.57 7.55
C VAL A 140 -2.33 27.12 7.10
N ASN A 141 -2.30 26.20 8.05
CA ASN A 141 -2.15 24.78 7.75
C ASN A 141 -3.53 24.14 7.71
N MSE A 142 -3.78 23.37 6.66
CA MSE A 142 -5.07 22.72 6.52
C MSE A 142 -5.02 21.41 7.28
O MSE A 142 -4.46 20.43 6.80
CB MSE A 142 -5.39 22.46 5.04
CG MSE A 142 -6.84 22.09 4.83
SE MSE A 142 -8.07 23.60 5.19
CE MSE A 142 -7.41 24.80 3.79
N ALA A 143 -5.62 21.42 8.47
CA ALA A 143 -5.79 20.20 9.24
C ALA A 143 -7.16 19.61 8.89
N SER A 144 -7.96 19.25 9.89
CA SER A 144 -9.25 18.57 9.73
C SER A 144 -9.89 18.44 11.09
N ILE A 145 -11.18 18.16 11.14
CA ILE A 145 -11.79 17.55 12.35
C ILE A 145 -10.93 16.38 12.82
N LEU A 146 -10.32 15.65 11.88
CA LEU A 146 -9.55 14.43 12.20
C LEU A 146 -8.16 14.78 12.75
N GLY A 147 -7.89 16.08 12.98
CA GLY A 147 -6.78 16.54 13.82
C GLY A 147 -7.12 16.51 15.31
N SER A 148 -8.39 16.28 15.66
CA SER A 148 -8.78 16.26 17.10
C SER A 148 -9.64 15.04 17.48
N VAL A 149 -10.24 14.38 16.50
CA VAL A 149 -10.96 13.09 16.73
C VAL A 149 -10.48 12.07 15.70
N GLY A 150 -10.84 10.80 15.94
CA GLY A 150 -10.47 9.71 15.05
C GLY A 150 -11.57 9.36 14.07
N PHE A 151 -11.25 8.47 13.13
CA PHE A 151 -12.22 7.95 12.16
C PHE A 151 -11.72 6.59 11.66
N ALA A 152 -12.43 5.53 11.98
CA ALA A 152 -11.98 4.15 11.72
C ALA A 152 -11.52 4.01 10.26
N ASN A 153 -10.37 3.36 10.09
CA ASN A 153 -9.75 2.96 8.81
C ASN A 153 -9.00 4.10 8.10
N SER A 154 -8.85 5.25 8.75
CA SER A 154 -8.03 6.37 8.22
C SER A 154 -6.96 6.80 9.23
N SER A 155 -6.26 5.85 9.86
CA SER A 155 -5.33 6.17 10.97
C SER A 155 -4.17 7.05 10.51
N ALA A 156 -3.58 6.79 9.36
CA ALA A 156 -2.40 7.56 8.92
C ALA A 156 -2.81 9.02 8.73
N TYR A 157 -3.97 9.22 8.12
CA TYR A 157 -4.53 10.56 7.86
C TYR A 157 -4.80 11.27 9.20
N VAL A 158 -5.52 10.60 10.07
CA VAL A 158 -5.86 11.13 11.42
C VAL A 158 -4.56 11.50 12.15
N THR A 159 -3.59 10.61 12.11
CA THR A 159 -2.29 10.81 12.76
C THR A 159 -1.61 12.07 12.19
N ALA A 160 -1.50 12.18 10.88
CA ALA A 160 -0.88 13.35 10.23
C ALA A 160 -1.60 14.64 10.61
N LYS A 161 -2.94 14.61 10.63
CA LYS A 161 -3.70 15.84 10.91
C LYS A 161 -3.55 16.27 12.37
N HIS A 162 -3.51 15.31 13.29
CA HIS A 162 -3.17 15.60 14.71
C HIS A 162 -1.79 16.23 14.79
N ALA A 163 -0.81 15.70 14.04
CA ALA A 163 0.59 16.19 14.06
C ALA A 163 0.65 17.66 13.68
N LEU A 164 -0.19 18.08 12.73
CA LEU A 164 -0.19 19.47 12.23
C LEU A 164 -0.49 20.45 13.37
N LEU A 165 -1.31 20.08 14.34
CA LEU A 165 -1.67 21.01 15.43
C LEU A 165 -0.40 21.34 16.23
N GLY A 166 0.49 20.37 16.43
CA GLY A 166 1.72 20.58 17.18
C GLY A 166 2.74 21.38 16.38
N LEU A 167 2.90 21.06 15.10
CA LEU A 167 3.80 21.83 14.22
C LEU A 167 3.33 23.29 14.18
N THR A 168 2.02 23.49 14.10
CA THR A 168 1.39 24.84 14.10
C THR A 168 1.70 25.58 15.41
N GLN A 169 1.44 24.95 16.55
CA GLN A 169 1.76 25.54 17.87
C GLN A 169 3.22 25.96 17.91
N ASN A 170 4.12 25.06 17.52
CA ASN A 170 5.57 25.32 17.69
C ASN A 170 6.04 26.47 16.83
N ALA A 171 5.65 26.49 15.56
CA ALA A 171 6.08 27.57 14.65
C ALA A 171 5.51 28.89 15.18
N ALA A 172 4.27 28.86 15.67
CA ALA A 172 3.64 30.07 16.23
C ALA A 172 4.46 30.60 17.40
N LEU A 173 4.90 29.73 18.31
CA LEU A 173 5.68 30.18 19.48
C LEU A 173 7.01 30.78 19.02
N GLU A 174 7.65 30.13 18.05
CA GLU A 174 9.04 30.45 17.64
C GLU A 174 9.11 31.73 16.80
N TYR A 175 8.08 32.04 16.01
CA TYR A 175 8.13 33.18 15.06
C TYR A 175 7.17 34.31 15.41
N ALA A 176 6.50 34.22 16.55
CA ALA A 176 5.63 35.30 17.05
C ALA A 176 6.41 36.63 17.17
N ALA A 177 7.64 36.57 17.66
CA ALA A 177 8.48 37.78 17.85
C ALA A 177 8.78 38.45 16.51
N ASP A 178 8.76 37.68 15.42
CA ASP A 178 8.93 38.15 14.03
C ASP A 178 7.58 38.50 13.37
N LYS A 179 6.49 38.44 14.13
CA LYS A 179 5.11 38.75 13.67
C LYS A 179 4.66 37.82 12.55
N VAL A 180 5.16 36.59 12.56
CA VAL A 180 4.66 35.52 11.67
C VAL A 180 3.68 34.67 12.48
N ARG A 181 2.42 34.73 12.09
CA ARG A 181 1.34 33.95 12.72
C ARG A 181 1.24 32.59 12.03
N VAL A 182 0.95 31.55 12.81
CA VAL A 182 0.75 30.18 12.26
C VAL A 182 -0.50 29.60 12.94
N VAL A 183 -1.47 29.21 12.12
CA VAL A 183 -2.74 28.65 12.63
C VAL A 183 -3.09 27.40 11.85
N ALA A 184 -4.04 26.64 12.39
CA ALA A 184 -4.56 25.43 11.74
C ALA A 184 -6.06 25.55 11.60
N VAL A 185 -6.56 25.13 10.44
CA VAL A 185 -8.00 25.05 10.18
C VAL A 185 -8.43 23.59 10.13
N GLY A 186 -9.58 23.29 10.73
CA GLY A 186 -10.09 21.91 10.83
C GLY A 186 -11.46 21.81 10.19
N PRO A 187 -11.53 21.58 8.85
CA PRO A 187 -12.85 21.36 8.26
C PRO A 187 -13.47 20.00 8.62
N GLY A 188 -14.79 20.02 8.72
CA GLY A 188 -15.58 18.78 8.70
C GLY A 188 -15.49 18.19 7.31
N PHE A 189 -16.36 17.24 6.99
CA PHE A 189 -16.43 16.69 5.62
C PHE A 189 -16.98 17.77 4.70
N ILE A 190 -16.27 17.96 3.61
CA ILE A 190 -16.52 19.04 2.62
C ILE A 190 -16.87 18.38 1.29
N ARG A 191 -17.88 18.94 0.65
CA ARG A 191 -18.40 18.43 -0.63
C ARG A 191 -17.53 18.97 -1.76
N THR A 192 -16.27 18.54 -1.81
CA THR A 192 -15.39 18.76 -2.97
C THR A 192 -15.89 17.88 -4.09
N PRO A 193 -15.57 18.20 -5.36
CA PRO A 193 -15.95 17.34 -6.48
C PRO A 193 -15.58 15.86 -6.31
N LEU A 194 -14.42 15.56 -5.72
CA LEU A 194 -13.99 14.15 -5.55
C LEU A 194 -14.74 13.47 -4.40
N VAL A 195 -15.06 14.22 -3.33
CA VAL A 195 -15.92 13.69 -2.25
C VAL A 195 -17.28 13.33 -2.86
N GLU A 196 -17.89 14.26 -3.60
CA GLU A 196 -19.20 14.04 -4.26
C GLU A 196 -19.14 12.79 -5.13
N ALA A 197 -18.08 12.68 -5.93
CA ALA A 197 -17.95 11.62 -6.96
C ALA A 197 -17.71 10.25 -6.30
N ASN A 198 -17.12 10.23 -5.10
CA ASN A 198 -16.84 8.98 -4.37
C ASN A 198 -18.11 8.46 -3.70
N LEU A 199 -18.76 9.32 -2.89
CA LEU A 199 -19.86 8.91 -2.00
C LEU A 199 -21.06 8.41 -2.81
N SER A 200 -21.52 7.20 -2.49
CA SER A 200 -22.89 6.75 -2.86
C SER A 200 -23.89 7.68 -2.19
N ALA A 201 -25.12 7.74 -2.72
CA ALA A 201 -26.22 8.54 -2.12
C ALA A 201 -26.40 8.13 -0.66
N GLU A 202 -26.21 6.85 -0.35
CA GLU A 202 -26.34 6.30 1.01
C GLU A 202 -25.21 6.80 1.92
N ALA A 203 -23.96 6.64 1.48
CA ALA A 203 -22.77 7.01 2.26
C ALA A 203 -22.74 8.52 2.52
N LEU A 204 -23.26 9.29 1.57
CA LEU A 204 -23.39 10.76 1.74
C LEU A 204 -24.34 11.06 2.91
N ALA A 205 -25.51 10.43 2.91
CA ALA A 205 -26.54 10.62 3.95
C ALA A 205 -25.95 10.32 5.34
N PHE A 206 -25.18 9.24 5.44
CA PHE A 206 -24.54 8.81 6.70
C PHE A 206 -23.64 9.92 7.24
N LEU A 207 -22.78 10.48 6.40
CA LEU A 207 -21.82 11.54 6.82
C LEU A 207 -22.58 12.82 7.18
N GLU A 208 -23.62 13.16 6.43
CA GLU A 208 -24.47 14.34 6.72
C GLU A 208 -25.04 14.21 8.14
N GLY A 209 -25.44 13.00 8.53
CA GLY A 209 -25.99 12.71 9.86
C GLY A 209 -24.99 12.96 11.00
N LYS A 210 -23.69 12.93 10.71
CA LYS A 210 -22.64 13.14 11.72
C LYS A 210 -22.34 14.64 11.92
N HIS A 211 -22.89 15.51 11.07
CA HIS A 211 -22.76 16.97 11.22
C HIS A 211 -24.09 17.53 11.72
N ALA A 212 -24.06 18.30 12.81
CA ALA A 212 -25.29 18.89 13.39
C ALA A 212 -26.08 19.65 12.31
N LEU A 213 -25.40 20.35 11.39
CA LEU A 213 -26.10 21.15 10.34
C LEU A 213 -26.81 20.26 9.32
N GLY A 214 -26.55 18.94 9.34
CA GLY A 214 -27.30 17.98 8.50
C GLY A 214 -26.86 18.02 7.05
N ARG A 215 -25.67 18.54 6.78
CA ARG A 215 -25.09 18.60 5.43
C ARG A 215 -23.58 18.61 5.54
N LEU A 216 -22.91 18.31 4.44
CA LEU A 216 -21.45 18.51 4.34
C LEU A 216 -21.19 19.99 4.05
N GLY A 217 -19.97 20.43 4.32
CA GLY A 217 -19.57 21.82 4.06
C GLY A 217 -19.28 22.04 2.58
N GLU A 218 -19.24 23.31 2.19
CA GLU A 218 -18.81 23.70 0.84
C GLU A 218 -17.38 24.21 0.88
N PRO A 219 -16.59 24.00 -0.20
CA PRO A 219 -15.22 24.53 -0.24
C PRO A 219 -15.12 26.01 0.11
N GLU A 220 -16.08 26.82 -0.35
CA GLU A 220 -16.02 28.28 -0.10
C GLU A 220 -16.24 28.59 1.39
N GLU A 221 -16.90 27.69 2.12
CA GLU A 221 -17.11 27.88 3.59
C GLU A 221 -15.83 27.63 4.39
N VAL A 222 -14.91 26.84 3.84
CA VAL A 222 -13.54 26.69 4.40
C VAL A 222 -12.71 27.90 3.96
N ALA A 223 -12.80 28.26 2.68
CA ALA A 223 -11.97 29.32 2.07
C ALA A 223 -12.17 30.64 2.82
N SER A 224 -13.41 30.93 3.23
CA SER A 224 -13.71 32.18 3.97
C SER A 224 -12.89 32.25 5.27
N LEU A 225 -12.91 31.18 6.06
CA LEU A 225 -12.18 31.14 7.34
C LEU A 225 -10.67 31.24 7.10
N VAL A 226 -10.17 30.52 6.09
CA VAL A 226 -8.73 30.59 5.72
C VAL A 226 -8.35 32.03 5.39
N ALA A 227 -9.13 32.68 4.53
CA ALA A 227 -8.87 34.06 4.09
C ALA A 227 -8.89 35.00 5.30
N PHE A 228 -9.87 34.82 6.18
CA PHE A 228 -9.93 35.68 7.39
C PHE A 228 -8.65 35.49 8.20
N LEU A 229 -8.29 34.23 8.48
CA LEU A 229 -7.13 33.93 9.35
C LEU A 229 -5.82 34.40 8.70
N ALA A 230 -5.76 34.44 7.37
CA ALA A 230 -4.53 34.85 6.65
C ALA A 230 -4.44 36.37 6.56
N SER A 231 -5.47 37.09 6.98
CA SER A 231 -5.58 38.55 6.77
C SER A 231 -5.11 39.33 8.00
N ASP A 232 -4.93 40.64 7.81
CA ASP A 232 -4.42 41.55 8.86
C ASP A 232 -5.44 41.70 9.99
N ALA A 233 -6.71 41.40 9.72
CA ALA A 233 -7.77 41.45 10.75
C ALA A 233 -7.53 40.38 11.82
N ALA A 234 -6.83 39.31 11.46
CA ALA A 234 -6.52 38.18 12.37
C ALA A 234 -5.17 38.38 13.08
N SER A 235 -4.74 39.62 13.27
CA SER A 235 -3.39 39.97 13.77
C SER A 235 -3.09 39.44 15.17
N PHE A 236 -4.10 39.10 15.99
CA PHE A 236 -3.85 38.54 17.34
C PHE A 236 -4.17 37.04 17.39
N ILE A 237 -4.35 36.42 16.23
CA ILE A 237 -4.69 34.97 16.19
C ILE A 237 -3.46 34.20 15.71
N THR A 238 -2.87 33.42 16.62
CA THR A 238 -1.72 32.56 16.27
C THR A 238 -1.67 31.36 17.22
N GLY A 239 -1.17 30.25 16.68
CA GLY A 239 -0.93 29.01 17.43
C GLY A 239 -2.16 28.13 17.52
N SER A 240 -3.32 28.64 17.10
CA SER A 240 -4.64 28.09 17.43
C SER A 240 -5.22 27.25 16.30
N TYR A 241 -6.18 26.41 16.68
CA TYR A 241 -6.89 25.45 15.82
C TYR A 241 -8.34 25.90 15.70
N HIS A 242 -8.79 26.10 14.47
CA HIS A 242 -10.12 26.68 14.19
C HIS A 242 -10.97 25.73 13.35
N LEU A 243 -12.00 25.19 13.99
CA LEU A 243 -12.90 24.21 13.35
C LEU A 243 -13.89 24.90 12.43
N VAL A 244 -14.11 24.31 11.26
CA VAL A 244 -15.22 24.72 10.37
C VAL A 244 -15.93 23.40 10.01
N ASP A 245 -16.74 22.92 10.93
CA ASP A 245 -17.15 21.48 10.92
C ASP A 245 -18.65 21.25 11.10
N GLY A 246 -19.47 22.30 11.01
CA GLY A 246 -20.93 22.16 11.14
C GLY A 246 -21.37 21.45 12.40
N GLY A 247 -20.57 21.52 13.48
CA GLY A 247 -20.91 20.93 14.78
C GLY A 247 -20.43 19.50 14.97
N TYR A 248 -19.66 18.95 14.01
CA TYR A 248 -19.21 17.54 14.05
C TYR A 248 -18.56 17.19 15.40
N THR A 249 -17.63 18.01 15.86
CA THR A 249 -16.81 17.71 17.07
C THR A 249 -17.46 18.22 18.37
N ALA A 250 -18.63 18.86 18.27
CA ALA A 250 -19.36 19.38 19.45
C ALA A 250 -20.15 18.27 20.18
N GLN A 251 -20.20 17.07 19.61
N GLN A 251 -20.20 17.07 19.59
CA GLN A 251 -20.84 15.90 20.26
CA GLN A 251 -20.84 15.89 20.22
C GLN A 251 -19.87 14.72 20.23
C GLN A 251 -19.85 14.73 20.32
N MSE B 1 1.76 0.42 49.14
CA MSE B 1 1.11 -0.92 48.93
C MSE B 1 0.30 -0.97 47.65
O MSE B 1 -0.67 -1.74 47.56
CB MSE B 1 0.19 -1.23 50.13
N ALA B 2 0.70 -0.21 46.63
CA ALA B 2 -0.01 -0.17 45.37
C ALA B 2 0.22 -1.47 44.60
N GLN B 3 -0.86 -2.08 44.11
CA GLN B 3 -0.77 -3.30 43.28
C GLN B 3 -1.75 -3.17 42.11
N TYR B 4 -1.36 -3.70 40.96
CA TYR B 4 -2.13 -3.56 39.70
C TYR B 4 -2.56 -4.93 39.20
N ASP B 5 -3.76 -4.97 38.62
CA ASP B 5 -4.30 -6.20 38.01
C ASP B 5 -3.69 -6.39 36.63
N VAL B 6 -2.42 -6.84 36.60
CA VAL B 6 -1.66 -7.09 35.36
C VAL B 6 -1.05 -8.49 35.36
N ALA B 7 -1.55 -9.40 36.19
CA ALA B 7 -0.96 -10.75 36.30
C ALA B 7 -1.42 -11.66 35.15
N ASP B 8 -0.72 -12.79 35.00
CA ASP B 8 -1.09 -13.89 34.07
C ASP B 8 -1.10 -13.39 32.62
N ARG B 9 -0.17 -12.49 32.30
CA ARG B 9 -0.03 -11.97 30.93
C ARG B 9 1.39 -11.48 30.74
N SER B 10 1.77 -11.24 29.49
CA SER B 10 3.05 -10.60 29.18
C SER B 10 2.84 -9.15 28.78
N ALA B 11 3.90 -8.37 28.93
CA ALA B 11 3.90 -6.92 28.67
C ALA B 11 5.17 -6.57 27.91
N ILE B 12 5.03 -5.89 26.78
CA ILE B 12 6.20 -5.29 26.10
C ILE B 12 6.38 -3.89 26.66
N VAL B 13 7.61 -3.55 27.01
CA VAL B 13 7.97 -2.16 27.32
C VAL B 13 9.10 -1.77 26.39
N THR B 14 8.82 -0.94 25.39
CA THR B 14 9.88 -0.50 24.47
C THR B 14 10.69 0.62 25.13
N GLY B 15 11.98 0.69 24.81
CA GLY B 15 12.87 1.60 25.53
C GLY B 15 12.88 1.32 27.03
N GLY B 16 12.72 0.06 27.43
CA GLY B 16 12.64 -0.32 28.85
C GLY B 16 13.98 -0.37 29.56
N GLY B 17 15.09 -0.11 28.86
CA GLY B 17 16.42 -0.22 29.49
C GLY B 17 16.82 1.00 30.31
N SER B 18 16.01 2.05 30.33
CA SER B 18 16.40 3.35 30.93
C SER B 18 15.17 4.16 31.33
N GLY B 19 15.37 5.11 32.24
CA GLY B 19 14.42 6.20 32.52
C GLY B 19 13.00 5.72 32.78
N ILE B 20 12.04 6.33 32.07
CA ILE B 20 10.60 6.05 32.30
C ILE B 20 10.29 4.60 31.95
N GLY B 21 10.81 4.10 30.85
CA GLY B 21 10.60 2.71 30.43
C GLY B 21 11.03 1.73 31.50
N ARG B 22 12.19 1.98 32.10
CA ARG B 22 12.72 1.13 33.19
C ARG B 22 11.72 1.09 34.35
N ALA B 23 11.24 2.26 34.77
CA ALA B 23 10.28 2.38 35.89
C ALA B 23 9.00 1.64 35.57
N VAL B 24 8.52 1.78 34.33
CA VAL B 24 7.29 1.07 33.89
C VAL B 24 7.51 -0.44 34.00
N ALA B 25 8.65 -0.94 33.50
CA ALA B 25 8.97 -2.37 33.53
C ALA B 25 8.98 -2.87 34.98
N LEU B 26 9.64 -2.13 35.87
CA LEU B 26 9.75 -2.55 37.29
C LEU B 26 8.35 -2.60 37.93
N THR B 27 7.52 -1.60 37.64
CA THR B 27 6.20 -1.49 38.30
C THR B 27 5.29 -2.61 37.77
N LEU B 28 5.29 -2.85 36.46
CA LEU B 28 4.46 -3.93 35.86
C LEU B 28 4.91 -5.28 36.41
N ALA B 29 6.22 -5.53 36.45
CA ALA B 29 6.73 -6.84 36.88
C ALA B 29 6.42 -7.08 38.37
N ALA B 30 6.44 -6.03 39.19
CA ALA B 30 6.21 -6.16 40.64
C ALA B 30 4.77 -6.57 40.93
N SER B 31 3.85 -6.32 39.98
CA SER B 31 2.43 -6.70 40.09
C SER B 31 2.12 -7.99 39.31
N GLY B 32 3.14 -8.67 38.81
CA GLY B 32 3.03 -10.04 38.26
C GLY B 32 3.03 -10.15 36.76
N ALA B 33 3.17 -9.05 36.02
CA ALA B 33 3.28 -9.12 34.55
C ALA B 33 4.63 -9.72 34.17
N ALA B 34 4.64 -10.61 33.19
CA ALA B 34 5.90 -11.10 32.58
C ALA B 34 6.35 -10.07 31.56
N VAL B 35 7.42 -9.33 31.88
CA VAL B 35 7.78 -8.14 31.09
C VAL B 35 8.88 -8.45 30.09
N LEU B 36 8.62 -8.16 28.81
CA LEU B 36 9.66 -8.17 27.78
C LEU B 36 10.21 -6.76 27.69
N VAL B 37 11.44 -6.59 28.14
CA VAL B 37 12.13 -5.29 28.11
C VAL B 37 12.85 -5.20 26.77
N THR B 38 12.40 -4.31 25.88
CA THR B 38 13.07 -4.14 24.58
C THR B 38 13.79 -2.80 24.55
N ASP B 39 14.94 -2.76 23.88
CA ASP B 39 15.78 -1.55 23.88
C ASP B 39 16.85 -1.70 22.81
N LEU B 40 17.33 -0.59 22.27
CA LEU B 40 18.54 -0.60 21.42
C LEU B 40 19.70 -1.19 22.20
N ASN B 41 19.75 -0.87 23.48
CA ASN B 41 20.91 -1.19 24.34
C ASN B 41 20.63 -2.50 25.07
N GLU B 42 21.25 -3.57 24.60
CA GLU B 42 21.00 -4.92 25.17
C GLU B 42 21.42 -4.98 26.64
N GLU B 43 22.59 -4.45 26.97
CA GLU B 43 23.09 -4.51 28.37
C GLU B 43 22.17 -3.73 29.30
N HIS B 44 21.66 -2.59 28.87
CA HIS B 44 20.73 -1.80 29.70
C HIS B 44 19.44 -2.59 29.93
N ALA B 45 18.93 -3.19 28.88
CA ALA B 45 17.71 -4.03 28.99
C ALA B 45 17.96 -5.20 29.94
N GLN B 46 19.11 -5.86 29.80
CA GLN B 46 19.49 -7.01 30.67
C GLN B 46 19.59 -6.58 32.13
N ALA B 47 20.08 -5.36 32.39
CA ALA B 47 20.24 -4.82 33.76
C ALA B 47 18.87 -4.66 34.40
N VAL B 48 17.89 -4.17 33.62
CA VAL B 48 16.52 -4.00 34.13
C VAL B 48 15.89 -5.37 34.38
N VAL B 49 16.07 -6.32 33.47
CA VAL B 49 15.59 -7.71 33.70
C VAL B 49 16.21 -8.27 34.99
N ALA B 50 17.50 -8.05 35.20
CA ALA B 50 18.18 -8.54 36.43
C ALA B 50 17.52 -7.94 37.68
N GLU B 51 17.22 -6.64 37.66
CA GLU B 51 16.56 -5.96 38.80
C GLU B 51 15.19 -6.58 39.05
N ILE B 52 14.43 -6.78 37.98
CA ILE B 52 13.08 -7.36 38.06
C ILE B 52 13.15 -8.75 38.72
N GLU B 53 14.05 -9.61 38.22
CA GLU B 53 14.17 -10.99 38.72
C GLU B 53 14.65 -11.00 40.18
N ALA B 54 15.60 -10.13 40.53
CA ALA B 54 16.08 -9.99 41.93
C ALA B 54 14.89 -9.67 42.85
N ALA B 55 13.93 -8.88 42.39
CA ALA B 55 12.76 -8.46 43.19
C ALA B 55 11.65 -9.53 43.19
N GLY B 56 11.87 -10.64 42.49
CA GLY B 56 10.96 -11.80 42.50
C GLY B 56 10.09 -11.91 41.25
N GLY B 57 10.29 -11.03 40.27
CA GLY B 57 9.43 -10.96 39.07
C GLY B 57 9.94 -11.79 37.90
N LYS B 58 9.16 -11.78 36.82
CA LYS B 58 9.48 -12.53 35.60
C LYS B 58 9.70 -11.51 34.48
N ALA B 59 10.83 -11.62 33.79
CA ALA B 59 11.16 -10.73 32.67
C ALA B 59 12.21 -11.35 31.76
N ALA B 60 12.31 -10.78 30.56
CA ALA B 60 13.34 -11.15 29.58
C ALA B 60 13.68 -9.92 28.76
N ALA B 61 14.90 -9.87 28.27
CA ALA B 61 15.40 -8.73 27.47
C ALA B 61 15.39 -9.11 26.00
N LEU B 62 15.04 -8.16 25.14
CA LEU B 62 15.21 -8.34 23.68
C LEU B 62 15.74 -7.05 23.09
N ALA B 63 16.95 -7.11 22.54
CA ALA B 63 17.62 -5.93 22.00
C ALA B 63 17.27 -5.77 20.53
N GLY B 64 16.97 -4.56 20.13
CA GLY B 64 16.71 -4.25 18.73
C GLY B 64 16.22 -2.85 18.57
N ASP B 65 15.87 -2.51 17.34
CA ASP B 65 15.52 -1.15 16.93
C ASP B 65 14.04 -1.12 16.56
N VAL B 66 13.23 -0.35 17.29
CA VAL B 66 11.76 -0.31 17.04
C VAL B 66 11.44 0.29 15.67
N THR B 67 12.39 0.99 15.05
CA THR B 67 12.18 1.55 13.69
C THR B 67 12.25 0.45 12.62
N ASP B 68 12.70 -0.75 12.99
CA ASP B 68 12.62 -1.91 12.08
C ASP B 68 11.30 -2.63 12.35
N PRO B 69 10.34 -2.61 11.41
CA PRO B 69 9.07 -3.28 11.70
C PRO B 69 9.23 -4.76 12.09
N ALA B 70 10.25 -5.44 11.56
CA ALA B 70 10.51 -6.86 11.88
C ALA B 70 10.82 -7.00 13.38
N PHE B 71 11.39 -5.96 14.00
CA PHE B 71 11.73 -6.04 15.43
C PHE B 71 10.46 -6.04 16.29
N GLY B 72 9.47 -5.23 15.93
CA GLY B 72 8.21 -5.20 16.69
C GLY B 72 7.48 -6.53 16.59
N GLU B 73 7.58 -7.20 15.44
CA GLU B 73 7.02 -8.55 15.22
C GLU B 73 7.75 -9.53 16.14
N ALA B 74 9.09 -9.47 16.14
CA ALA B 74 9.91 -10.37 16.97
C ALA B 74 9.58 -10.14 18.45
N SER B 75 9.33 -8.89 18.83
CA SER B 75 9.00 -8.51 20.22
C SER B 75 7.68 -9.15 20.65
N VAL B 76 6.66 -9.08 19.78
CA VAL B 76 5.36 -9.70 20.08
C VAL B 76 5.51 -11.22 20.23
N ALA B 77 6.28 -11.86 19.37
CA ALA B 77 6.52 -13.32 19.46
C ALA B 77 7.21 -13.66 20.78
N ALA B 78 8.23 -12.89 21.16
CA ALA B 78 9.01 -13.15 22.38
C ALA B 78 8.15 -12.94 23.62
N ALA B 79 7.29 -11.91 23.61
CA ALA B 79 6.38 -11.63 24.74
C ALA B 79 5.39 -12.78 24.90
N ASN B 80 4.75 -13.18 23.79
CA ASN B 80 3.78 -14.30 23.78
C ASN B 80 4.41 -15.60 24.29
N ALA B 81 5.71 -15.80 24.07
CA ALA B 81 6.43 -16.99 24.57
C ALA B 81 6.47 -17.01 26.10
N LEU B 82 6.46 -15.84 26.75
CA LEU B 82 6.48 -15.75 28.23
C LEU B 82 5.08 -16.02 28.79
N ALA B 83 4.09 -15.35 28.22
CA ALA B 83 2.69 -15.38 28.66
C ALA B 83 1.86 -14.65 27.62
N PRO B 84 0.51 -14.78 27.62
CA PRO B 84 -0.26 -14.11 26.58
C PRO B 84 -0.05 -12.59 26.61
N LEU B 85 0.35 -12.04 25.47
CA LEU B 85 0.56 -10.58 25.35
C LEU B 85 -0.75 -9.86 25.55
N LYS B 86 -0.83 -9.04 26.59
CA LYS B 86 -2.03 -8.22 26.87
C LYS B 86 -1.65 -6.80 27.31
N ILE B 87 -0.37 -6.46 27.28
CA ILE B 87 0.10 -5.07 27.57
C ILE B 87 1.23 -4.73 26.61
N ALA B 88 1.17 -3.56 26.00
CA ALA B 88 2.34 -3.00 25.29
C ALA B 88 2.47 -1.54 25.66
N VAL B 89 3.66 -1.14 26.04
CA VAL B 89 3.97 0.27 26.36
C VAL B 89 4.97 0.76 25.32
N ASN B 90 4.49 1.57 24.38
CA ASN B 90 5.34 2.11 23.29
C ASN B 90 6.00 3.37 23.82
N ASN B 91 7.16 3.19 24.43
CA ASN B 91 7.82 4.21 25.27
C ASN B 91 9.14 4.70 24.63
N ALA B 92 9.81 3.87 23.83
CA ALA B 92 11.07 4.26 23.19
C ALA B 92 10.87 5.62 22.50
N GLY B 93 11.80 6.54 22.71
CA GLY B 93 11.74 7.85 22.08
C GLY B 93 13.06 8.59 22.19
N ILE B 94 13.20 9.59 21.32
CA ILE B 94 14.36 10.46 21.30
C ILE B 94 13.96 11.92 21.26
N GLY B 95 14.87 12.78 21.66
CA GLY B 95 14.58 14.19 21.69
C GLY B 95 14.63 15.09 20.51
N GLY B 96 15.60 14.86 19.66
CA GLY B 96 15.90 15.65 18.48
C GLY B 96 16.79 16.91 18.55
N GLU B 97 17.07 17.53 17.42
CA GLU B 97 17.86 18.74 17.38
C GLU B 97 17.16 19.87 18.07
N ALA B 98 17.90 20.77 18.70
CA ALA B 98 17.28 21.98 19.25
C ALA B 98 17.50 23.08 18.24
N ALA B 99 16.45 23.42 17.54
CA ALA B 99 16.48 24.40 16.50
C ALA B 99 15.09 24.86 16.15
N THR B 100 15.02 26.04 15.55
CA THR B 100 13.72 26.58 15.09
C THR B 100 13.22 25.75 13.91
N VAL B 101 11.92 25.82 13.64
CA VAL B 101 11.33 25.11 12.47
C VAL B 101 12.08 25.50 11.19
N GLY B 102 12.38 26.79 11.01
CA GLY B 102 13.08 27.27 9.81
C GLY B 102 14.48 26.69 9.64
N ASP B 103 15.18 26.46 10.74
CA ASP B 103 16.59 25.98 10.74
C ASP B 103 16.66 24.46 10.85
N TYR B 104 15.52 23.80 11.11
CA TYR B 104 15.51 22.38 11.52
C TYR B 104 16.11 21.51 10.42
N SER B 105 17.01 20.63 10.84
CA SER B 105 17.62 19.57 10.02
C SER B 105 16.52 18.65 9.46
N LEU B 106 16.49 18.43 8.15
CA LEU B 106 15.58 17.43 7.55
C LEU B 106 15.91 16.04 8.11
N ASP B 107 17.19 15.75 8.27
CA ASP B 107 17.64 14.44 8.83
C ASP B 107 17.10 14.28 10.26
N SER B 108 17.25 15.30 11.10
CA SER B 108 16.77 15.23 12.51
C SER B 108 15.24 15.13 12.54
N TRP B 109 14.54 15.95 11.75
CA TRP B 109 13.07 15.89 11.65
C TRP B 109 12.63 14.45 11.35
N ARG B 110 13.20 13.86 10.31
CA ARG B 110 12.78 12.52 9.84
C ARG B 110 13.10 11.46 10.89
N LYS B 111 14.23 11.60 11.58
CA LYS B 111 14.64 10.61 12.61
C LYS B 111 13.67 10.66 13.79
N VAL B 112 13.32 11.86 14.23
CA VAL B 112 12.40 12.04 15.37
C VAL B 112 11.03 11.49 15.01
N ILE B 113 10.52 11.82 13.82
CA ILE B 113 9.22 11.27 13.38
C ILE B 113 9.33 9.74 13.31
N GLU B 114 10.46 9.22 12.82
CA GLU B 114 10.58 7.76 12.59
C GLU B 114 10.48 6.99 13.92
N VAL B 115 11.17 7.45 14.96
CA VAL B 115 11.19 6.74 16.26
C VAL B 115 9.95 7.10 17.05
N ASN B 116 9.64 8.38 17.17
CA ASN B 116 8.63 8.82 18.13
C ASN B 116 7.21 8.62 17.59
N LEU B 117 7.07 8.49 16.28
CA LEU B 117 5.73 8.23 15.70
C LEU B 117 5.73 6.92 14.91
N ASN B 118 6.53 6.82 13.86
CA ASN B 118 6.36 5.69 12.93
C ASN B 118 6.61 4.36 13.64
N ALA B 119 7.61 4.30 14.51
CA ALA B 119 7.95 3.05 15.22
C ALA B 119 6.85 2.64 16.21
N VAL B 120 6.09 3.59 16.72
CA VAL B 120 4.95 3.30 17.61
C VAL B 120 3.90 2.59 16.77
N PHE B 121 3.61 3.15 15.60
CA PHE B 121 2.72 2.51 14.60
C PHE B 121 3.28 1.13 14.21
N TYR B 122 4.57 1.02 13.89
CA TYR B 122 5.14 -0.27 13.45
C TYR B 122 4.89 -1.34 14.53
N GLY B 123 5.18 -1.02 15.79
CA GLY B 123 4.99 -1.97 16.89
C GLY B 123 3.52 -2.27 17.13
N MSE B 124 2.66 -1.26 16.96
CA MSE B 124 1.24 -1.45 17.22
C MSE B 124 0.61 -2.48 16.29
O MSE B 124 -0.35 -3.12 16.69
CB MSE B 124 0.48 -0.13 17.13
CG MSE B 124 0.63 0.68 18.40
SE MSE B 124 -0.18 2.44 18.23
CE MSE B 124 -2.05 1.92 18.13
N GLN B 125 1.12 -2.65 15.07
CA GLN B 125 0.45 -3.56 14.13
C GLN B 125 0.43 -4.98 14.70
N PRO B 126 1.59 -5.60 15.02
CA PRO B 126 1.55 -6.93 15.62
C PRO B 126 0.98 -6.97 17.04
N GLN B 127 1.14 -5.88 17.80
CA GLN B 127 0.55 -5.79 19.16
C GLN B 127 -0.97 -5.92 19.08
N LEU B 128 -1.59 -5.11 18.23
CA LEU B 128 -3.06 -5.09 18.11
C LEU B 128 -3.55 -6.47 17.68
N LYS B 129 -2.89 -7.06 16.69
CA LYS B 129 -3.35 -8.37 16.15
C LYS B 129 -3.21 -9.45 17.20
N ALA B 130 -2.11 -9.45 17.95
CA ALA B 130 -1.87 -10.49 18.99
C ALA B 130 -2.91 -10.37 20.11
N MSE B 131 -3.17 -9.14 20.55
CA MSE B 131 -4.08 -8.91 21.65
C MSE B 131 -5.52 -9.21 21.24
O MSE B 131 -6.28 -9.75 22.03
CB MSE B 131 -3.94 -7.49 22.19
CG MSE B 131 -2.58 -7.29 22.80
SE MSE B 131 -2.47 -5.57 23.71
CE MSE B 131 -0.53 -5.28 23.67
N ALA B 132 -5.87 -8.88 20.00
CA ALA B 132 -7.18 -9.25 19.47
C ALA B 132 -7.34 -10.78 19.51
N ALA B 133 -6.33 -11.50 19.10
CA ALA B 133 -6.37 -12.94 19.10
C ALA B 133 -6.42 -13.55 20.51
N ASN B 134 -5.82 -12.88 21.46
CA ASN B 134 -5.72 -13.30 22.85
C ASN B 134 -6.94 -12.92 23.68
N GLY B 135 -7.93 -12.26 23.10
CA GLY B 135 -9.11 -11.89 23.84
C GLY B 135 -9.20 -10.48 24.41
N GLY B 136 -8.16 -9.71 24.13
CA GLY B 136 -8.12 -8.29 24.52
C GLY B 136 -6.84 -7.94 25.25
N GLY B 137 -6.68 -6.65 25.51
CA GLY B 137 -5.50 -6.14 26.22
C GLY B 137 -5.45 -4.64 26.20
N ALA B 138 -4.27 -4.10 26.45
CA ALA B 138 -4.10 -2.64 26.55
C ALA B 138 -2.77 -2.22 25.93
N ILE B 139 -2.83 -1.17 25.12
CA ILE B 139 -1.63 -0.51 24.58
C ILE B 139 -1.56 0.89 25.18
N VAL B 140 -0.45 1.22 25.81
CA VAL B 140 -0.19 2.57 26.35
C VAL B 140 0.91 3.20 25.52
N ASN B 141 0.58 4.32 24.88
CA ASN B 141 1.56 5.06 24.06
C ASN B 141 2.11 6.20 24.91
N MSE B 142 3.44 6.31 24.94
CA MSE B 142 4.06 7.36 25.73
C MSE B 142 4.09 8.63 24.90
O MSE B 142 4.94 8.78 24.02
CB MSE B 142 5.45 6.97 26.20
CG MSE B 142 5.98 7.90 27.28
SE MSE B 142 5.01 7.70 28.99
CE MSE B 142 5.49 5.83 29.40
N ALA B 143 3.16 9.53 25.18
CA ALA B 143 3.17 10.85 24.57
C ALA B 143 3.91 11.81 25.50
N SER B 144 3.32 12.96 25.78
CA SER B 144 3.96 14.05 26.54
C SER B 144 2.92 15.15 26.73
N ILE B 145 3.16 16.06 27.68
CA ILE B 145 2.53 17.41 27.64
C ILE B 145 2.66 17.99 26.23
N LEU B 146 3.77 17.71 25.56
CA LEU B 146 4.06 18.27 24.23
C LEU B 146 3.27 17.56 23.12
N GLY B 147 2.38 16.65 23.50
CA GLY B 147 1.32 16.15 22.61
C GLY B 147 0.12 17.09 22.55
N SER B 148 0.05 18.09 23.43
CA SER B 148 -1.10 19.03 23.44
C SER B 148 -0.71 20.52 23.46
N VAL B 149 0.54 20.83 23.83
CA VAL B 149 1.08 22.21 23.75
C VAL B 149 2.44 22.15 23.06
N GLY B 150 2.96 23.32 22.70
CA GLY B 150 4.26 23.46 22.03
C GLY B 150 5.39 23.76 22.98
N PHE B 151 6.62 23.72 22.47
CA PHE B 151 7.82 24.09 23.23
C PHE B 151 8.88 24.52 22.23
N ALA B 152 9.21 25.81 22.23
CA ALA B 152 10.09 26.39 21.20
C ALA B 152 11.37 25.56 21.05
N ASN B 153 11.72 25.29 19.80
CA ASN B 153 12.96 24.65 19.33
C ASN B 153 12.92 23.12 19.42
N SER B 154 11.77 22.52 19.75
CA SER B 154 11.58 21.06 19.72
C SER B 154 10.39 20.70 18.82
N SER B 155 10.29 21.31 17.66
CA SER B 155 9.10 21.13 16.79
C SER B 155 8.89 19.67 16.37
N ALA B 156 9.94 18.94 15.98
CA ALA B 156 9.78 17.57 15.47
C ALA B 156 9.18 16.69 16.59
N TYR B 157 9.71 16.87 17.79
CA TYR B 157 9.29 16.11 18.98
C TYR B 157 7.82 16.42 19.30
N VAL B 158 7.50 17.69 19.37
CA VAL B 158 6.12 18.19 19.65
C VAL B 158 5.17 17.63 18.59
N THR B 159 5.59 17.68 17.34
CA THR B 159 4.77 17.20 16.21
C THR B 159 4.51 15.70 16.37
N ALA B 160 5.55 14.91 16.64
CA ALA B 160 5.41 13.46 16.80
C ALA B 160 4.47 13.13 17.98
N LYS B 161 4.64 13.82 19.10
CA LYS B 161 3.81 13.54 20.30
C LYS B 161 2.35 13.91 20.03
N HIS B 162 2.09 15.00 19.32
CA HIS B 162 0.71 15.35 18.89
C HIS B 162 0.13 14.23 18.04
N ALA B 163 0.93 13.71 17.10
CA ALA B 163 0.52 12.64 16.16
C ALA B 163 0.06 11.42 16.94
N LEU B 164 0.74 11.09 18.03
CA LEU B 164 0.41 9.89 18.84
C LEU B 164 -1.02 9.93 19.36
N LEU B 165 -1.55 11.10 19.67
CA LEU B 165 -2.92 11.20 20.22
C LEU B 165 -3.92 10.73 19.16
N GLY B 166 -3.65 11.01 17.89
CA GLY B 166 -4.53 10.59 16.79
C GLY B 166 -4.44 9.10 16.54
N LEU B 167 -3.22 8.59 16.47
CA LEU B 167 -2.94 7.14 16.29
C LEU B 167 -3.65 6.36 17.40
N THR B 168 -3.57 6.89 18.63
CA THR B 168 -4.22 6.29 19.82
C THR B 168 -5.74 6.28 19.62
N GLN B 169 -6.34 7.41 19.27
CA GLN B 169 -7.80 7.50 19.09
C GLN B 169 -8.23 6.47 18.04
N ASN B 170 -7.51 6.42 16.92
CA ASN B 170 -7.95 5.58 15.79
C ASN B 170 -7.86 4.09 16.14
N ALA B 171 -6.75 3.66 16.73
CA ALA B 171 -6.61 2.25 17.10
C ALA B 171 -7.67 1.90 18.15
N ALA B 172 -7.93 2.79 19.08
CA ALA B 172 -8.97 2.57 20.11
C ALA B 172 -10.32 2.34 19.43
N LEU B 173 -10.67 3.17 18.45
CA LEU B 173 -11.97 3.03 17.75
C LEU B 173 -12.05 1.69 17.01
N GLU B 174 -10.95 1.30 16.37
CA GLU B 174 -10.95 0.14 15.43
C GLU B 174 -10.90 -1.19 16.18
N TYR B 175 -10.29 -1.23 17.36
CA TYR B 175 -10.04 -2.51 18.08
C TYR B 175 -10.84 -2.63 19.36
N ALA B 176 -11.71 -1.66 19.64
CA ALA B 176 -12.60 -1.69 20.83
C ALA B 176 -13.44 -2.97 20.84
N ALA B 177 -13.94 -3.40 19.68
CA ALA B 177 -14.79 -4.62 19.57
C ALA B 177 -13.99 -5.86 19.98
N ASP B 178 -12.68 -5.85 19.76
CA ASP B 178 -11.76 -6.94 20.16
C ASP B 178 -11.29 -6.77 21.61
N LYS B 179 -11.79 -5.76 22.33
CA LYS B 179 -11.44 -5.49 23.75
C LYS B 179 -9.96 -5.11 23.88
N VAL B 180 -9.39 -4.54 22.82
CA VAL B 180 -8.02 -3.98 22.91
C VAL B 180 -8.16 -2.48 23.14
N ARG B 181 -7.75 -2.02 24.31
CA ARG B 181 -7.79 -0.60 24.70
C ARG B 181 -6.49 0.05 24.25
N VAL B 182 -6.57 1.30 23.84
CA VAL B 182 -5.39 2.07 23.42
C VAL B 182 -5.50 3.47 24.02
N VAL B 183 -4.50 3.85 24.79
CA VAL B 183 -4.49 5.15 25.49
C VAL B 183 -3.13 5.82 25.32
N ALA B 184 -3.09 7.12 25.59
CA ALA B 184 -1.84 7.90 25.58
C ALA B 184 -1.63 8.53 26.95
N VAL B 185 -0.40 8.45 27.43
CA VAL B 185 0.04 9.12 28.66
C VAL B 185 0.88 10.34 28.29
N GLY B 186 0.64 11.46 28.96
CA GLY B 186 1.36 12.71 28.68
C GLY B 186 2.12 13.22 29.88
N PRO B 187 3.37 12.74 30.11
CA PRO B 187 4.12 13.29 31.25
C PRO B 187 4.56 14.73 31.01
N GLY B 188 4.63 15.49 32.11
CA GLY B 188 5.40 16.73 32.16
C GLY B 188 6.88 16.41 32.09
N PHE B 189 7.74 17.37 32.40
CA PHE B 189 9.20 17.10 32.42
C PHE B 189 9.51 16.20 33.61
N ILE B 190 10.28 15.14 33.35
CA ILE B 190 10.57 14.07 34.32
C ILE B 190 12.07 14.00 34.54
N ARG B 191 12.47 13.86 35.80
CA ARG B 191 13.89 13.79 36.19
C ARG B 191 14.40 12.37 35.96
N THR B 192 14.49 11.98 34.70
CA THR B 192 15.27 10.80 34.30
C THR B 192 16.75 11.14 34.45
N PRO B 193 17.62 10.13 34.53
CA PRO B 193 19.05 10.40 34.62
C PRO B 193 19.59 11.35 33.54
N LEU B 194 19.11 11.21 32.30
CA LEU B 194 19.66 12.02 31.19
C LEU B 194 19.13 13.45 31.22
N VAL B 195 17.93 13.65 31.77
CA VAL B 195 17.42 15.03 32.02
C VAL B 195 18.27 15.68 33.10
N GLU B 196 18.53 14.97 34.19
CA GLU B 196 19.33 15.51 35.33
C GLU B 196 20.76 15.79 34.89
N ALA B 197 21.27 15.00 33.94
CA ALA B 197 22.65 15.14 33.44
C ALA B 197 22.76 16.33 32.49
N ASN B 198 21.74 16.53 31.65
CA ASN B 198 21.80 17.47 30.50
C ASN B 198 21.33 18.88 30.87
N LEU B 199 20.38 19.03 31.78
CA LEU B 199 19.87 20.36 32.20
C LEU B 199 20.89 21.00 33.12
N SER B 200 21.21 22.27 32.89
CA SER B 200 21.90 23.12 33.89
C SER B 200 20.95 23.37 35.06
N ALA B 201 21.49 23.74 36.22
CA ALA B 201 20.69 24.08 37.42
C ALA B 201 19.66 25.16 37.05
N GLU B 202 20.06 26.13 36.24
CA GLU B 202 19.20 27.27 35.86
C GLU B 202 18.06 26.81 34.93
N ALA B 203 18.37 25.93 33.99
CA ALA B 203 17.36 25.38 33.05
C ALA B 203 16.34 24.54 33.83
N LEU B 204 16.81 23.73 34.78
CA LEU B 204 15.97 22.91 35.68
C LEU B 204 15.05 23.82 36.50
N ALA B 205 15.59 24.89 37.08
CA ALA B 205 14.80 25.81 37.92
C ALA B 205 13.71 26.47 37.07
N PHE B 206 14.03 26.80 35.83
CA PHE B 206 13.08 27.39 34.88
C PHE B 206 11.93 26.43 34.58
N LEU B 207 12.24 25.16 34.32
CA LEU B 207 11.20 24.13 34.06
C LEU B 207 10.37 23.88 35.32
N GLU B 208 10.99 23.85 36.50
CA GLU B 208 10.24 23.64 37.76
C GLU B 208 9.12 24.67 37.89
N GLY B 209 9.41 25.92 37.52
CA GLY B 209 8.45 27.03 37.63
C GLY B 209 7.29 26.93 36.64
N LYS B 210 7.40 26.06 35.65
CA LYS B 210 6.34 25.85 34.63
C LYS B 210 5.37 24.76 35.09
N HIS B 211 5.74 23.98 36.10
CA HIS B 211 4.83 22.96 36.69
C HIS B 211 4.25 23.56 37.96
N ALA B 212 2.94 23.47 38.14
CA ALA B 212 2.28 24.06 39.31
C ALA B 212 2.89 23.50 40.60
N LEU B 213 3.23 22.20 40.62
CA LEU B 213 3.78 21.56 41.84
C LEU B 213 5.19 22.09 42.17
N GLY B 214 5.83 22.83 41.26
CA GLY B 214 7.11 23.50 41.55
C GLY B 214 8.28 22.54 41.51
N ARG B 215 8.09 21.38 40.88
CA ARG B 215 9.15 20.38 40.71
C ARG B 215 8.90 19.62 39.40
N LEU B 216 9.93 18.96 38.90
CA LEU B 216 9.74 17.99 37.82
C LEU B 216 9.19 16.69 38.43
N GLY B 217 8.66 15.83 37.57
CA GLY B 217 8.12 14.54 38.00
C GLY B 217 9.22 13.50 38.15
N GLU B 218 8.91 12.41 38.83
CA GLU B 218 9.82 11.25 38.94
C GLU B 218 9.36 10.16 37.99
N PRO B 219 10.29 9.33 37.47
CA PRO B 219 9.87 8.22 36.60
C PRO B 219 8.78 7.32 37.21
N GLU B 220 8.86 7.04 38.52
CA GLU B 220 7.88 6.17 39.21
C GLU B 220 6.48 6.77 39.14
N GLU B 221 6.39 8.10 39.10
CA GLU B 221 5.09 8.81 39.07
C GLU B 221 4.42 8.66 37.70
N VAL B 222 5.20 8.44 36.64
CA VAL B 222 4.65 8.12 35.30
C VAL B 222 4.30 6.63 35.27
N ALA B 223 5.21 5.80 35.78
CA ALA B 223 5.04 4.32 35.78
C ALA B 223 3.75 3.89 36.47
N SER B 224 3.35 4.53 37.58
CA SER B 224 2.11 4.15 38.30
C SER B 224 0.89 4.35 37.39
N LEU B 225 0.80 5.49 36.71
CA LEU B 225 -0.33 5.78 35.80
C LEU B 225 -0.33 4.80 34.62
N VAL B 226 0.83 4.53 34.05
CA VAL B 226 0.94 3.54 32.94
C VAL B 226 0.45 2.17 33.43
N ALA B 227 0.92 1.74 34.59
CA ALA B 227 0.55 0.43 35.16
C ALA B 227 -0.97 0.37 35.38
N PHE B 228 -1.54 1.43 35.92
CA PHE B 228 -3.01 1.49 36.12
C PHE B 228 -3.73 1.35 34.78
N LEU B 229 -3.34 2.16 33.81
CA LEU B 229 -4.03 2.16 32.50
C LEU B 229 -3.86 0.84 31.76
N ALA B 230 -2.75 0.12 32.01
CA ALA B 230 -2.47 -1.18 31.37
C ALA B 230 -3.25 -2.31 32.04
N SER B 231 -3.89 -2.05 33.18
CA SER B 231 -4.45 -3.08 34.07
C SER B 231 -5.94 -3.31 33.79
N ASP B 232 -6.47 -4.37 34.38
CA ASP B 232 -7.89 -4.72 34.21
C ASP B 232 -8.79 -3.70 34.89
N ALA B 233 -8.26 -2.93 35.84
CA ALA B 233 -9.05 -1.90 36.55
C ALA B 233 -9.44 -0.77 35.57
N ALA B 234 -8.66 -0.59 34.51
CA ALA B 234 -8.89 0.47 33.49
C ALA B 234 -9.71 -0.04 32.30
N SER B 235 -10.58 -1.04 32.52
CA SER B 235 -11.28 -1.76 31.43
C SER B 235 -12.28 -0.88 30.65
N PHE B 236 -12.67 0.29 31.16
CA PHE B 236 -13.53 1.23 30.39
C PHE B 236 -12.73 2.45 29.90
N ILE B 237 -11.40 2.40 29.99
CA ILE B 237 -10.57 3.54 29.54
C ILE B 237 -9.93 3.21 28.21
N THR B 238 -10.38 3.87 27.14
CA THR B 238 -9.75 3.70 25.82
C THR B 238 -9.91 4.94 24.96
N GLY B 239 -8.91 5.20 24.12
CA GLY B 239 -8.90 6.29 23.15
C GLY B 239 -8.41 7.61 23.73
N SER B 240 -8.21 7.66 25.04
CA SER B 240 -8.04 8.91 25.81
C SER B 240 -6.57 9.20 26.13
N TYR B 241 -6.33 10.47 26.42
CA TYR B 241 -5.02 11.07 26.73
C TYR B 241 -5.02 11.47 28.20
N HIS B 242 -4.04 10.97 28.94
CA HIS B 242 -3.98 11.13 30.41
C HIS B 242 -2.70 11.83 30.80
N LEU B 243 -2.84 13.05 31.30
CA LEU B 243 -1.69 13.89 31.70
C LEU B 243 -1.19 13.47 33.08
N VAL B 244 0.14 13.43 33.22
CA VAL B 244 0.80 13.31 34.54
C VAL B 244 1.86 14.41 34.53
N ASP B 245 1.43 15.64 34.78
CA ASP B 245 2.22 16.84 34.39
C ASP B 245 2.34 17.88 35.49
N GLY B 246 1.94 17.56 36.71
CA GLY B 246 2.10 18.50 37.85
C GLY B 246 1.43 19.84 37.61
N GLY B 247 0.38 19.88 36.78
CA GLY B 247 -0.36 21.12 36.49
C GLY B 247 0.20 21.93 35.32
N TYR B 248 1.20 21.44 34.60
CA TYR B 248 1.85 22.18 33.50
C TYR B 248 0.81 22.73 32.51
N THR B 249 -0.14 21.91 32.08
CA THR B 249 -1.09 22.29 31.00
C THR B 249 -2.37 22.94 31.53
N ALA B 250 -2.50 23.05 32.86
CA ALA B 250 -3.67 23.66 33.50
C ALA B 250 -3.61 25.20 33.46
N GLN B 251 -2.48 25.77 33.03
N GLN B 251 -2.48 25.77 33.03
CA GLN B 251 -2.35 27.23 32.82
CA GLN B 251 -2.31 27.23 32.87
C GLN B 251 -1.83 27.50 31.40
C GLN B 251 -1.91 27.54 31.42
N MSE C 1 20.82 -38.74 1.18
CA MSE C 1 20.16 -40.07 0.99
C MSE C 1 19.25 -40.10 -0.24
O MSE C 1 18.24 -40.78 -0.23
CB MSE C 1 19.31 -40.42 2.22
N ALA C 2 19.63 -39.39 -1.30
CA ALA C 2 18.84 -39.41 -2.52
C ALA C 2 18.99 -40.77 -3.19
N GLN C 3 17.87 -41.38 -3.54
CA GLN C 3 17.85 -42.65 -4.31
C GLN C 3 16.85 -42.48 -5.46
N TYR C 4 17.15 -43.11 -6.59
CA TYR C 4 16.32 -43.00 -7.82
C TYR C 4 15.84 -44.39 -8.23
N ASP C 5 14.60 -44.45 -8.72
CA ASP C 5 14.00 -45.70 -9.22
C ASP C 5 14.55 -45.96 -10.63
N VAL C 6 15.80 -46.40 -10.70
CA VAL C 6 16.51 -46.67 -11.99
C VAL C 6 17.16 -48.05 -11.95
N ALA C 7 16.71 -48.94 -11.06
CA ALA C 7 17.33 -50.27 -10.90
C ALA C 7 16.75 -51.27 -11.91
N ASP C 8 17.39 -52.43 -12.03
CA ASP C 8 16.91 -53.55 -12.88
C ASP C 8 16.81 -53.14 -14.35
N ARG C 9 17.69 -52.24 -14.80
CA ARG C 9 17.75 -51.82 -16.21
C ARG C 9 19.16 -51.36 -16.52
N SER C 10 19.47 -51.23 -17.81
CA SER C 10 20.72 -50.61 -18.28
C SER C 10 20.50 -49.15 -18.70
N ALA C 11 21.57 -48.37 -18.64
CA ALA C 11 21.58 -46.95 -18.99
C ALA C 11 22.78 -46.66 -19.88
N ILE C 12 22.55 -46.07 -21.04
CA ILE C 12 23.66 -45.51 -21.86
C ILE C 12 23.90 -44.07 -21.41
N VAL C 13 25.15 -43.72 -21.18
CA VAL C 13 25.55 -42.32 -20.95
C VAL C 13 26.63 -41.98 -21.97
N THR C 14 26.29 -41.20 -22.99
CA THR C 14 27.27 -40.79 -24.02
C THR C 14 28.13 -39.66 -23.45
N GLY C 15 29.42 -39.62 -23.83
CA GLY C 15 30.38 -38.67 -23.24
C GLY C 15 30.46 -38.87 -21.74
N GLY C 16 30.30 -40.12 -21.28
CA GLY C 16 30.29 -40.46 -19.86
C GLY C 16 31.68 -40.49 -19.23
N GLY C 17 32.75 -40.27 -20.01
CA GLY C 17 34.12 -40.38 -19.50
C GLY C 17 34.62 -39.16 -18.74
N SER C 18 33.83 -38.09 -18.68
CA SER C 18 34.27 -36.80 -18.12
C SER C 18 33.09 -35.95 -17.69
N GLY C 19 33.37 -34.97 -16.83
CA GLY C 19 32.45 -33.86 -16.50
C GLY C 19 31.04 -34.31 -16.13
N ILE C 20 30.04 -33.72 -16.80
CA ILE C 20 28.61 -33.96 -16.47
C ILE C 20 28.25 -35.42 -16.76
N GLY C 21 28.69 -35.97 -17.88
CA GLY C 21 28.38 -37.37 -18.23
C GLY C 21 28.88 -38.33 -17.17
N ARG C 22 30.09 -38.08 -16.68
CA ARG C 22 30.69 -38.88 -15.60
C ARG C 22 29.79 -38.82 -14.37
N ALA C 23 29.40 -37.60 -13.96
CA ALA C 23 28.53 -37.40 -12.78
C ALA C 23 27.20 -38.17 -12.97
N VAL C 24 26.64 -38.09 -14.17
CA VAL C 24 25.38 -38.80 -14.49
C VAL C 24 25.57 -40.31 -14.33
N ALA C 25 26.64 -40.85 -14.91
CA ALA C 25 26.92 -42.30 -14.84
C ALA C 25 27.02 -42.73 -13.38
N LEU C 26 27.76 -41.97 -12.56
CA LEU C 26 28.00 -42.31 -11.14
C LEU C 26 26.67 -42.28 -10.37
N THR C 27 25.82 -41.29 -10.61
CA THR C 27 24.54 -41.16 -9.88
C THR C 27 23.60 -42.30 -10.29
N LEU C 28 23.50 -42.59 -11.59
CA LEU C 28 22.62 -43.67 -12.08
C LEU C 28 23.06 -45.02 -11.52
N ALA C 29 24.36 -45.28 -11.54
CA ALA C 29 24.95 -46.54 -11.06
C ALA C 29 24.72 -46.70 -9.55
N ALA C 30 24.84 -45.60 -8.79
CA ALA C 30 24.70 -45.63 -7.32
C ALA C 30 23.27 -46.01 -6.91
N SER C 31 22.29 -45.84 -7.80
CA SER C 31 20.88 -46.26 -7.56
C SER C 31 20.54 -47.56 -8.29
N GLY C 32 21.54 -48.29 -8.80
CA GLY C 32 21.36 -49.69 -9.26
C GLY C 32 21.22 -49.86 -10.76
N ALA C 33 21.36 -48.79 -11.55
CA ALA C 33 21.35 -48.90 -13.01
C ALA C 33 22.67 -49.53 -13.45
N ALA C 34 22.60 -50.46 -14.40
CA ALA C 34 23.77 -51.03 -15.08
C ALA C 34 24.19 -50.05 -16.20
N VAL C 35 25.26 -49.31 -15.99
CA VAL C 35 25.58 -48.14 -16.86
C VAL C 35 26.62 -48.53 -17.91
N LEU C 36 26.26 -48.31 -19.17
CA LEU C 36 27.24 -48.34 -20.28
C LEU C 36 27.79 -46.93 -20.46
N VAL C 37 29.07 -46.75 -20.12
CA VAL C 37 29.79 -45.46 -20.27
C VAL C 37 30.39 -45.44 -21.67
N THR C 38 29.82 -44.66 -22.59
CA THR C 38 30.41 -44.51 -23.95
C THR C 38 31.13 -43.17 -24.05
N ASP C 39 32.25 -43.17 -24.77
CA ASP C 39 33.10 -41.96 -24.93
C ASP C 39 34.07 -42.19 -26.08
N LEU C 40 34.51 -41.10 -26.70
CA LEU C 40 35.66 -41.12 -27.63
C LEU C 40 36.88 -41.69 -26.93
N ASN C 41 37.05 -41.35 -25.65
CA ASN C 41 38.26 -41.65 -24.86
C ASN C 41 38.05 -42.95 -24.08
N GLU C 42 38.68 -44.04 -24.53
CA GLU C 42 38.47 -45.37 -23.90
C GLU C 42 38.94 -45.39 -22.45
N GLU C 43 40.12 -44.83 -22.17
CA GLU C 43 40.70 -44.85 -20.80
C GLU C 43 39.84 -44.03 -19.84
N HIS C 44 39.28 -42.92 -20.31
CA HIS C 44 38.40 -42.08 -19.47
C HIS C 44 37.13 -42.86 -19.14
N ALA C 45 36.53 -43.49 -20.15
CA ALA C 45 35.33 -44.31 -19.97
C ALA C 45 35.62 -45.44 -18.96
N GLN C 46 36.76 -46.10 -19.11
CA GLN C 46 37.12 -47.21 -18.20
C GLN C 46 37.41 -46.70 -16.79
N ALA C 47 37.98 -45.50 -16.65
CA ALA C 47 38.21 -44.89 -15.33
C ALA C 47 36.88 -44.73 -14.60
N VAL C 48 35.85 -44.27 -15.31
CA VAL C 48 34.51 -44.03 -14.69
C VAL C 48 33.90 -45.39 -14.32
N VAL C 49 34.07 -46.40 -15.18
CA VAL C 49 33.62 -47.78 -14.87
C VAL C 49 34.29 -48.24 -13.56
N ALA C 50 35.60 -48.01 -13.42
CA ALA C 50 36.37 -48.43 -12.24
C ALA C 50 35.88 -47.70 -10.97
N GLU C 51 35.61 -46.40 -11.07
CA GLU C 51 35.06 -45.61 -9.95
C GLU C 51 33.71 -46.18 -9.51
N ILE C 52 32.87 -46.48 -10.49
CA ILE C 52 31.53 -47.04 -10.24
C ILE C 52 31.69 -48.31 -9.43
N GLU C 53 32.60 -49.19 -9.85
CA GLU C 53 32.88 -50.48 -9.18
C GLU C 53 33.48 -50.25 -7.78
N ALA C 54 34.38 -49.28 -7.62
CA ALA C 54 34.95 -48.96 -6.29
C ALA C 54 33.87 -48.48 -5.33
N ALA C 55 32.79 -47.89 -5.84
CA ALA C 55 31.63 -47.46 -5.03
C ALA C 55 30.58 -48.57 -4.92
N GLY C 56 30.77 -49.69 -5.63
CA GLY C 56 29.97 -50.92 -5.46
C GLY C 56 28.87 -51.12 -6.51
N GLY C 57 28.89 -50.37 -7.60
CA GLY C 57 27.87 -50.48 -8.66
C GLY C 57 28.31 -51.33 -9.84
N LYS C 58 27.47 -51.38 -10.86
CA LYS C 58 27.69 -52.15 -12.11
C LYS C 58 27.84 -51.19 -13.30
N ALA C 59 28.86 -51.40 -14.11
CA ALA C 59 29.06 -50.60 -15.35
C ALA C 59 30.02 -51.28 -16.31
N ALA C 60 29.96 -50.86 -17.57
CA ALA C 60 30.89 -51.29 -18.62
C ALA C 60 31.23 -50.10 -19.52
N ALA C 61 32.39 -50.16 -20.17
CA ALA C 61 32.85 -49.08 -21.06
C ALA C 61 32.69 -49.52 -22.52
N LEU C 62 32.36 -48.56 -23.38
CA LEU C 62 32.45 -48.77 -24.83
C LEU C 62 32.99 -47.49 -25.47
N ALA C 63 34.10 -47.61 -26.16
CA ALA C 63 34.79 -46.47 -26.77
C ALA C 63 34.33 -46.33 -28.22
N GLY C 64 34.04 -45.10 -28.62
CA GLY C 64 33.69 -44.83 -30.01
C GLY C 64 33.14 -43.44 -30.19
N ASP C 65 32.66 -43.19 -31.40
CA ASP C 65 32.27 -41.85 -31.87
C ASP C 65 30.76 -41.84 -32.13
N VAL C 66 30.02 -41.02 -31.39
CA VAL C 66 28.54 -40.97 -31.52
C VAL C 66 28.11 -40.43 -32.89
N THR C 67 29.01 -39.75 -33.62
CA THR C 67 28.69 -39.25 -34.99
C THR C 67 28.67 -40.40 -36.01
N ASP C 68 29.18 -41.57 -35.63
CA ASP C 68 29.02 -42.79 -36.45
C ASP C 68 27.73 -43.48 -36.02
N PRO C 69 26.67 -43.48 -36.86
CA PRO C 69 25.41 -44.12 -36.47
C PRO C 69 25.53 -45.60 -36.06
N ALA C 70 26.50 -46.32 -36.64
CA ALA C 70 26.82 -47.70 -36.26
C ALA C 70 27.18 -47.79 -34.77
N PHE C 71 27.80 -46.74 -34.23
CA PHE C 71 28.27 -46.76 -32.82
C PHE C 71 27.08 -46.71 -31.87
N GLY C 72 26.06 -45.93 -32.21
CA GLY C 72 24.82 -45.86 -31.41
C GLY C 72 24.13 -47.21 -31.35
N GLU C 73 24.15 -47.95 -32.46
CA GLU C 73 23.60 -49.32 -32.55
C GLU C 73 24.39 -50.26 -31.63
N ALA C 74 25.72 -50.21 -31.73
CA ALA C 74 26.62 -51.03 -30.90
C ALA C 74 26.43 -50.70 -29.42
N SER C 75 26.18 -49.43 -29.10
CA SER C 75 25.98 -48.98 -27.71
C SER C 75 24.69 -49.60 -27.15
N VAL C 76 23.62 -49.59 -27.95
CA VAL C 76 22.31 -50.15 -27.54
C VAL C 76 22.44 -51.67 -27.35
N ALA C 77 23.20 -52.35 -28.22
CA ALA C 77 23.47 -53.80 -28.07
C ALA C 77 24.26 -54.07 -26.79
N ALA C 78 25.33 -53.32 -26.56
CA ALA C 78 26.21 -53.52 -25.39
C ALA C 78 25.46 -53.20 -24.08
N ALA C 79 24.53 -52.25 -24.11
CA ALA C 79 23.74 -51.89 -22.93
C ALA C 79 22.73 -53.01 -22.63
N ASN C 80 22.00 -53.45 -23.66
CA ASN C 80 20.97 -54.51 -23.54
C ASN C 80 21.58 -55.81 -23.01
N ALA C 81 22.85 -56.07 -23.32
CA ALA C 81 23.59 -57.26 -22.84
C ALA C 81 23.76 -57.24 -21.31
N LEU C 82 23.81 -56.05 -20.69
CA LEU C 82 23.93 -55.92 -19.23
C LEU C 82 22.58 -56.12 -18.56
N ALA C 83 21.54 -55.51 -19.14
CA ALA C 83 20.18 -55.49 -18.59
C ALA C 83 19.30 -54.76 -19.59
N PRO C 84 17.97 -54.87 -19.52
CA PRO C 84 17.11 -54.20 -20.50
C PRO C 84 17.35 -52.69 -20.55
N LEU C 85 17.63 -52.17 -21.74
CA LEU C 85 17.91 -50.73 -21.92
C LEU C 85 16.63 -49.93 -21.68
N LYS C 86 16.65 -49.08 -20.66
CA LYS C 86 15.48 -48.24 -20.33
C LYS C 86 15.89 -46.79 -20.02
N ILE C 87 17.18 -46.48 -20.13
CA ILE C 87 17.68 -45.10 -19.96
C ILE C 87 18.73 -44.83 -21.02
N ALA C 88 18.65 -43.66 -21.65
CA ALA C 88 19.76 -43.16 -22.48
C ALA C 88 19.92 -41.67 -22.22
N VAL C 89 21.14 -41.27 -21.90
CA VAL C 89 21.49 -39.85 -21.69
C VAL C 89 22.43 -39.46 -22.81
N ASN C 90 21.91 -38.70 -23.77
CA ASN C 90 22.67 -38.21 -24.92
C ASN C 90 23.38 -36.91 -24.51
N ASN C 91 24.60 -37.06 -23.99
CA ASN C 91 25.32 -36.00 -23.26
C ASN C 91 26.59 -35.56 -24.01
N ALA C 92 27.17 -36.42 -24.85
CA ALA C 92 28.40 -36.06 -25.57
C ALA C 92 28.19 -34.74 -26.30
N GLY C 93 29.17 -33.86 -26.19
CA GLY C 93 29.10 -32.56 -26.85
C GLY C 93 30.44 -31.87 -26.87
N ILE C 94 30.55 -30.87 -27.74
CA ILE C 94 31.77 -30.05 -27.92
C ILE C 94 31.36 -28.58 -28.01
N GLY C 95 32.31 -27.69 -27.73
CA GLY C 95 32.03 -26.26 -27.55
C GLY C 95 32.04 -25.49 -28.86
N GLY C 96 32.88 -25.93 -29.80
CA GLY C 96 33.07 -25.24 -31.08
C GLY C 96 33.96 -24.01 -31.00
N GLU C 97 34.19 -23.41 -32.16
CA GLU C 97 35.00 -22.18 -32.33
C GLU C 97 34.35 -20.99 -31.60
N ALA C 98 35.17 -20.05 -31.13
CA ALA C 98 34.72 -18.77 -30.53
C ALA C 98 34.88 -17.67 -31.58
N ALA C 99 33.77 -17.31 -32.23
CA ALA C 99 33.78 -16.40 -33.39
C ALA C 99 32.35 -15.95 -33.67
N THR C 100 32.21 -14.80 -34.32
CA THR C 100 30.88 -14.29 -34.75
C THR C 100 30.31 -15.18 -35.84
N VAL C 101 29.00 -15.09 -36.05
CA VAL C 101 28.32 -15.84 -37.13
C VAL C 101 29.00 -15.55 -38.47
N GLY C 102 29.30 -14.28 -38.73
CA GLY C 102 29.92 -13.83 -39.99
C GLY C 102 31.30 -14.43 -40.21
N ASP C 103 32.06 -14.58 -39.12
CA ASP C 103 33.46 -15.09 -39.16
C ASP C 103 33.53 -16.61 -39.01
N TYR C 104 32.46 -17.24 -38.55
CA TYR C 104 32.48 -18.66 -38.16
C TYR C 104 32.97 -19.53 -39.32
N SER C 105 33.86 -20.48 -39.05
CA SER C 105 34.36 -21.41 -40.10
C SER C 105 33.26 -22.43 -40.42
N LEU C 106 33.12 -22.76 -41.70
CA LEU C 106 32.10 -23.75 -42.15
C LEU C 106 32.35 -25.10 -41.48
N ASP C 107 33.61 -25.54 -41.38
CA ASP C 107 33.86 -26.89 -40.84
C ASP C 107 33.58 -26.92 -39.33
N SER C 108 33.84 -25.84 -38.59
CA SER C 108 33.53 -25.78 -37.14
C SER C 108 32.02 -25.79 -36.95
N TRP C 109 31.30 -24.97 -37.71
CA TRP C 109 29.82 -25.00 -37.71
C TRP C 109 29.32 -26.43 -37.91
N ARG C 110 29.76 -27.06 -39.00
CA ARG C 110 29.30 -28.41 -39.38
C ARG C 110 29.66 -29.44 -38.31
N LYS C 111 30.84 -29.31 -37.71
CA LYS C 111 31.32 -30.24 -36.65
C LYS C 111 30.43 -30.13 -35.41
N VAL C 112 30.13 -28.91 -35.01
CA VAL C 112 29.30 -28.69 -33.79
C VAL C 112 27.89 -29.23 -34.02
N ILE C 113 27.31 -28.95 -35.18
CA ILE C 113 25.96 -29.51 -35.51
C ILE C 113 26.04 -31.04 -35.52
N GLU C 114 27.11 -31.60 -36.09
CA GLU C 114 27.20 -33.06 -36.25
C GLU C 114 27.20 -33.76 -34.90
N VAL C 115 28.03 -33.29 -33.97
CA VAL C 115 28.14 -33.93 -32.62
C VAL C 115 26.94 -33.54 -31.75
N ASN C 116 26.69 -32.25 -31.62
CA ASN C 116 25.74 -31.76 -30.60
C ASN C 116 24.29 -31.95 -31.02
N LEU C 117 24.02 -32.07 -32.30
CA LEU C 117 22.63 -32.33 -32.77
C LEU C 117 22.53 -33.68 -33.48
N ASN C 118 23.24 -33.86 -34.59
CA ASN C 118 22.96 -35.02 -35.46
C ASN C 118 23.27 -36.33 -34.74
N ALA C 119 24.32 -36.36 -33.93
CA ALA C 119 24.72 -37.59 -33.21
C ALA C 119 23.69 -37.95 -32.13
N VAL C 120 22.99 -36.95 -31.60
CA VAL C 120 21.91 -37.21 -30.62
C VAL C 120 20.80 -37.94 -31.36
N PHE C 121 20.41 -37.42 -32.52
CA PHE C 121 19.44 -38.08 -33.42
C PHE C 121 19.91 -39.50 -33.77
N TYR C 122 21.17 -39.66 -34.17
CA TYR C 122 21.70 -40.98 -34.58
C TYR C 122 21.52 -41.98 -33.45
N GLY C 123 21.93 -41.61 -32.24
CA GLY C 123 21.84 -42.47 -31.06
C GLY C 123 20.40 -42.79 -30.69
N MSE C 124 19.53 -41.79 -30.85
CA MSE C 124 18.12 -41.95 -30.47
C MSE C 124 17.42 -43.02 -31.30
O MSE C 124 16.54 -43.69 -30.79
CB MSE C 124 17.39 -40.62 -30.59
CG MSE C 124 17.61 -39.74 -29.36
SE MSE C 124 16.77 -37.99 -29.57
CE MSE C 124 14.88 -38.45 -29.61
N GLN C 125 17.80 -43.19 -32.58
CA GLN C 125 17.06 -44.13 -33.43
C GLN C 125 17.05 -45.53 -32.81
N PRO C 126 18.21 -46.16 -32.54
CA PRO C 126 18.22 -47.46 -31.86
C PRO C 126 17.73 -47.43 -30.41
N GLN C 127 17.94 -46.32 -29.70
CA GLN C 127 17.49 -46.18 -28.29
C GLN C 127 15.96 -46.27 -28.25
N LEU C 128 15.30 -45.49 -29.10
CA LEU C 128 13.82 -45.44 -29.15
C LEU C 128 13.26 -46.83 -29.48
N LYS C 129 13.84 -47.50 -30.46
CA LYS C 129 13.34 -48.81 -30.92
C LYS C 129 13.50 -49.84 -29.80
N ALA C 130 14.63 -49.84 -29.12
CA ALA C 130 14.95 -50.83 -28.07
C ALA C 130 13.99 -50.66 -26.89
N MSE C 131 13.76 -49.41 -26.50
CA MSE C 131 12.93 -49.12 -25.35
C MSE C 131 11.46 -49.38 -25.66
O MSE C 131 10.72 -49.84 -24.79
CB MSE C 131 13.17 -47.67 -24.92
CG MSE C 131 14.55 -47.49 -24.35
SE MSE C 131 14.77 -45.70 -23.62
CE MSE C 131 16.72 -45.52 -23.71
N ALA C 132 11.04 -49.08 -26.89
CA ALA C 132 9.68 -49.37 -27.33
C ALA C 132 9.43 -50.90 -27.30
N ALA C 133 10.43 -51.68 -27.72
CA ALA C 133 10.32 -53.15 -27.78
C ALA C 133 10.23 -53.78 -26.38
N ASN C 134 10.82 -53.15 -25.36
CA ASN C 134 10.89 -53.75 -23.99
C ASN C 134 9.99 -53.02 -22.98
N GLY C 135 8.98 -52.29 -23.47
CA GLY C 135 7.86 -51.84 -22.62
C GLY C 135 7.98 -50.40 -22.14
N GLY C 136 9.04 -49.68 -22.51
CA GLY C 136 9.16 -48.26 -22.17
C GLY C 136 10.52 -47.88 -21.61
N GLY C 137 10.71 -46.58 -21.40
CA GLY C 137 11.97 -46.07 -20.87
C GLY C 137 12.02 -44.56 -20.95
N ALA C 138 13.21 -44.00 -20.77
CA ALA C 138 13.44 -42.56 -20.71
C ALA C 138 14.71 -42.19 -21.48
N ILE C 139 14.61 -41.22 -22.36
CA ILE C 139 15.77 -40.59 -23.03
C ILE C 139 15.91 -39.17 -22.50
N VAL C 140 17.09 -38.84 -21.99
CA VAL C 140 17.40 -37.48 -21.51
C VAL C 140 18.47 -36.90 -22.42
N ASN C 141 18.13 -35.83 -23.10
CA ASN C 141 19.06 -35.13 -24.01
C ASN C 141 19.67 -33.96 -23.26
N MSE C 142 21.00 -33.84 -23.33
CA MSE C 142 21.68 -32.78 -22.64
C MSE C 142 21.68 -31.55 -23.52
O MSE C 142 22.47 -31.45 -24.47
CB MSE C 142 23.10 -33.16 -22.24
CG MSE C 142 23.74 -32.18 -21.27
SE MSE C 142 22.89 -32.31 -19.50
CE MSE C 142 23.45 -34.13 -19.00
N ALA C 143 20.76 -30.64 -23.24
CA ALA C 143 20.76 -29.34 -23.88
C ALA C 143 21.58 -28.38 -23.01
N SER C 144 21.06 -27.19 -22.79
CA SER C 144 21.77 -26.08 -22.11
C SER C 144 20.76 -24.96 -21.89
N ILE C 145 21.10 -24.02 -21.02
CA ILE C 145 20.47 -22.67 -21.07
C ILE C 145 20.51 -22.17 -22.51
N LEU C 146 21.55 -22.52 -23.27
CA LEU C 146 21.77 -21.98 -24.62
C LEU C 146 20.91 -22.71 -25.65
N GLY C 147 20.03 -23.60 -25.17
CA GLY C 147 18.89 -24.10 -25.94
C GLY C 147 17.72 -23.13 -25.97
N SER C 148 17.72 -22.11 -25.11
CA SER C 148 16.60 -21.13 -25.05
C SER C 148 17.04 -19.66 -25.13
N VAL C 149 18.30 -19.37 -24.85
CA VAL C 149 18.87 -18.01 -25.04
C VAL C 149 20.17 -18.12 -25.83
N GLY C 150 20.68 -16.98 -26.27
CA GLY C 150 21.91 -16.93 -27.04
C GLY C 150 23.10 -16.56 -26.18
N PHE C 151 24.28 -16.67 -26.77
CA PHE C 151 25.53 -16.25 -26.11
C PHE C 151 26.52 -15.87 -27.21
N ALA C 152 26.87 -14.59 -27.29
CA ALA C 152 27.72 -14.06 -28.38
C ALA C 152 28.95 -14.95 -28.59
N ASN C 153 29.18 -15.31 -29.87
CA ASN C 153 30.39 -15.97 -30.38
C ASN C 153 30.34 -17.49 -30.22
N SER C 154 29.21 -18.05 -29.78
CA SER C 154 28.98 -19.51 -29.72
C SER C 154 27.73 -19.89 -30.53
N SER C 155 27.56 -19.34 -31.72
CA SER C 155 26.29 -19.50 -32.49
C SER C 155 26.01 -20.97 -32.84
N ALA C 156 27.01 -21.72 -33.28
CA ALA C 156 26.81 -23.13 -33.69
C ALA C 156 26.32 -23.95 -32.51
N TYR C 157 26.93 -23.75 -31.35
CA TYR C 157 26.56 -24.44 -30.10
C TYR C 157 25.12 -24.08 -29.71
N VAL C 158 24.84 -22.79 -29.68
CA VAL C 158 23.49 -22.27 -29.32
C VAL C 158 22.45 -22.88 -30.27
N THR C 159 22.77 -22.87 -31.56
CA THR C 159 21.87 -23.39 -32.61
C THR C 159 21.57 -24.88 -32.37
N ALA C 160 22.62 -25.67 -32.12
CA ALA C 160 22.46 -27.11 -31.90
C ALA C 160 21.62 -27.38 -30.65
N LYS C 161 21.89 -26.64 -29.57
CA LYS C 161 21.18 -26.84 -28.30
C LYS C 161 19.71 -26.45 -28.46
N HIS C 162 19.42 -25.39 -29.21
CA HIS C 162 18.01 -25.03 -29.55
C HIS C 162 17.36 -26.19 -30.31
N ALA C 163 18.08 -26.77 -31.27
CA ALA C 163 17.59 -27.87 -32.14
C ALA C 163 17.14 -29.05 -31.27
N LEU C 164 17.87 -29.33 -30.20
CA LEU C 164 17.57 -30.49 -29.33
C LEU C 164 16.18 -30.39 -28.72
N LEU C 165 15.70 -29.18 -28.41
CA LEU C 165 14.36 -29.05 -27.78
C LEU C 165 13.30 -29.58 -28.75
N GLY C 166 13.46 -29.34 -30.05
CA GLY C 166 12.47 -29.76 -31.06
C GLY C 166 12.54 -31.26 -31.29
N LEU C 167 13.75 -31.80 -31.41
CA LEU C 167 13.96 -33.26 -31.54
C LEU C 167 13.34 -33.96 -30.34
N THR C 168 13.55 -33.41 -29.15
CA THR C 168 12.99 -33.93 -27.88
C THR C 168 11.45 -33.92 -27.94
N GLN C 169 10.84 -32.80 -28.31
CA GLN C 169 9.36 -32.69 -28.41
C GLN C 169 8.84 -33.76 -29.38
N ASN C 170 9.47 -33.89 -30.54
CA ASN C 170 8.93 -34.79 -31.58
C ASN C 170 9.00 -36.25 -31.16
N ALA C 171 10.15 -36.69 -30.66
CA ALA C 171 10.31 -38.09 -30.21
C ALA C 171 9.32 -38.38 -29.07
N ALA C 172 9.12 -37.41 -28.17
CA ALA C 172 8.18 -37.55 -27.06
C ALA C 172 6.76 -37.79 -27.60
N LEU C 173 6.34 -37.01 -28.60
CA LEU C 173 4.99 -37.15 -29.20
C LEU C 173 4.86 -38.50 -29.89
N GLU C 174 5.90 -38.93 -30.58
CA GLU C 174 5.85 -40.13 -31.44
C GLU C 174 5.89 -41.43 -30.63
N TYR C 175 6.56 -41.45 -29.49
CA TYR C 175 6.83 -42.71 -28.75
C TYR C 175 6.13 -42.74 -27.39
N ALA C 176 5.32 -41.72 -27.09
CA ALA C 176 4.51 -41.70 -25.84
C ALA C 176 3.65 -42.96 -25.77
N ALA C 177 3.04 -43.36 -26.89
CA ALA C 177 2.16 -44.55 -26.94
C ALA C 177 2.92 -45.82 -26.58
N ASP C 178 4.25 -45.82 -26.78
CA ASP C 178 5.15 -46.94 -26.39
C ASP C 178 5.75 -46.71 -24.99
N LYS C 179 5.33 -45.66 -24.29
CA LYS C 179 5.81 -45.32 -22.93
C LYS C 179 7.32 -45.07 -22.94
N VAL C 180 7.83 -44.54 -24.05
CA VAL C 180 9.22 -44.03 -24.10
C VAL C 180 9.12 -42.52 -23.92
N ARG C 181 9.61 -42.03 -22.78
CA ARG C 181 9.66 -40.60 -22.47
C ARG C 181 10.95 -40.01 -23.03
N VAL C 182 10.87 -38.75 -23.48
CA VAL C 182 12.04 -38.04 -24.01
C VAL C 182 11.97 -36.61 -23.48
N VAL C 183 13.03 -36.19 -22.79
CA VAL C 183 13.11 -34.86 -22.15
C VAL C 183 14.46 -34.24 -22.44
N ALA C 184 14.55 -32.93 -22.25
CA ALA C 184 15.79 -32.18 -22.40
C ALA C 184 16.11 -31.49 -21.08
N VAL C 185 17.38 -31.49 -20.70
CA VAL C 185 17.89 -30.80 -19.50
C VAL C 185 18.75 -29.64 -19.97
N GLY C 186 18.56 -28.47 -19.35
CA GLY C 186 19.28 -27.25 -19.73
C GLY C 186 20.12 -26.74 -18.57
N PRO C 187 21.38 -27.20 -18.43
CA PRO C 187 22.21 -26.64 -17.38
C PRO C 187 22.68 -25.22 -17.72
N GLY C 188 22.84 -24.41 -16.67
CA GLY C 188 23.64 -23.18 -16.75
C GLY C 188 25.11 -23.56 -16.86
N PHE C 189 25.99 -22.59 -16.68
CA PHE C 189 27.45 -22.85 -16.70
C PHE C 189 27.81 -23.72 -15.50
N ILE C 190 28.53 -24.80 -15.79
CA ILE C 190 28.88 -25.86 -14.82
C ILE C 190 30.40 -25.88 -14.68
N ARG C 191 30.86 -25.86 -13.44
CA ARG C 191 32.29 -25.89 -13.09
C ARG C 191 32.81 -27.32 -13.24
N THR C 192 33.18 -27.69 -14.45
CA THR C 192 33.92 -28.95 -14.72
C THR C 192 35.41 -28.65 -14.59
N PRO C 193 36.24 -29.70 -14.40
CA PRO C 193 37.68 -29.52 -14.39
C PRO C 193 38.18 -28.71 -15.59
N LEU C 194 37.64 -28.98 -16.77
CA LEU C 194 38.03 -28.28 -17.99
C LEU C 194 37.65 -26.81 -17.89
N VAL C 195 36.38 -26.53 -17.59
CA VAL C 195 35.89 -25.13 -17.42
C VAL C 195 36.80 -24.41 -16.43
N GLU C 196 37.04 -25.01 -15.26
CA GLU C 196 37.90 -24.44 -14.19
C GLU C 196 39.26 -24.06 -14.77
N ALA C 197 39.82 -24.95 -15.59
CA ALA C 197 41.18 -24.81 -16.14
C ALA C 197 41.21 -23.71 -17.21
N ASN C 198 40.10 -23.52 -17.94
CA ASN C 198 40.04 -22.56 -19.06
C ASN C 198 39.80 -21.13 -18.55
N LEU C 199 38.88 -20.95 -17.60
CA LEU C 199 38.44 -19.62 -17.13
C LEU C 199 39.54 -18.92 -16.34
N SER C 200 39.86 -17.70 -16.73
CA SER C 200 40.59 -16.74 -15.88
C SER C 200 39.71 -16.40 -14.68
N ALA C 201 40.32 -16.02 -13.56
CA ALA C 201 39.58 -15.63 -12.33
C ALA C 201 38.49 -14.60 -12.68
N GLU C 202 38.78 -13.69 -13.61
CA GLU C 202 37.87 -12.58 -14.00
C GLU C 202 36.72 -13.10 -14.90
N ALA C 203 37.03 -13.96 -15.86
CA ALA C 203 36.03 -14.57 -16.76
C ALA C 203 35.04 -15.42 -15.94
N LEU C 204 35.54 -16.10 -14.91
CA LEU C 204 34.73 -16.92 -13.98
C LEU C 204 33.76 -16.00 -13.23
N ALA C 205 34.26 -14.90 -12.67
CA ALA C 205 33.46 -13.94 -11.89
C ALA C 205 32.33 -13.35 -12.76
N PHE C 206 32.63 -13.08 -14.02
CA PHE C 206 31.67 -12.53 -14.99
C PHE C 206 30.52 -13.54 -15.20
N LEU C 207 30.86 -14.80 -15.42
CA LEU C 207 29.85 -15.86 -15.60
C LEU C 207 29.04 -16.07 -14.32
N GLU C 208 29.71 -16.06 -13.18
CA GLU C 208 29.04 -16.20 -11.87
C GLU C 208 27.94 -15.14 -11.72
N GLY C 209 28.24 -13.90 -12.11
CA GLY C 209 27.32 -12.76 -11.97
C GLY C 209 26.08 -12.89 -12.84
N LYS C 210 26.13 -13.77 -13.84
CA LYS C 210 24.98 -14.00 -14.75
C LYS C 210 24.02 -15.04 -14.17
N HIS C 211 24.44 -15.75 -13.12
CA HIS C 211 23.56 -16.70 -12.40
C HIS C 211 23.07 -16.05 -11.12
N ALA C 212 21.77 -16.07 -10.87
CA ALA C 212 21.20 -15.46 -9.65
C ALA C 212 21.87 -16.02 -8.40
N LEU C 213 22.15 -17.32 -8.38
CA LEU C 213 22.79 -17.98 -7.20
C LEU C 213 24.22 -17.49 -6.99
N GLY C 214 24.82 -16.80 -7.98
CA GLY C 214 26.12 -16.12 -7.80
C GLY C 214 27.30 -17.08 -7.87
N ARG C 215 27.08 -18.25 -8.47
CA ARG C 215 28.11 -19.28 -8.64
C ARG C 215 27.78 -20.10 -9.87
N LEU C 216 28.78 -20.84 -10.37
CA LEU C 216 28.53 -21.86 -11.40
C LEU C 216 27.97 -23.11 -10.72
N GLY C 217 27.31 -23.95 -11.51
CA GLY C 217 26.74 -25.21 -11.02
C GLY C 217 27.82 -26.26 -10.90
N GLU C 218 27.52 -27.32 -10.15
CA GLU C 218 28.41 -28.50 -10.02
C GLU C 218 27.84 -29.63 -10.86
N PRO C 219 28.71 -30.48 -11.44
CA PRO C 219 28.24 -31.62 -12.23
C PRO C 219 27.19 -32.48 -11.53
N GLU C 220 27.35 -32.70 -10.22
CA GLU C 220 26.40 -33.51 -9.42
C GLU C 220 25.00 -32.86 -9.43
N GLU C 221 24.95 -31.54 -9.53
CA GLU C 221 23.66 -30.81 -9.49
C GLU C 221 22.89 -31.02 -10.80
N VAL C 222 23.59 -31.25 -11.91
CA VAL C 222 22.93 -31.65 -13.17
C VAL C 222 22.56 -33.12 -13.09
N ALA C 223 23.47 -33.96 -12.60
CA ALA C 223 23.27 -35.42 -12.56
C ALA C 223 22.01 -35.82 -11.77
N SER C 224 21.73 -35.11 -10.69
CA SER C 224 20.55 -35.38 -9.84
C SER C 224 19.27 -35.23 -10.68
N LEU C 225 19.15 -34.13 -11.42
CA LEU C 225 17.95 -33.85 -12.22
C LEU C 225 17.86 -34.88 -13.36
N VAL C 226 18.98 -35.20 -14.00
CA VAL C 226 18.98 -36.22 -15.06
C VAL C 226 18.50 -37.56 -14.49
N ALA C 227 19.03 -37.97 -13.35
CA ALA C 227 18.67 -39.25 -12.72
C ALA C 227 17.18 -39.24 -12.35
N PHE C 228 16.67 -38.14 -11.82
CA PHE C 228 15.23 -38.04 -11.51
C PHE C 228 14.41 -38.26 -12.78
N LEU C 229 14.74 -37.52 -13.84
CA LEU C 229 13.96 -37.57 -15.09
C LEU C 229 14.05 -38.93 -15.78
N ALA C 230 15.15 -39.66 -15.57
CA ALA C 230 15.36 -40.98 -16.18
C ALA C 230 14.65 -42.08 -15.37
N SER C 231 14.12 -41.75 -14.20
CA SER C 231 13.59 -42.72 -13.23
C SER C 231 12.08 -42.92 -13.38
N ASP C 232 11.58 -43.97 -12.75
CA ASP C 232 10.14 -44.32 -12.78
C ASP C 232 9.31 -43.23 -12.10
N ALA C 233 9.91 -42.43 -11.22
CA ALA C 233 9.21 -41.34 -10.51
C ALA C 233 8.75 -40.26 -11.50
N ALA C 234 9.45 -40.13 -12.63
CA ALA C 234 9.17 -39.10 -13.66
C ALA C 234 8.25 -39.64 -14.77
N SER C 235 7.38 -40.61 -14.44
CA SER C 235 6.60 -41.34 -15.44
C SER C 235 5.57 -40.48 -16.19
N PHE C 236 5.24 -39.27 -15.73
CA PHE C 236 4.34 -38.38 -16.48
C PHE C 236 5.11 -37.20 -17.09
N ILE C 237 6.44 -37.24 -17.08
CA ILE C 237 7.25 -36.11 -17.60
C ILE C 237 7.81 -36.51 -18.96
N THR C 238 7.31 -35.89 -20.02
CA THR C 238 7.85 -36.15 -21.38
C THR C 238 7.63 -34.94 -22.28
N GLY C 239 8.58 -34.73 -23.21
CA GLY C 239 8.51 -33.68 -24.22
C GLY C 239 9.09 -32.37 -23.76
N SER C 240 9.38 -32.25 -22.46
CA SER C 240 9.63 -30.96 -21.78
C SER C 240 11.12 -30.68 -21.56
N TYR C 241 11.38 -29.41 -21.32
CA TYR C 241 12.72 -28.80 -21.15
C TYR C 241 12.84 -28.36 -19.70
N HIS C 242 13.87 -28.86 -19.03
CA HIS C 242 14.03 -28.66 -17.58
C HIS C 242 15.37 -27.98 -17.31
N LEU C 243 15.28 -26.73 -16.87
CA LEU C 243 16.46 -25.91 -16.60
C LEU C 243 17.05 -26.27 -15.24
N VAL C 244 18.38 -26.31 -15.20
CA VAL C 244 19.13 -26.40 -13.93
C VAL C 244 20.22 -25.33 -14.05
N ASP C 245 19.82 -24.08 -13.84
CA ASP C 245 20.61 -22.92 -14.33
C ASP C 245 20.85 -21.86 -13.28
N GLY C 246 20.55 -22.13 -12.00
CA GLY C 246 20.79 -21.16 -10.92
C GLY C 246 20.13 -19.81 -11.14
N GLY C 247 19.07 -19.75 -11.95
CA GLY C 247 18.32 -18.51 -12.20
C GLY C 247 18.75 -17.74 -13.45
N TYR C 248 19.68 -18.28 -14.23
CA TYR C 248 20.27 -17.58 -15.41
C TYR C 248 19.18 -17.05 -16.34
N THR C 249 18.22 -17.90 -16.71
CA THR C 249 17.20 -17.57 -17.72
C THR C 249 15.98 -16.86 -17.11
N ALA C 250 15.94 -16.72 -15.79
CA ALA C 250 14.84 -16.03 -15.09
C ALA C 250 14.92 -14.50 -15.20
N GLN C 251 16.01 -13.97 -15.76
N GLN C 251 16.03 -13.98 -15.73
CA GLN C 251 16.15 -12.52 -16.03
CA GLN C 251 16.21 -12.52 -15.97
C GLN C 251 16.55 -12.29 -17.49
C GLN C 251 16.49 -12.29 -17.46
N MSE D 1 -9.58 47.32 4.53
CA MSE D 1 -10.82 47.16 3.71
C MSE D 1 -11.60 45.90 4.08
O MSE D 1 -12.26 45.31 3.22
CB MSE D 1 -10.45 47.09 2.22
N ALA D 2 -11.58 45.52 5.36
CA ALA D 2 -12.34 44.36 5.80
C ALA D 2 -13.83 44.70 5.79
N GLN D 3 -14.63 43.83 5.18
CA GLN D 3 -16.10 43.94 5.17
C GLN D 3 -16.69 42.58 5.51
N TYR D 4 -17.78 42.56 6.26
CA TYR D 4 -18.45 41.32 6.72
C TYR D 4 -19.88 41.26 6.16
N ASP D 5 -20.32 40.05 5.83
CA ASP D 5 -21.69 39.81 5.34
C ASP D 5 -22.63 39.77 6.54
N VAL D 6 -22.92 40.95 7.10
CA VAL D 6 -23.79 41.11 8.29
C VAL D 6 -24.89 42.15 8.04
N ALA D 7 -25.18 42.46 6.77
CA ALA D 7 -26.16 43.52 6.43
C ALA D 7 -27.59 42.95 6.43
N ASP D 8 -28.58 43.84 6.39
CA ASP D 8 -30.02 43.50 6.28
C ASP D 8 -30.49 42.66 7.48
N ARG D 9 -29.88 42.88 8.64
CA ARG D 9 -30.30 42.19 9.88
C ARG D 9 -29.96 43.08 11.07
N SER D 10 -30.53 42.75 12.24
CA SER D 10 -30.16 43.38 13.51
C SER D 10 -29.21 42.48 14.30
N ALA D 11 -28.41 43.11 15.15
CA ALA D 11 -27.43 42.45 16.01
C ALA D 11 -27.58 42.97 17.44
N ILE D 12 -27.77 42.07 18.40
CA ILE D 12 -27.64 42.46 19.83
C ILE D 12 -26.18 42.34 20.23
N VAL D 13 -25.67 43.35 20.91
CA VAL D 13 -24.33 43.26 21.54
C VAL D 13 -24.52 43.60 23.03
N THR D 14 -24.44 42.61 23.90
CA THR D 14 -24.59 42.85 25.35
C THR D 14 -23.27 43.39 25.90
N GLY D 15 -23.34 44.28 26.89
CA GLY D 15 -22.16 44.98 27.40
C GLY D 15 -21.47 45.76 26.28
N GLY D 16 -22.26 46.30 25.35
CA GLY D 16 -21.72 47.00 24.18
C GLY D 16 -21.30 48.44 24.45
N GLY D 17 -21.47 48.92 25.68
CA GLY D 17 -21.18 50.32 26.03
C GLY D 17 -19.71 50.59 26.27
N SER D 18 -18.86 49.57 26.23
CA SER D 18 -17.44 49.71 26.62
C SER D 18 -16.60 48.60 25.99
N GLY D 19 -15.29 48.83 25.94
CA GLY D 19 -14.27 47.79 25.68
C GLY D 19 -14.56 46.93 24.45
N ILE D 20 -14.49 45.61 24.63
CA ILE D 20 -14.63 44.65 23.51
C ILE D 20 -16.04 44.76 22.91
N GLY D 21 -17.07 44.87 23.74
CA GLY D 21 -18.46 44.96 23.26
C GLY D 21 -18.63 46.17 22.36
N ARG D 22 -18.05 47.30 22.76
CA ARG D 22 -18.07 48.55 21.98
C ARG D 22 -17.43 48.28 20.61
N ALA D 23 -16.24 47.67 20.60
CA ALA D 23 -15.51 47.36 19.35
C ALA D 23 -16.37 46.48 18.45
N VAL D 24 -17.00 45.46 19.04
CA VAL D 24 -17.88 44.53 18.28
C VAL D 24 -19.02 45.33 17.64
N ALA D 25 -19.67 46.19 18.41
CA ALA D 25 -20.81 46.97 17.92
C ALA D 25 -20.37 47.83 16.74
N LEU D 26 -19.20 48.48 16.86
CA LEU D 26 -18.69 49.40 15.82
C LEU D 26 -18.36 48.62 14.55
N THR D 27 -17.73 47.45 14.67
CA THR D 27 -17.36 46.64 13.48
C THR D 27 -18.61 46.09 12.80
N LEU D 28 -19.57 45.57 13.56
CA LEU D 28 -20.82 45.03 12.97
C LEU D 28 -21.60 46.13 12.26
N ALA D 29 -21.71 47.30 12.89
CA ALA D 29 -22.45 48.46 12.33
C ALA D 29 -21.77 48.94 11.04
N ALA D 30 -20.44 48.93 11.00
CA ALA D 30 -19.66 49.45 9.87
C ALA D 30 -19.89 48.59 8.61
N SER D 31 -20.28 47.33 8.78
CA SER D 31 -20.64 46.42 7.67
C SER D 31 -22.15 46.31 7.47
N GLY D 32 -22.94 47.20 8.09
CA GLY D 32 -24.37 47.37 7.77
C GLY D 32 -25.36 46.67 8.68
N ALA D 33 -24.90 46.05 9.77
CA ALA D 33 -25.79 45.48 10.79
C ALA D 33 -26.44 46.63 11.55
N ALA D 34 -27.75 46.52 11.81
CA ALA D 34 -28.49 47.43 12.71
C ALA D 34 -28.26 46.94 14.15
N VAL D 35 -27.43 47.65 14.89
CA VAL D 35 -26.90 47.12 16.18
C VAL D 35 -27.72 47.67 17.36
N LEU D 36 -28.24 46.77 18.17
CA LEU D 36 -28.79 47.13 19.49
C LEU D 36 -27.70 46.99 20.53
N VAL D 37 -27.25 48.14 21.05
CA VAL D 37 -26.20 48.21 22.10
C VAL D 37 -26.91 48.09 23.45
N THR D 38 -26.79 46.96 24.13
CA THR D 38 -27.36 46.80 25.49
C THR D 38 -26.24 46.91 26.52
N ASP D 39 -26.54 47.51 27.67
CA ASP D 39 -25.55 47.72 28.75
C ASP D 39 -26.28 48.13 30.02
N LEU D 40 -25.69 47.83 31.17
CA LEU D 40 -26.13 48.41 32.46
C LEU D 40 -26.12 49.94 32.36
N ASN D 41 -25.11 50.48 31.69
CA ASN D 41 -24.83 51.94 31.67
C ASN D 41 -25.48 52.57 30.44
N GLU D 42 -26.58 53.30 30.67
CA GLU D 42 -27.38 53.85 29.55
C GLU D 42 -26.57 54.87 28.74
N GLU D 43 -25.85 55.77 29.40
CA GLU D 43 -25.08 56.83 28.72
C GLU D 43 -23.93 56.24 27.89
N HIS D 44 -23.29 55.18 28.39
CA HIS D 44 -22.20 54.49 27.67
C HIS D 44 -22.77 53.85 26.40
N ALA D 45 -23.88 53.16 26.53
CA ALA D 45 -24.59 52.54 25.39
C ALA D 45 -24.95 53.63 24.36
N GLN D 46 -25.49 54.74 24.84
CA GLN D 46 -25.89 55.87 23.95
C GLN D 46 -24.68 56.47 23.25
N ALA D 47 -23.54 56.55 23.93
CA ALA D 47 -22.30 57.09 23.36
C ALA D 47 -21.86 56.22 22.17
N VAL D 48 -21.94 54.89 22.32
CA VAL D 48 -21.54 53.97 21.24
C VAL D 48 -22.52 54.10 20.08
N VAL D 49 -23.82 54.23 20.36
CA VAL D 49 -24.83 54.50 19.31
C VAL D 49 -24.45 55.77 18.55
N ALA D 50 -24.04 56.82 19.25
CA ALA D 50 -23.68 58.12 18.65
C ALA D 50 -22.41 57.99 17.79
N GLU D 51 -21.41 57.26 18.28
CA GLU D 51 -20.17 56.98 17.51
C GLU D 51 -20.51 56.25 16.23
N ILE D 52 -21.38 55.25 16.36
CA ILE D 52 -21.83 54.41 15.22
C ILE D 52 -22.39 55.36 14.17
N GLU D 53 -23.26 56.26 14.60
CA GLU D 53 -23.99 57.17 13.68
C GLU D 53 -23.06 58.27 13.16
N ALA D 54 -22.04 58.69 13.90
CA ALA D 54 -21.03 59.63 13.38
C ALA D 54 -20.18 58.98 12.28
N ALA D 55 -20.06 57.65 12.28
CA ALA D 55 -19.33 56.90 11.23
C ALA D 55 -20.29 56.44 10.12
N GLY D 56 -21.59 56.70 10.26
CA GLY D 56 -22.57 56.52 9.17
C GLY D 56 -23.40 55.24 9.23
N GLY D 57 -23.43 54.55 10.37
CA GLY D 57 -24.19 53.30 10.52
C GLY D 57 -25.50 53.47 11.26
N LYS D 58 -26.18 52.35 11.52
CA LYS D 58 -27.48 52.30 12.23
C LYS D 58 -27.33 51.57 13.57
N ALA D 59 -27.87 52.17 14.64
CA ALA D 59 -27.86 51.53 15.97
C ALA D 59 -28.89 52.19 16.90
N ALA D 60 -29.21 51.47 17.97
CA ALA D 60 -30.05 51.96 19.07
C ALA D 60 -29.52 51.41 20.39
N ALA D 61 -29.81 52.09 21.48
CA ALA D 61 -29.35 51.69 22.82
C ALA D 61 -30.52 51.13 23.62
N LEU D 62 -30.25 50.14 24.45
CA LEU D 62 -31.22 49.69 25.47
C LEU D 62 -30.48 49.40 26.77
N ALA D 63 -30.84 50.12 27.81
CA ALA D 63 -30.17 50.02 29.11
C ALA D 63 -30.90 48.99 29.97
N GLY D 64 -30.13 48.09 30.56
CA GLY D 64 -30.68 47.12 31.50
C GLY D 64 -29.66 46.09 31.92
N ASP D 65 -30.15 45.10 32.65
CA ASP D 65 -29.32 44.10 33.34
C ASP D 65 -29.58 42.73 32.72
N VAL D 66 -28.55 42.12 32.14
CA VAL D 66 -28.73 40.82 31.44
C VAL D 66 -29.07 39.69 32.42
N THR D 67 -28.84 39.88 33.72
CA THR D 67 -29.20 38.86 34.75
C THR D 67 -30.72 38.83 34.98
N ASP D 68 -31.45 39.83 34.47
CA ASP D 68 -32.93 39.78 34.45
C ASP D 68 -33.36 39.14 33.15
N PRO D 69 -33.94 37.91 33.17
CA PRO D 69 -34.37 37.26 31.93
C PRO D 69 -35.35 38.09 31.10
N ALA D 70 -36.17 38.92 31.74
CA ALA D 70 -37.10 39.84 31.05
C ALA D 70 -36.32 40.79 30.14
N PHE D 71 -35.10 41.15 30.52
CA PHE D 71 -34.30 42.14 29.76
C PHE D 71 -33.82 41.51 28.44
N GLY D 72 -33.43 40.25 28.45
CA GLY D 72 -33.05 39.52 27.22
C GLY D 72 -34.21 39.47 26.24
N GLU D 73 -35.42 39.29 26.77
CA GLU D 73 -36.67 39.31 25.96
C GLU D 73 -36.87 40.70 25.35
N ALA D 74 -36.77 41.74 26.17
CA ALA D 74 -36.92 43.14 25.73
C ALA D 74 -35.85 43.49 24.69
N SER D 75 -34.64 42.94 24.85
CA SER D 75 -33.53 43.19 23.91
C SER D 75 -33.86 42.59 22.55
N VAL D 76 -34.39 41.37 22.54
CA VAL D 76 -34.73 40.66 21.28
C VAL D 76 -35.88 41.39 20.58
N ALA D 77 -36.86 41.89 21.34
CA ALA D 77 -37.96 42.71 20.78
C ALA D 77 -37.43 44.01 20.17
N ALA D 78 -36.55 44.72 20.89
CA ALA D 78 -36.01 46.01 20.43
C ALA D 78 -35.11 45.84 19.20
N ALA D 79 -34.37 44.73 19.13
CA ALA D 79 -33.51 44.43 17.98
C ALA D 79 -34.38 44.12 16.75
N ASN D 80 -35.38 43.26 16.93
CA ASN D 80 -36.28 42.84 15.83
C ASN D 80 -37.02 44.05 15.23
N ALA D 81 -37.30 45.06 16.05
CA ALA D 81 -37.94 46.31 15.61
C ALA D 81 -37.07 47.06 14.59
N LEU D 82 -35.74 46.92 14.70
CA LEU D 82 -34.79 47.59 13.77
C LEU D 82 -34.72 46.82 12.46
N ALA D 83 -34.62 45.50 12.55
CA ALA D 83 -34.43 44.58 11.42
C ALA D 83 -34.46 43.16 11.95
N PRO D 84 -34.65 42.13 11.10
CA PRO D 84 -34.71 40.76 11.62
C PRO D 84 -33.45 40.38 12.42
N LEU D 85 -33.64 39.92 13.64
CA LEU D 85 -32.52 39.56 14.54
C LEU D 85 -31.83 38.31 14.00
N LYS D 86 -30.57 38.44 13.61
CA LYS D 86 -29.78 37.29 13.11
C LYS D 86 -28.39 37.23 13.72
N ILE D 87 -28.06 38.16 14.63
CA ILE D 87 -26.77 38.15 15.36
C ILE D 87 -27.03 38.48 16.82
N ALA D 88 -26.42 37.73 17.72
CA ALA D 88 -26.35 38.10 19.15
C ALA D 88 -24.95 37.81 19.66
N VAL D 89 -24.36 38.82 20.28
CA VAL D 89 -23.03 38.67 20.92
C VAL D 89 -23.24 38.87 22.41
N ASN D 90 -23.18 37.75 23.13
CA ASN D 90 -23.34 37.73 24.60
C ASN D 90 -21.97 38.01 25.23
N ASN D 91 -21.71 39.29 25.47
CA ASN D 91 -20.35 39.81 25.77
C ASN D 91 -20.27 40.39 27.19
N ALA D 92 -21.39 40.82 27.77
CA ALA D 92 -21.39 41.41 29.12
C ALA D 92 -20.70 40.45 30.08
N GLY D 93 -19.84 40.98 30.93
CA GLY D 93 -19.13 40.17 31.91
C GLY D 93 -18.42 41.03 32.93
N ILE D 94 -18.05 40.40 34.04
CA ILE D 94 -17.36 41.03 35.18
C ILE D 94 -16.24 40.11 35.64
N GLY D 95 -15.26 40.68 36.33
CA GLY D 95 -13.99 39.99 36.66
C GLY D 95 -14.08 39.18 37.94
N GLY D 96 -14.90 39.63 38.88
CA GLY D 96 -15.02 38.99 40.20
C GLY D 96 -13.89 39.33 41.16
N GLU D 97 -14.01 38.83 42.37
CA GLU D 97 -13.01 38.99 43.46
C GLU D 97 -11.68 38.34 43.08
N ALA D 98 -10.57 38.88 43.60
CA ALA D 98 -9.21 38.30 43.44
C ALA D 98 -8.84 37.58 44.73
N ALA D 99 -9.04 36.25 44.75
CA ALA D 99 -8.89 35.45 45.96
C ALA D 99 -8.81 33.98 45.58
N THR D 100 -8.20 33.16 46.45
CA THR D 100 -8.12 31.71 46.24
C THR D 100 -9.51 31.09 46.33
N VAL D 101 -9.68 29.90 45.79
CA VAL D 101 -10.95 29.14 45.90
C VAL D 101 -11.36 29.04 47.37
N GLY D 102 -10.42 28.72 48.25
CA GLY D 102 -10.71 28.52 49.68
C GLY D 102 -11.20 29.80 50.35
N ASP D 103 -10.70 30.95 49.91
CA ASP D 103 -11.01 32.27 50.51
C ASP D 103 -12.17 32.97 49.79
N TYR D 104 -12.56 32.48 48.62
CA TYR D 104 -13.54 33.18 47.75
C TYR D 104 -14.84 33.42 48.51
N SER D 105 -15.39 34.63 48.41
CA SER D 105 -16.69 34.95 49.03
C SER D 105 -17.81 34.28 48.23
N LEU D 106 -18.80 33.72 48.92
CA LEU D 106 -19.95 33.06 48.28
C LEU D 106 -20.69 34.06 47.39
N ASP D 107 -20.84 35.30 47.85
CA ASP D 107 -21.56 36.35 47.08
C ASP D 107 -20.85 36.63 45.77
N SER D 108 -19.52 36.76 45.80
CA SER D 108 -18.72 37.07 44.60
C SER D 108 -18.79 35.89 43.63
N TRP D 109 -18.60 34.68 44.13
CA TRP D 109 -18.74 33.47 43.30
C TRP D 109 -20.08 33.51 42.57
N ARG D 110 -21.18 33.66 43.32
CA ARG D 110 -22.54 33.61 42.78
C ARG D 110 -22.78 34.73 41.76
N LYS D 111 -22.25 35.92 42.03
CA LYS D 111 -22.42 37.09 41.13
C LYS D 111 -21.72 36.82 39.80
N VAL D 112 -20.51 36.28 39.85
CA VAL D 112 -19.71 36.05 38.63
C VAL D 112 -20.42 34.98 37.80
N ILE D 113 -20.87 33.90 38.44
CA ILE D 113 -21.62 32.84 37.73
C ILE D 113 -22.88 33.45 37.12
N GLU D 114 -23.58 34.32 37.86
CA GLU D 114 -24.88 34.85 37.43
C GLU D 114 -24.72 35.67 36.16
N VAL D 115 -23.73 36.56 36.12
CA VAL D 115 -23.51 37.45 34.95
C VAL D 115 -22.81 36.70 33.82
N ASN D 116 -21.70 36.03 34.14
CA ASN D 116 -20.78 35.51 33.10
C ASN D 116 -21.31 34.20 32.51
N LEU D 117 -22.19 33.50 33.22
CA LEU D 117 -22.78 32.25 32.70
C LEU D 117 -24.30 32.35 32.59
N ASN D 118 -24.98 32.52 33.71
CA ASN D 118 -26.45 32.34 33.71
C ASN D 118 -27.11 33.38 32.79
N ALA D 119 -26.62 34.63 32.79
CA ALA D 119 -27.20 35.70 31.95
C ALA D 119 -26.98 35.43 30.46
N VAL D 120 -25.93 34.70 30.11
CA VAL D 120 -25.71 34.31 28.70
C VAL D 120 -26.83 33.35 28.31
N PHE D 121 -27.06 32.34 29.14
CA PHE D 121 -28.19 31.40 28.99
C PHE D 121 -29.53 32.16 28.92
N TYR D 122 -29.79 33.06 29.85
CA TYR D 122 -31.05 33.84 29.88
C TYR D 122 -31.25 34.53 28.53
N GLY D 123 -30.21 35.23 28.05
CA GLY D 123 -30.29 35.98 26.79
C GLY D 123 -30.49 35.05 25.60
N MSE D 124 -29.84 33.88 25.64
CA MSE D 124 -29.87 32.95 24.53
C MSE D 124 -31.28 32.41 24.28
O MSE D 124 -31.64 32.14 23.14
CB MSE D 124 -28.89 31.81 24.76
CG MSE D 124 -27.49 32.18 24.34
SE MSE D 124 -26.22 30.77 24.80
CE MSE D 124 -26.74 29.36 23.57
N GLN D 125 -32.08 32.26 25.34
CA GLN D 125 -33.38 31.63 25.17
C GLN D 125 -34.22 32.37 24.13
N PRO D 126 -34.50 33.68 24.30
CA PRO D 126 -35.22 34.43 23.27
C PRO D 126 -34.44 34.62 21.96
N GLN D 127 -33.12 34.72 22.03
CA GLN D 127 -32.27 34.88 20.83
C GLN D 127 -32.45 33.66 19.92
N LEU D 128 -32.31 32.47 20.47
CA LEU D 128 -32.43 31.21 19.71
C LEU D 128 -33.81 31.12 19.05
N LYS D 129 -34.86 31.42 19.81
CA LYS D 129 -36.26 31.29 19.31
C LYS D 129 -36.48 32.27 18.17
N ALA D 130 -36.03 33.51 18.32
CA ALA D 130 -36.21 34.57 17.32
C ALA D 130 -35.52 34.19 16.01
N MSE D 131 -34.29 33.68 16.12
CA MSE D 131 -33.49 33.36 14.94
C MSE D 131 -34.00 32.12 14.24
O MSE D 131 -33.98 32.04 13.02
CB MSE D 131 -32.02 33.24 15.34
CG MSE D 131 -31.46 34.54 15.81
SE MSE D 131 -29.54 34.41 16.16
CE MSE D 131 -29.28 35.93 17.37
N ALA D 132 -34.48 31.14 15.03
CA ALA D 132 -35.08 29.93 14.47
C ALA D 132 -36.35 30.28 13.70
N ALA D 133 -37.13 31.23 14.21
CA ALA D 133 -38.40 31.65 13.58
C ALA D 133 -38.15 32.41 12.27
N ASN D 134 -37.02 33.11 12.13
CA ASN D 134 -36.78 33.97 10.94
C ASN D 134 -35.69 33.39 10.02
N GLY D 135 -35.43 32.08 10.11
CA GLY D 135 -34.68 31.35 9.08
C GLY D 135 -33.23 31.07 9.42
N GLY D 136 -32.72 31.62 10.52
CA GLY D 136 -31.36 31.31 10.98
C GLY D 136 -30.60 32.54 11.46
N GLY D 137 -29.42 32.31 11.99
CA GLY D 137 -28.56 33.40 12.50
C GLY D 137 -27.36 32.85 13.20
N ALA D 138 -26.67 33.71 13.95
CA ALA D 138 -25.44 33.36 14.66
C ALA D 138 -25.46 33.97 16.06
N ILE D 139 -25.11 33.16 17.05
CA ILE D 139 -24.89 33.64 18.43
C ILE D 139 -23.40 33.46 18.72
N VAL D 140 -22.75 34.53 19.15
CA VAL D 140 -21.32 34.48 19.53
C VAL D 140 -21.24 34.79 21.01
N ASN D 141 -20.76 33.82 21.78
CA ASN D 141 -20.59 33.96 23.23
C ASN D 141 -19.15 34.35 23.52
N MSE D 142 -18.98 35.40 24.33
CA MSE D 142 -17.65 35.86 24.67
C MSE D 142 -17.12 35.05 25.83
O MSE D 142 -17.49 35.28 26.99
CB MSE D 142 -17.63 37.35 25.01
CG MSE D 142 -16.22 37.92 25.06
SE MSE D 142 -15.44 38.02 23.25
CE MSE D 142 -16.65 39.33 22.44
N ALA D 143 -16.29 34.07 25.51
CA ALA D 143 -15.57 33.33 26.52
C ALA D 143 -14.22 34.02 26.75
N SER D 144 -13.15 33.24 26.80
CA SER D 144 -11.79 33.71 27.15
C SER D 144 -10.83 32.56 26.92
N ILE D 145 -9.54 32.87 26.86
CA ILE D 145 -8.50 31.85 27.12
C ILE D 145 -8.86 31.08 28.39
N LEU D 146 -9.46 31.76 29.38
CA LEU D 146 -9.74 31.17 30.71
C LEU D 146 -11.00 30.30 30.66
N GLY D 147 -11.54 30.07 29.46
CA GLY D 147 -12.49 28.97 29.19
C GLY D 147 -11.81 27.64 28.96
N SER D 148 -10.47 27.62 28.79
CA SER D 148 -9.73 26.37 28.51
C SER D 148 -8.50 26.17 29.41
N VAL D 149 -7.99 27.23 30.05
CA VAL D 149 -6.92 27.12 31.07
C VAL D 149 -7.33 27.93 32.30
N GLY D 150 -6.58 27.75 33.38
CA GLY D 150 -6.86 28.45 34.63
C GLY D 150 -5.99 29.67 34.81
N PHE D 151 -6.30 30.43 35.85
CA PHE D 151 -5.50 31.60 36.25
C PHE D 151 -5.70 31.82 37.74
N ALA D 152 -4.65 31.62 38.53
CA ALA D 152 -4.72 31.66 40.00
C ALA D 152 -5.48 32.90 40.47
N ASN D 153 -6.44 32.69 41.36
CA ASN D 153 -7.18 33.72 42.12
C ASN D 153 -8.36 34.31 41.33
N SER D 154 -8.67 33.75 40.16
CA SER D 154 -9.86 34.14 39.38
C SER D 154 -10.76 32.92 39.10
N SER D 155 -10.98 32.06 40.11
CA SER D 155 -11.63 30.74 39.89
C SER D 155 -13.07 30.87 39.39
N ALA D 156 -13.85 31.81 39.91
CA ALA D 156 -15.27 31.95 39.52
C ALA D 156 -15.35 32.35 38.04
N TYR D 157 -14.50 33.28 37.64
CA TYR D 157 -14.40 33.75 36.25
C TYR D 157 -14.04 32.59 35.32
N VAL D 158 -12.96 31.90 35.67
CA VAL D 158 -12.44 30.74 34.91
C VAL D 158 -13.54 29.69 34.79
N THR D 159 -14.22 29.42 35.89
CA THR D 159 -15.31 28.42 35.93
C THR D 159 -16.43 28.83 34.96
N ALA D 160 -16.86 30.07 35.02
CA ALA D 160 -17.97 30.56 34.18
C ALA D 160 -17.57 30.50 32.70
N LYS D 161 -16.34 30.88 32.38
CA LYS D 161 -15.86 30.90 30.98
C LYS D 161 -15.75 29.48 30.45
N HIS D 162 -15.30 28.52 31.27
CA HIS D 162 -15.32 27.08 30.92
C HIS D 162 -16.77 26.65 30.62
N ALA D 163 -17.70 27.07 31.46
CA ALA D 163 -19.12 26.69 31.36
C ALA D 163 -19.69 27.10 29.98
N LEU D 164 -19.30 28.27 29.50
CA LEU D 164 -19.79 28.81 28.21
C LEU D 164 -19.47 27.87 27.04
N LEU D 165 -18.35 27.16 27.07
CA LEU D 165 -18.00 26.27 25.94
C LEU D 165 -19.05 25.16 25.83
N GLY D 166 -19.54 24.65 26.96
CA GLY D 166 -20.54 23.58 26.98
C GLY D 166 -21.91 24.09 26.56
N LEU D 167 -22.30 25.26 27.06
CA LEU D 167 -23.59 25.88 26.68
C LEU D 167 -23.59 26.13 25.17
N THR D 168 -22.46 26.61 24.65
CA THR D 168 -22.25 26.86 23.20
C THR D 168 -22.40 25.56 22.41
N GLN D 169 -21.71 24.49 22.82
CA GLN D 169 -21.82 23.18 22.13
C GLN D 169 -23.29 22.73 22.09
N ASN D 170 -23.98 22.81 23.21
CA ASN D 170 -25.34 22.24 23.31
C ASN D 170 -26.33 22.99 22.43
N ALA D 171 -26.31 24.33 22.50
CA ALA D 171 -27.21 25.15 21.66
C ALA D 171 -26.90 24.92 20.18
N ALA D 172 -25.62 24.78 19.84
CA ALA D 172 -25.19 24.49 18.46
C ALA D 172 -25.82 23.19 17.98
N LEU D 173 -25.74 22.13 18.78
CA LEU D 173 -26.32 20.81 18.42
C LEU D 173 -27.84 20.91 18.29
N GLU D 174 -28.49 21.64 19.18
CA GLU D 174 -29.97 21.67 19.27
C GLU D 174 -30.59 22.52 18.16
N TYR D 175 -29.92 23.57 17.70
CA TYR D 175 -30.53 24.56 16.78
C TYR D 175 -29.87 24.58 15.40
N ALA D 176 -28.93 23.67 15.16
CA ALA D 176 -28.32 23.49 13.83
C ALA D 176 -29.40 23.27 12.77
N ALA D 177 -30.40 22.44 13.08
CA ALA D 177 -31.49 22.11 12.13
C ALA D 177 -32.28 23.36 11.75
N ASP D 178 -32.28 24.38 12.63
CA ASP D 178 -32.92 25.69 12.36
C ASP D 178 -31.94 26.69 11.76
N LYS D 179 -30.70 26.27 11.49
CA LYS D 179 -29.64 27.12 10.89
C LYS D 179 -29.28 28.27 11.83
N VAL D 180 -29.41 28.03 13.14
CA VAL D 180 -28.89 28.96 14.15
C VAL D 180 -27.54 28.41 14.61
N ARG D 181 -26.48 29.15 14.29
CA ARG D 181 -25.11 28.79 14.68
C ARG D 181 -24.81 29.41 16.04
N VAL D 182 -24.04 28.69 16.84
CA VAL D 182 -23.61 29.17 18.17
C VAL D 182 -22.14 28.84 18.33
N VAL D 183 -21.32 29.86 18.62
CA VAL D 183 -19.87 29.70 18.75
C VAL D 183 -19.39 30.49 19.96
N ALA D 184 -18.19 30.18 20.40
CA ALA D 184 -17.53 30.86 21.52
C ALA D 184 -16.22 31.44 21.03
N VAL D 185 -15.91 32.65 21.45
CA VAL D 185 -14.62 33.32 21.16
C VAL D 185 -13.83 33.40 22.47
N GLY D 186 -12.54 33.10 22.39
CA GLY D 186 -11.65 33.07 23.56
C GLY D 186 -10.52 34.07 23.41
N PRO D 187 -10.73 35.34 23.79
CA PRO D 187 -9.60 36.27 23.74
C PRO D 187 -8.57 36.00 24.84
N GLY D 188 -7.32 36.30 24.52
CA GLY D 188 -6.28 36.46 25.53
C GLY D 188 -6.51 37.79 26.25
N PHE D 189 -5.53 38.23 27.02
CA PHE D 189 -5.64 39.53 27.71
C PHE D 189 -5.68 40.65 26.67
N ILE D 190 -6.68 41.52 26.83
CA ILE D 190 -6.97 42.62 25.89
C ILE D 190 -6.79 43.94 26.63
N ARG D 191 -6.07 44.84 25.99
CA ARG D 191 -5.76 46.20 26.50
C ARG D 191 -6.97 47.10 26.31
N THR D 192 -7.94 47.01 27.22
CA THR D 192 -9.05 47.97 27.28
C THR D 192 -8.60 49.15 28.14
N PRO D 193 -9.28 50.31 28.01
CA PRO D 193 -9.00 51.44 28.89
C PRO D 193 -9.01 51.06 30.39
N LEU D 194 -9.91 50.18 30.81
CA LEU D 194 -9.98 49.73 32.23
C LEU D 194 -8.74 48.90 32.58
N VAL D 195 -8.39 47.94 31.73
CA VAL D 195 -7.19 47.08 31.93
C VAL D 195 -5.96 47.99 32.02
N GLU D 196 -5.79 48.90 31.05
CA GLU D 196 -4.65 49.85 31.00
C GLU D 196 -4.55 50.62 32.31
N ALA D 197 -5.69 51.08 32.82
CA ALA D 197 -5.77 51.91 34.03
C ALA D 197 -5.46 51.09 35.28
N ASN D 198 -5.79 49.79 35.26
CA ASN D 198 -5.59 48.90 36.43
C ASN D 198 -4.14 48.41 36.51
N LEU D 199 -3.58 47.95 35.38
CA LEU D 199 -2.25 47.29 35.37
C LEU D 199 -1.14 48.29 35.70
N SER D 200 -0.31 47.94 36.68
CA SER D 200 1.01 48.56 36.88
C SER D 200 1.90 48.21 35.68
N ALA D 201 2.86 49.07 35.37
CA ALA D 201 3.82 48.83 34.27
C ALA D 201 4.39 47.42 34.36
N GLU D 202 4.67 46.94 35.58
CA GLU D 202 5.28 45.61 35.82
C GLU D 202 4.28 44.47 35.58
N ALA D 203 3.06 44.62 36.08
CA ALA D 203 1.99 43.61 35.92
C ALA D 203 1.63 43.45 34.43
N LEU D 204 1.65 44.55 33.69
CA LEU D 204 1.39 44.58 32.23
C LEU D 204 2.49 43.78 31.51
N ALA D 205 3.75 44.01 31.87
CA ALA D 205 4.91 43.31 31.27
C ALA D 205 4.81 41.81 31.52
N PHE D 206 4.37 41.43 32.73
CA PHE D 206 4.21 40.02 33.13
C PHE D 206 3.16 39.35 32.23
N LEU D 207 2.03 40.00 32.02
CA LEU D 207 0.95 39.45 31.16
C LEU D 207 1.43 39.41 29.70
N GLU D 208 2.11 40.44 29.24
CA GLU D 208 2.65 40.47 27.86
C GLU D 208 3.54 39.25 27.61
N GLY D 209 4.38 38.89 28.58
CA GLY D 209 5.31 37.77 28.46
C GLY D 209 4.62 36.43 28.35
N LYS D 210 3.35 36.35 28.75
CA LYS D 210 2.56 35.09 28.68
C LYS D 210 1.94 34.92 27.28
N HIS D 211 1.97 35.95 26.45
CA HIS D 211 1.48 35.88 25.05
C HIS D 211 2.68 35.77 24.13
N ALA D 212 2.70 34.80 23.21
CA ALA D 212 3.82 34.61 22.29
C ALA D 212 4.10 35.90 21.51
N LEU D 213 3.05 36.61 21.09
CA LEU D 213 3.22 37.87 20.32
C LEU D 213 3.86 38.98 21.16
N GLY D 214 3.94 38.83 22.49
CA GLY D 214 4.72 39.74 23.35
C GLY D 214 3.97 41.03 23.65
N ARG D 215 2.66 41.01 23.48
CA ARG D 215 1.79 42.17 23.75
C ARG D 215 0.40 41.68 24.11
N LEU D 216 -0.39 42.57 24.71
CA LEU D 216 -1.83 42.31 24.90
C LEU D 216 -2.54 42.58 23.57
N GLY D 217 -3.73 42.01 23.43
CA GLY D 217 -4.56 42.19 22.24
C GLY D 217 -5.26 43.53 22.28
N GLU D 218 -5.73 43.98 21.13
CA GLU D 218 -6.56 45.20 21.02
C GLU D 218 -8.02 44.79 20.85
N PRO D 219 -8.97 45.58 21.41
CA PRO D 219 -10.39 45.27 21.24
C PRO D 219 -10.82 45.01 19.79
N GLU D 220 -10.27 45.78 18.84
CA GLU D 220 -10.58 45.61 17.40
C GLU D 220 -10.18 44.22 16.92
N GLU D 221 -9.13 43.66 17.51
CA GLU D 221 -8.60 42.32 17.10
C GLU D 221 -9.57 41.21 17.52
N VAL D 222 -10.32 41.41 18.60
CA VAL D 222 -11.40 40.45 18.99
C VAL D 222 -12.62 40.72 18.10
N ALA D 223 -12.98 41.98 17.92
CA ALA D 223 -14.19 42.38 17.17
C ALA D 223 -14.20 41.81 15.73
N SER D 224 -13.04 41.76 15.09
CA SER D 224 -12.93 41.24 13.71
C SER D 224 -13.37 39.77 13.69
N LEU D 225 -12.85 38.96 14.61
CA LEU D 225 -13.17 37.52 14.65
C LEU D 225 -14.65 37.35 14.96
N VAL D 226 -15.16 38.13 15.92
CA VAL D 226 -16.61 38.07 16.26
C VAL D 226 -17.46 38.41 15.04
N ALA D 227 -17.09 39.47 14.33
CA ALA D 227 -17.84 39.91 13.13
C ALA D 227 -17.77 38.82 12.05
N PHE D 228 -16.61 38.20 11.85
CA PHE D 228 -16.49 37.11 10.87
C PHE D 228 -17.43 35.96 11.25
N LEU D 229 -17.35 35.51 12.50
CA LEU D 229 -18.14 34.34 12.96
C LEU D 229 -19.65 34.62 12.92
N ALA D 230 -20.05 35.89 13.09
CA ALA D 230 -21.47 36.27 13.09
C ALA D 230 -22.00 36.45 11.66
N SER D 231 -21.11 36.37 10.67
CA SER D 231 -21.44 36.70 9.26
C SER D 231 -21.83 35.46 8.46
N ASP D 232 -22.41 35.69 7.29
CA ASP D 232 -22.82 34.60 6.38
C ASP D 232 -21.61 33.81 5.87
N ALA D 233 -20.42 34.39 5.88
CA ALA D 233 -19.19 33.69 5.44
C ALA D 233 -18.87 32.51 6.36
N ALA D 234 -19.33 32.56 7.62
CA ALA D 234 -19.05 31.53 8.64
C ALA D 234 -20.18 30.50 8.73
N SER D 235 -20.88 30.25 7.61
CA SER D 235 -22.12 29.46 7.58
C SER D 235 -21.92 27.98 7.94
N PHE D 236 -20.69 27.45 7.92
CA PHE D 236 -20.42 26.06 8.36
C PHE D 236 -19.70 26.04 9.71
N ILE D 237 -19.66 27.16 10.42
CA ILE D 237 -18.93 27.22 11.72
C ILE D 237 -19.96 27.26 12.84
N THR D 238 -20.06 26.18 13.60
CA THR D 238 -20.97 26.13 14.76
C THR D 238 -20.48 25.13 15.80
N GLY D 239 -20.72 25.45 17.07
CA GLY D 239 -20.42 24.56 18.20
C GLY D 239 -19.02 24.75 18.74
N SER D 240 -18.19 25.50 18.03
CA SER D 240 -16.73 25.53 18.20
C SER D 240 -16.24 26.76 18.98
N TYR D 241 -15.02 26.61 19.48
CA TYR D 241 -14.31 27.57 20.34
C TYR D 241 -13.15 28.14 19.54
N HIS D 242 -13.10 29.46 19.40
CA HIS D 242 -12.10 30.13 18.53
C HIS D 242 -11.28 31.11 19.35
N LEU D 243 -10.01 30.77 19.51
CA LEU D 243 -9.08 31.58 20.32
C LEU D 243 -8.57 32.77 19.52
N VAL D 244 -8.48 33.92 20.20
CA VAL D 244 -7.78 35.11 19.67
C VAL D 244 -6.87 35.57 20.80
N ASP D 245 -5.75 34.89 20.96
CA ASP D 245 -4.99 34.89 22.22
C ASP D 245 -3.49 35.14 22.05
N GLY D 246 -3.05 35.51 20.85
CA GLY D 246 -1.63 35.81 20.59
C GLY D 246 -0.69 34.68 20.97
N GLY D 247 -1.19 33.43 20.97
CA GLY D 247 -0.37 32.24 21.28
C GLY D 247 -0.37 31.81 22.74
N TYR D 248 -1.15 32.46 23.59
CA TYR D 248 -1.18 32.20 25.06
C TYR D 248 -1.34 30.71 25.38
N THR D 249 -2.33 30.07 24.74
CA THR D 249 -2.69 28.66 25.07
C THR D 249 -1.88 27.65 24.23
N ALA D 250 -1.02 28.12 23.33
CA ALA D 250 -0.19 27.25 22.49
C ALA D 250 1.02 26.69 23.26
N GLN D 251 1.27 27.21 24.46
N GLN D 251 1.26 27.19 24.48
CA GLN D 251 2.35 26.70 25.35
CA GLN D 251 2.33 26.70 25.37
C GLN D 251 1.75 26.35 26.72
C GLN D 251 1.74 26.27 26.71
N MSE E 1 -6.79 -8.17 42.28
CA MSE E 1 -5.82 -7.82 43.34
C MSE E 1 -5.46 -6.34 43.39
O MSE E 1 -4.42 -5.98 43.93
CB MSE E 1 -4.53 -8.62 43.14
N ALA E 2 -6.32 -5.46 42.87
CA ALA E 2 -6.00 -4.04 42.81
C ALA E 2 -6.01 -3.48 44.23
N GLN E 3 -4.98 -2.71 44.58
CA GLN E 3 -4.85 -2.05 45.89
C GLN E 3 -4.35 -0.62 45.66
N TYR E 4 -4.87 0.33 46.41
CA TYR E 4 -4.52 1.76 46.28
C TYR E 4 -3.88 2.30 47.56
N ASP E 5 -2.90 3.19 47.38
CA ASP E 5 -2.21 3.86 48.51
C ASP E 5 -3.11 4.98 49.02
N VAL E 6 -4.15 4.62 49.77
CA VAL E 6 -5.13 5.59 50.33
C VAL E 6 -5.34 5.33 51.81
N ALA E 7 -4.43 4.62 52.46
CA ALA E 7 -4.59 4.22 53.88
C ALA E 7 -4.22 5.38 54.80
N ASP E 8 -4.59 5.23 56.08
CA ASP E 8 -4.17 6.14 57.18
C ASP E 8 -4.64 7.57 56.91
N ARG E 9 -5.83 7.70 56.32
CA ARG E 9 -6.41 9.03 56.02
C ARG E 9 -7.92 8.86 55.90
N SER E 10 -8.64 9.97 55.98
CA SER E 10 -10.10 9.96 55.73
C SER E 10 -10.41 10.46 54.32
N ALA E 11 -11.55 10.04 53.82
CA ALA E 11 -12.03 10.40 52.48
C ALA E 11 -13.50 10.78 52.58
N ILE E 12 -13.86 11.94 52.05
CA ILE E 12 -15.27 12.31 51.84
C ILE E 12 -15.68 11.81 50.46
N VAL E 13 -16.81 11.14 50.38
CA VAL E 13 -17.46 10.83 49.08
C VAL E 13 -18.87 11.40 49.13
N THR E 14 -19.11 12.48 48.40
CA THR E 14 -20.44 13.10 48.35
C THR E 14 -21.33 12.30 47.39
N GLY E 15 -22.61 12.19 47.71
CA GLY E 15 -23.49 11.30 46.96
C GLY E 15 -23.01 9.86 47.05
N GLY E 16 -22.39 9.49 48.16
CA GLY E 16 -21.79 8.15 48.32
C GLY E 16 -22.81 7.06 48.65
N GLY E 17 -24.09 7.41 48.76
CA GLY E 17 -25.13 6.45 49.18
C GLY E 17 -25.61 5.54 48.06
N SER E 18 -25.28 5.86 46.82
CA SER E 18 -25.76 5.07 45.66
C SER E 18 -24.86 5.28 44.45
N GLY E 19 -25.04 4.42 43.46
CA GLY E 19 -24.47 4.63 42.12
C GLY E 19 -22.95 4.68 42.13
N ILE E 20 -22.40 5.61 41.36
CA ILE E 20 -20.93 5.76 41.25
C ILE E 20 -20.33 6.09 42.62
N GLY E 21 -20.97 6.99 43.37
CA GLY E 21 -20.45 7.38 44.70
C GLY E 21 -20.30 6.18 45.61
N ARG E 22 -21.28 5.29 45.61
CA ARG E 22 -21.22 4.05 46.41
C ARG E 22 -19.99 3.23 46.00
N ALA E 23 -19.78 3.06 44.69
CA ALA E 23 -18.67 2.24 44.18
C ALA E 23 -17.33 2.87 44.60
N VAL E 24 -17.26 4.18 44.55
CA VAL E 24 -16.05 4.92 44.98
C VAL E 24 -15.79 4.66 46.46
N ALA E 25 -16.81 4.81 47.29
CA ALA E 25 -16.69 4.62 48.74
C ALA E 25 -16.18 3.21 49.06
N LEU E 26 -16.78 2.21 48.41
CA LEU E 26 -16.40 0.80 48.65
C LEU E 26 -14.94 0.56 48.24
N THR E 27 -14.54 1.08 47.09
CA THR E 27 -13.16 0.86 46.59
C THR E 27 -12.17 1.55 47.53
N LEU E 28 -12.42 2.81 47.89
CA LEU E 28 -11.49 3.54 48.80
C LEU E 28 -11.39 2.82 50.14
N ALA E 29 -12.52 2.40 50.71
CA ALA E 29 -12.54 1.76 52.03
C ALA E 29 -11.81 0.41 51.99
N ALA E 30 -11.91 -0.32 50.88
CA ALA E 30 -11.26 -1.65 50.75
C ALA E 30 -9.73 -1.51 50.71
N SER E 31 -9.22 -0.33 50.40
CA SER E 31 -7.76 -0.03 50.41
C SER E 31 -7.34 0.75 51.65
N GLY E 32 -8.25 0.89 52.63
CA GLY E 32 -7.89 1.36 53.97
C GLY E 32 -8.25 2.80 54.28
N ALA E 33 -8.80 3.55 53.34
CA ALA E 33 -9.29 4.92 53.64
C ALA E 33 -10.48 4.84 54.58
N ALA E 34 -10.55 5.75 55.55
CA ALA E 34 -11.72 5.91 56.43
C ALA E 34 -12.73 6.82 55.73
N VAL E 35 -13.84 6.26 55.27
CA VAL E 35 -14.71 6.96 54.29
C VAL E 35 -15.89 7.60 54.99
N LEU E 36 -16.04 8.92 54.84
CA LEU E 36 -17.28 9.60 55.25
C LEU E 36 -18.21 9.60 54.04
N VAL E 37 -19.28 8.84 54.15
CA VAL E 37 -20.32 8.73 53.10
C VAL E 37 -21.35 9.83 53.35
N THR E 38 -21.40 10.84 52.49
CA THR E 38 -22.40 11.93 52.62
C THR E 38 -23.43 11.79 51.51
N ASP E 39 -24.69 12.04 51.85
CA ASP E 39 -25.81 11.85 50.91
C ASP E 39 -27.05 12.52 51.47
N LEU E 40 -27.92 13.00 50.58
CA LEU E 40 -29.30 13.42 50.95
C LEU E 40 -30.03 12.28 51.64
N ASN E 41 -29.83 11.06 51.11
CA ASN E 41 -30.54 9.83 51.51
C ASN E 41 -29.79 9.14 52.65
N GLU E 42 -30.26 9.36 53.88
CA GLU E 42 -29.57 8.86 55.09
C GLU E 42 -29.56 7.33 55.12
N GLU E 43 -30.67 6.70 54.69
CA GLU E 43 -30.77 5.22 54.66
C GLU E 43 -29.72 4.61 53.73
N HIS E 44 -29.59 5.19 52.53
CA HIS E 44 -28.60 4.75 51.53
C HIS E 44 -27.19 4.94 52.08
N ALA E 45 -26.92 6.09 52.68
CA ALA E 45 -25.59 6.43 53.24
C ALA E 45 -25.24 5.42 54.34
N GLN E 46 -26.18 5.12 55.23
CA GLN E 46 -25.95 4.14 56.31
C GLN E 46 -25.75 2.73 55.72
N ALA E 47 -26.46 2.40 54.65
CA ALA E 47 -26.39 1.07 54.02
C ALA E 47 -24.98 0.86 53.45
N VAL E 48 -24.41 1.89 52.84
CA VAL E 48 -23.04 1.80 52.26
C VAL E 48 -22.03 1.68 53.40
N VAL E 49 -22.24 2.42 54.49
CA VAL E 49 -21.35 2.31 55.68
C VAL E 49 -21.38 0.86 56.19
N ALA E 50 -22.56 0.25 56.28
CA ALA E 50 -22.69 -1.15 56.72
C ALA E 50 -21.96 -2.10 55.77
N GLU E 51 -22.04 -1.86 54.45
CA GLU E 51 -21.31 -2.67 53.45
C GLU E 51 -19.82 -2.60 53.73
N ILE E 52 -19.33 -1.38 53.92
CA ILE E 52 -17.89 -1.13 54.14
C ILE E 52 -17.45 -1.85 55.41
N GLU E 53 -18.21 -1.72 56.50
CA GLU E 53 -17.85 -2.33 57.79
C GLU E 53 -17.92 -3.85 57.69
N ALA E 54 -18.88 -4.38 56.94
CA ALA E 54 -19.03 -5.84 56.75
C ALA E 54 -17.79 -6.43 56.04
N ALA E 55 -17.12 -5.62 55.22
CA ALA E 55 -15.90 -6.04 54.49
C ALA E 55 -14.63 -5.73 55.31
N GLY E 56 -14.80 -5.22 56.54
CA GLY E 56 -13.67 -4.97 57.46
C GLY E 56 -13.12 -3.56 57.37
N GLY E 57 -13.79 -2.68 56.65
CA GLY E 57 -13.33 -1.30 56.45
C GLY E 57 -13.87 -0.36 57.49
N LYS E 58 -13.43 0.89 57.42
CA LYS E 58 -13.85 1.96 58.35
C LYS E 58 -14.64 3.00 57.57
N ALA E 59 -15.82 3.33 58.06
CA ALA E 59 -16.66 4.37 57.45
C ALA E 59 -17.65 4.94 58.45
N ALA E 60 -18.22 6.07 58.10
CA ALA E 60 -19.31 6.71 58.85
C ALA E 60 -20.18 7.49 57.87
N ALA E 61 -21.44 7.68 58.24
CA ALA E 61 -22.42 8.36 57.39
C ALA E 61 -22.68 9.76 57.93
N LEU E 62 -22.86 10.71 57.03
CA LEU E 62 -23.42 12.04 57.38
C LEU E 62 -24.45 12.42 56.33
N ALA E 63 -25.70 12.55 56.76
CA ALA E 63 -26.82 12.87 55.86
C ALA E 63 -26.97 14.39 55.76
N GLY E 64 -27.12 14.89 54.53
CA GLY E 64 -27.38 16.31 54.32
C GLY E 64 -27.27 16.69 52.86
N ASP E 65 -27.32 18.00 52.61
CA ASP E 65 -27.44 18.58 51.27
C ASP E 65 -26.17 19.37 50.95
N VAL E 66 -25.43 18.94 49.93
CA VAL E 66 -24.15 19.61 49.55
C VAL E 66 -24.37 21.06 49.10
N THR E 67 -25.60 21.47 48.74
CA THR E 67 -25.88 22.87 48.33
C THR E 67 -25.88 23.80 49.54
N ASP E 68 -25.89 23.26 50.76
CA ASP E 68 -25.71 24.08 51.98
C ASP E 68 -24.21 24.13 52.29
N PRO E 69 -23.56 25.32 52.18
CA PRO E 69 -22.13 25.42 52.50
C PRO E 69 -21.78 24.91 53.90
N ALA E 70 -22.68 25.07 54.87
CA ALA E 70 -22.47 24.61 56.24
C ALA E 70 -22.32 23.09 56.27
N PHE E 71 -23.01 22.37 55.38
CA PHE E 71 -22.94 20.89 55.33
C PHE E 71 -21.55 20.42 54.87
N GLY E 72 -20.96 21.10 53.89
CA GLY E 72 -19.60 20.78 53.45
C GLY E 72 -18.58 20.99 54.56
N GLU E 73 -18.76 22.04 55.36
CA GLU E 73 -17.92 22.32 56.54
C GLU E 73 -18.08 21.20 57.55
N ALA E 74 -19.31 20.80 57.82
CA ALA E 74 -19.64 19.70 58.76
C ALA E 74 -19.05 18.38 58.24
N SER E 75 -19.05 18.17 56.93
CA SER E 75 -18.49 16.95 56.32
C SER E 75 -16.97 16.89 56.57
N VAL E 76 -16.28 18.00 56.40
CA VAL E 76 -14.81 18.06 56.61
C VAL E 76 -14.49 17.80 58.09
N ALA E 77 -15.23 18.43 59.00
CA ALA E 77 -15.05 18.21 60.45
C ALA E 77 -15.25 16.73 60.79
N ALA E 78 -16.30 16.11 60.26
CA ALA E 78 -16.66 14.70 60.56
C ALA E 78 -15.61 13.74 59.98
N ALA E 79 -15.12 14.04 58.78
CA ALA E 79 -14.06 13.23 58.16
C ALA E 79 -12.76 13.33 58.97
N ASN E 80 -12.37 14.55 59.34
CA ASN E 80 -11.11 14.77 60.12
C ASN E 80 -11.15 14.04 61.46
N ALA E 81 -12.34 13.82 62.03
CA ALA E 81 -12.50 13.08 63.30
C ALA E 81 -12.15 11.59 63.13
N LEU E 82 -12.36 11.03 61.92
CA LEU E 82 -12.02 9.61 61.65
C LEU E 82 -10.50 9.47 61.48
N ALA E 83 -9.90 10.34 60.68
CA ALA E 83 -8.47 10.31 60.32
C ALA E 83 -8.19 11.58 59.52
N PRO E 84 -6.91 11.97 59.32
CA PRO E 84 -6.64 13.21 58.61
C PRO E 84 -7.26 13.20 57.20
N LEU E 85 -8.01 14.25 56.89
CA LEU E 85 -8.73 14.36 55.60
C LEU E 85 -7.70 14.59 54.49
N LYS E 86 -7.58 13.64 53.58
CA LYS E 86 -6.64 13.76 52.44
C LYS E 86 -7.26 13.32 51.11
N ILE E 87 -8.56 13.00 51.12
CA ILE E 87 -9.29 12.65 49.88
C ILE E 87 -10.68 13.27 49.98
N ALA E 88 -11.13 13.90 48.90
CA ALA E 88 -12.53 14.31 48.76
C ALA E 88 -12.95 14.02 47.33
N VAL E 89 -14.06 13.31 47.19
CA VAL E 89 -14.64 13.01 45.86
C VAL E 89 -15.98 13.73 45.82
N ASN E 90 -16.04 14.82 45.05
CA ASN E 90 -17.27 15.62 44.90
C ASN E 90 -18.09 15.00 43.77
N ASN E 91 -18.94 14.05 44.15
CA ASN E 91 -19.63 13.13 43.21
C ASN E 91 -21.14 13.43 43.15
N ALA E 92 -21.73 13.98 44.21
CA ALA E 92 -23.19 14.25 44.22
C ALA E 92 -23.56 15.04 42.97
N GLY E 93 -24.65 14.64 42.31
CA GLY E 93 -25.09 15.31 41.09
C GLY E 93 -26.50 14.89 40.68
N ILE E 94 -27.11 15.73 39.85
CA ILE E 94 -28.47 15.48 39.30
C ILE E 94 -28.43 15.73 37.79
N GLY E 95 -29.39 15.15 37.07
CA GLY E 95 -29.42 15.20 35.60
C GLY E 95 -30.06 16.47 35.07
N GLY E 96 -31.04 17.01 35.80
CA GLY E 96 -31.84 18.15 35.32
C GLY E 96 -32.91 17.69 34.35
N GLU E 97 -33.78 18.57 33.87
CA GLU E 97 -34.82 18.22 32.93
C GLU E 97 -34.33 18.02 31.52
N ALA E 98 -35.10 17.31 30.76
CA ALA E 98 -34.80 17.09 29.34
C ALA E 98 -35.56 18.12 28.51
N ALA E 99 -34.85 19.12 27.99
CA ALA E 99 -35.48 20.22 27.23
C ALA E 99 -34.42 20.96 26.44
N THR E 100 -34.84 21.64 25.38
CA THR E 100 -33.93 22.47 24.57
C THR E 100 -33.51 23.68 25.40
N VAL E 101 -32.40 24.30 25.01
CA VAL E 101 -31.92 25.54 25.67
C VAL E 101 -33.04 26.59 25.66
N GLY E 102 -33.71 26.76 24.52
CA GLY E 102 -34.75 27.80 24.38
C GLY E 102 -35.94 27.56 25.31
N ASP E 103 -36.24 26.29 25.57
CA ASP E 103 -37.40 25.89 26.40
C ASP E 103 -37.01 25.67 27.87
N TYR E 104 -35.71 25.56 28.15
CA TYR E 104 -35.22 25.07 29.46
C TYR E 104 -35.83 25.89 30.59
N SER E 105 -36.29 25.20 31.63
CA SER E 105 -36.84 25.86 32.84
C SER E 105 -35.72 26.63 33.55
N LEU E 106 -35.96 27.91 33.87
CA LEU E 106 -34.99 28.74 34.62
C LEU E 106 -34.64 28.06 35.94
N ASP E 107 -35.65 27.55 36.65
CA ASP E 107 -35.43 26.91 37.97
C ASP E 107 -34.62 25.61 37.82
N SER E 108 -34.92 24.81 36.80
CA SER E 108 -34.18 23.55 36.54
C SER E 108 -32.72 23.87 36.22
N TRP E 109 -32.49 24.83 35.32
CA TRP E 109 -31.13 25.33 35.01
C TRP E 109 -30.41 25.69 36.32
N ARG E 110 -31.01 26.56 37.13
CA ARG E 110 -30.36 27.06 38.35
C ARG E 110 -30.10 25.92 39.34
N LYS E 111 -31.01 24.95 39.42
CA LYS E 111 -30.85 23.82 40.36
C LYS E 111 -29.66 22.93 39.93
N VAL E 112 -29.56 22.65 38.64
CA VAL E 112 -28.44 21.84 38.09
C VAL E 112 -27.12 22.55 38.35
N ILE E 113 -27.05 23.84 38.04
CA ILE E 113 -25.81 24.60 38.32
C ILE E 113 -25.54 24.53 39.83
N GLU E 114 -26.57 24.67 40.65
CA GLU E 114 -26.36 24.75 42.12
C GLU E 114 -25.76 23.45 42.66
N VAL E 115 -26.29 22.30 42.27
CA VAL E 115 -25.80 20.99 42.78
C VAL E 115 -24.50 20.63 42.06
N ASN E 116 -24.51 20.68 40.74
CA ASN E 116 -23.43 20.07 39.94
C ASN E 116 -22.18 20.96 39.87
N LEU E 117 -22.34 22.25 40.13
CA LEU E 117 -21.18 23.17 40.12
C LEU E 117 -21.01 23.85 41.48
N ASN E 118 -21.98 24.65 41.91
CA ASN E 118 -21.78 25.52 43.09
C ASN E 118 -21.51 24.67 44.34
N ALA E 119 -22.21 23.55 44.51
CA ALA E 119 -22.02 22.68 45.69
C ALA E 119 -20.62 22.06 45.69
N VAL E 120 -20.04 21.81 44.52
CA VAL E 120 -18.66 21.28 44.42
C VAL E 120 -17.73 22.37 44.96
N PHE E 121 -17.92 23.60 44.49
CA PHE E 121 -17.16 24.76 44.99
C PHE E 121 -17.36 24.92 46.51
N TYR E 122 -18.61 24.84 46.98
CA TYR E 122 -18.88 25.04 48.43
C TYR E 122 -18.10 24.00 49.24
N GLY E 123 -18.13 22.74 48.81
CA GLY E 123 -17.44 21.65 49.49
C GLY E 123 -15.92 21.82 49.43
N MSE E 124 -15.43 22.29 48.28
CA MSE E 124 -14.00 22.42 48.07
C MSE E 124 -13.38 23.42 49.03
O MSE E 124 -12.23 23.25 49.43
CB MSE E 124 -13.71 22.80 46.63
CG MSE E 124 -13.75 21.58 45.73
SE MSE E 124 -13.52 22.10 43.85
CE MSE E 124 -11.68 22.71 43.89
N GLN E 125 -14.12 24.47 49.42
CA GLN E 125 -13.51 25.50 50.25
C GLN E 125 -12.91 24.91 51.54
N PRO E 126 -13.69 24.22 52.40
CA PRO E 126 -13.11 23.59 53.60
C PRO E 126 -12.22 22.38 53.31
N GLN E 127 -12.48 21.65 52.22
CA GLN E 127 -11.62 20.51 51.82
C GLN E 127 -10.20 21.02 51.55
N LEU E 128 -10.08 22.03 50.69
CA LEU E 128 -8.76 22.59 50.32
C LEU E 128 -8.02 23.04 51.57
N LYS E 129 -8.70 23.77 52.45
CA LYS E 129 -8.04 24.35 53.65
C LYS E 129 -7.56 23.25 54.60
N ALA E 130 -8.36 22.19 54.77
CA ALA E 130 -8.02 21.07 55.68
C ALA E 130 -6.82 20.32 55.14
N MSE E 131 -6.83 20.07 53.83
CA MSE E 131 -5.76 19.31 53.20
C MSE E 131 -4.47 20.12 53.16
O MSE E 131 -3.39 19.56 53.35
CB MSE E 131 -6.22 18.88 51.81
CG MSE E 131 -7.27 17.81 51.92
SE MSE E 131 -7.72 17.09 50.17
CE MSE E 131 -9.56 16.54 50.58
N ALA E 132 -4.57 21.43 52.92
CA ALA E 132 -3.38 22.28 52.97
C ALA E 132 -2.79 22.29 54.38
N ALA E 133 -3.64 22.30 55.41
CA ALA E 133 -3.21 22.38 56.81
C ALA E 133 -2.49 21.10 57.24
N ASN E 134 -2.86 19.95 56.68
CA ASN E 134 -2.28 18.65 57.12
C ASN E 134 -1.30 18.08 56.10
N GLY E 135 -0.77 18.92 55.20
CA GLY E 135 0.42 18.57 54.40
C GLY E 135 0.08 18.04 53.02
N GLY E 136 -1.19 18.04 52.64
CA GLY E 136 -1.59 17.76 51.25
C GLY E 136 -2.68 16.72 51.15
N GLY E 137 -3.12 16.47 49.91
CA GLY E 137 -4.16 15.48 49.64
C GLY E 137 -4.61 15.54 48.20
N ALA E 138 -5.78 14.97 47.93
CA ALA E 138 -6.34 14.89 46.56
C ALA E 138 -7.84 15.15 46.60
N ILE E 139 -8.28 16.03 45.71
CA ILE E 139 -9.71 16.27 45.44
C ILE E 139 -10.01 15.76 44.05
N VAL E 140 -10.98 14.86 43.94
CA VAL E 140 -11.43 14.32 42.64
C VAL E 140 -12.85 14.82 42.41
N ASN E 141 -13.03 15.62 41.36
CA ASN E 141 -14.35 16.14 40.99
C ASN E 141 -14.95 15.24 39.91
N MSE E 142 -16.20 14.82 40.11
CA MSE E 142 -16.86 13.95 39.16
C MSE E 142 -17.46 14.79 38.07
O MSE E 142 -18.53 15.38 38.25
CB MSE E 142 -17.94 13.09 39.82
CG MSE E 142 -18.43 11.95 38.94
SE MSE E 142 -17.03 10.59 38.66
CE MSE E 142 -16.87 9.93 40.52
N ALA E 143 -16.76 14.86 36.93
CA ALA E 143 -17.30 15.55 35.77
C ALA E 143 -18.04 14.52 34.91
N SER E 144 -17.79 14.51 33.60
CA SER E 144 -18.48 13.64 32.63
C SER E 144 -17.76 13.78 31.30
N ILE E 145 -18.02 12.86 30.39
CA ILE E 145 -17.77 13.13 28.95
C ILE E 145 -18.42 14.48 28.59
N LEU E 146 -19.55 14.80 29.23
CA LEU E 146 -20.32 16.02 28.92
C LEU E 146 -19.67 17.26 29.53
N GLY E 147 -18.48 17.11 30.13
CA GLY E 147 -17.59 18.23 30.42
C GLY E 147 -16.77 18.70 29.22
N SER E 148 -16.77 17.93 28.12
CA SER E 148 -15.95 18.29 26.93
C SER E 148 -16.73 18.21 25.61
N VAL E 149 -17.84 17.50 25.59
CA VAL E 149 -18.76 17.49 24.43
C VAL E 149 -20.18 17.79 24.92
N GLY E 150 -21.07 18.06 23.98
CA GLY E 150 -22.48 18.36 24.28
C GLY E 150 -23.34 17.13 24.11
N PHE E 151 -24.60 17.25 24.56
CA PHE E 151 -25.63 16.21 24.37
C PHE E 151 -26.99 16.90 24.31
N ALA E 152 -27.65 16.86 23.17
CA ALA E 152 -28.91 17.62 22.96
C ALA E 152 -29.88 17.38 24.12
N ASN E 153 -30.45 18.47 24.62
CA ASN E 153 -31.55 18.51 25.64
C ASN E 153 -31.04 18.35 27.08
N SER E 154 -29.73 18.35 27.31
CA SER E 154 -29.17 18.37 28.67
C SER E 154 -28.18 19.53 28.83
N SER E 155 -28.54 20.71 28.35
CA SER E 155 -27.63 21.87 28.32
C SER E 155 -27.13 22.27 29.70
N ALA E 156 -28.00 22.30 30.72
CA ALA E 156 -27.62 22.75 32.07
C ALA E 156 -26.55 21.81 32.62
N TYR E 157 -26.79 20.51 32.45
CA TYR E 157 -25.87 19.46 32.90
C TYR E 157 -24.52 19.59 32.21
N VAL E 158 -24.56 19.71 30.89
CA VAL E 158 -23.33 19.84 30.05
C VAL E 158 -22.55 21.10 30.50
N THR E 159 -23.27 22.19 30.69
CA THR E 159 -22.68 23.48 31.13
C THR E 159 -21.97 23.31 32.49
N ALA E 160 -22.66 22.73 33.47
CA ALA E 160 -22.09 22.53 34.82
C ALA E 160 -20.86 21.62 34.76
N LYS E 161 -20.91 20.55 33.97
CA LYS E 161 -19.78 19.61 33.87
C LYS E 161 -18.59 20.28 33.19
N HIS E 162 -18.82 21.10 32.16
CA HIS E 162 -17.75 21.94 31.56
C HIS E 162 -17.14 22.87 32.61
N ALA E 163 -17.97 23.52 33.42
CA ALA E 163 -17.51 24.48 34.45
C ALA E 163 -16.54 23.81 35.42
N LEU E 164 -16.81 22.54 35.76
CA LEU E 164 -15.98 21.80 36.73
C LEU E 164 -14.53 21.71 36.25
N LEU E 165 -14.30 21.62 34.94
CA LEU E 165 -12.90 21.48 34.45
C LEU E 165 -12.13 22.75 34.80
N GLY E 166 -12.77 23.91 34.70
CA GLY E 166 -12.12 25.20 35.05
C GLY E 166 -11.88 25.34 36.54
N LEU E 167 -12.89 25.01 37.36
CA LEU E 167 -12.75 25.03 38.83
C LEU E 167 -11.62 24.10 39.26
N THR E 168 -11.53 22.94 38.61
CA THR E 168 -10.50 21.92 38.88
C THR E 168 -9.11 22.50 38.55
N GLN E 169 -8.97 23.07 37.36
CA GLN E 169 -7.69 23.71 36.95
C GLN E 169 -7.29 24.76 37.96
N ASN E 170 -8.22 25.64 38.32
CA ASN E 170 -7.86 26.80 39.17
C ASN E 170 -7.42 26.36 40.56
N ALA E 171 -8.18 25.46 41.18
CA ALA E 171 -7.81 24.96 42.52
C ALA E 171 -6.47 24.23 42.44
N ALA E 172 -6.24 23.44 41.39
CA ALA E 172 -4.94 22.77 41.19
C ALA E 172 -3.79 23.78 41.19
N LEU E 173 -3.94 24.87 40.44
CA LEU E 173 -2.87 25.91 40.33
C LEU E 173 -2.64 26.57 41.69
N GLU E 174 -3.71 26.86 42.41
CA GLU E 174 -3.63 27.67 43.65
C GLU E 174 -3.08 26.88 44.84
N TYR E 175 -3.31 25.56 44.88
CA TYR E 175 -2.96 24.74 46.06
C TYR E 175 -1.87 23.71 45.76
N ALA E 176 -1.27 23.77 44.57
CA ALA E 176 -0.13 22.90 44.20
C ALA E 176 1.02 23.06 45.19
N ALA E 177 1.32 24.28 45.62
CA ALA E 177 2.44 24.55 46.56
C ALA E 177 2.16 23.87 47.91
N ASP E 178 0.89 23.68 48.25
CA ASP E 178 0.46 22.99 49.49
C ASP E 178 0.30 21.49 49.27
N LYS E 179 0.64 21.00 48.08
CA LYS E 179 0.57 19.57 47.71
C LYS E 179 -0.86 19.06 47.78
N VAL E 180 -1.84 19.93 47.54
CA VAL E 180 -3.25 19.48 47.37
C VAL E 180 -3.50 19.37 45.88
N ARG E 181 -3.68 18.15 45.40
CA ARG E 181 -3.96 17.88 43.98
C ARG E 181 -5.46 17.98 43.75
N VAL E 182 -5.83 18.47 42.58
CA VAL E 182 -7.26 18.57 42.21
C VAL E 182 -7.40 18.12 40.77
N VAL E 183 -8.25 17.12 40.54
CA VAL E 183 -8.42 16.51 39.21
C VAL E 183 -9.89 16.31 38.94
N ALA E 184 -10.21 16.11 37.66
CA ALA E 184 -11.58 15.82 37.22
C ALA E 184 -11.61 14.48 36.51
N VAL E 185 -12.62 13.68 36.81
CA VAL E 185 -12.87 12.40 36.12
C VAL E 185 -14.08 12.56 35.21
N GLY E 186 -13.99 12.03 33.98
CA GLY E 186 -15.05 12.19 32.97
C GLY E 186 -15.59 10.85 32.51
N PRO E 187 -16.56 10.26 33.26
CA PRO E 187 -17.12 9.00 32.79
C PRO E 187 -17.99 9.18 31.55
N GLY E 188 -18.00 8.17 30.69
CA GLY E 188 -19.05 8.02 29.70
C GLY E 188 -20.33 7.61 30.40
N PHE E 189 -21.31 7.13 29.65
CA PHE E 189 -22.55 6.67 30.26
C PHE E 189 -22.28 5.39 31.04
N ILE E 190 -22.75 5.37 32.30
CA ILE E 190 -22.49 4.28 33.27
C ILE E 190 -23.81 3.63 33.62
N ARG E 191 -23.86 2.30 33.50
CA ARG E 191 -25.10 1.56 33.82
C ARG E 191 -25.12 1.25 35.31
N THR E 192 -25.37 2.27 36.12
CA THR E 192 -25.72 2.08 37.54
C THR E 192 -27.02 1.30 37.60
N PRO E 193 -27.36 0.67 38.74
CA PRO E 193 -28.67 0.04 38.86
C PRO E 193 -29.83 0.99 38.55
N LEU E 194 -29.71 2.27 38.94
CA LEU E 194 -30.76 3.28 38.68
C LEU E 194 -30.91 3.48 37.17
N VAL E 195 -29.80 3.61 36.45
CA VAL E 195 -29.83 3.78 34.98
C VAL E 195 -30.45 2.53 34.34
N GLU E 196 -30.07 1.35 34.82
CA GLU E 196 -30.59 0.07 34.28
C GLU E 196 -32.12 0.02 34.43
N ALA E 197 -32.65 0.60 35.51
CA ALA E 197 -34.11 0.65 35.76
C ALA E 197 -34.79 1.68 34.86
N ASN E 198 -34.13 2.81 34.61
CA ASN E 198 -34.70 3.98 33.89
C ASN E 198 -34.72 3.76 32.38
N LEU E 199 -33.59 3.39 31.80
CA LEU E 199 -33.42 3.31 30.33
C LEU E 199 -34.34 2.23 29.76
N SER E 200 -35.07 2.55 28.69
CA SER E 200 -35.72 1.54 27.84
C SER E 200 -34.63 0.73 27.14
N ALA E 201 -34.96 -0.47 26.67
CA ALA E 201 -34.02 -1.32 25.91
C ALA E 201 -33.46 -0.53 24.73
N GLU E 202 -34.33 0.19 24.02
CA GLU E 202 -33.96 0.96 22.81
C GLU E 202 -33.02 2.12 23.16
N ALA E 203 -33.29 2.82 24.26
CA ALA E 203 -32.46 3.95 24.73
C ALA E 203 -31.09 3.43 25.15
N LEU E 204 -31.05 2.31 25.86
CA LEU E 204 -29.79 1.67 26.28
C LEU E 204 -28.96 1.28 25.04
N ALA E 205 -29.58 0.62 24.07
CA ALA E 205 -28.89 0.17 22.84
C ALA E 205 -28.30 1.37 22.10
N PHE E 206 -29.05 2.46 22.03
CA PHE E 206 -28.62 3.70 21.35
C PHE E 206 -27.34 4.22 22.00
N LEU E 207 -27.35 4.32 23.34
CA LEU E 207 -26.19 4.83 24.09
C LEU E 207 -24.99 3.88 23.95
N GLU E 208 -25.23 2.57 24.01
CA GLU E 208 -24.14 1.58 23.82
C GLU E 208 -23.43 1.84 22.49
N GLY E 209 -24.20 2.16 21.45
CA GLY E 209 -23.67 2.39 20.10
C GLY E 209 -22.79 3.64 19.99
N LYS E 210 -22.88 4.53 20.97
CA LYS E 210 -22.08 5.78 21.00
C LYS E 210 -20.72 5.54 21.68
N HIS E 211 -20.52 4.38 22.29
CA HIS E 211 -19.23 4.02 22.94
C HIS E 211 -18.50 3.00 22.08
N ALA E 212 -17.23 3.24 21.76
CA ALA E 212 -16.47 2.29 20.93
C ALA E 212 -16.54 0.88 21.51
N LEU E 213 -16.49 0.75 22.84
CA LEU E 213 -16.49 -0.59 23.48
C LEU E 213 -17.85 -1.27 23.34
N GLY E 214 -18.89 -0.55 22.92
CA GLY E 214 -20.19 -1.16 22.59
C GLY E 214 -20.98 -1.53 23.83
N ARG E 215 -20.66 -0.90 24.95
CA ARG E 215 -21.37 -1.11 26.22
C ARG E 215 -21.28 0.18 27.04
N LEU E 216 -22.19 0.33 28.00
CA LEU E 216 -22.04 1.36 29.04
C LEU E 216 -21.01 0.90 30.05
N GLY E 217 -20.42 1.83 30.78
CA GLY E 217 -19.42 1.50 31.81
C GLY E 217 -20.08 0.95 33.07
N GLU E 218 -19.31 0.26 33.88
CA GLU E 218 -19.75 -0.19 35.22
C GLU E 218 -19.31 0.83 36.26
N PRO E 219 -20.06 1.00 37.35
CA PRO E 219 -19.62 1.92 38.40
C PRO E 219 -18.22 1.62 38.93
N GLU E 220 -17.86 0.34 39.04
CA GLU E 220 -16.51 -0.08 39.52
C GLU E 220 -15.42 0.44 38.58
N GLU E 221 -15.74 0.59 37.30
CA GLU E 221 -14.75 1.02 36.28
C GLU E 221 -14.45 2.51 36.42
N VAL E 222 -15.39 3.27 36.99
CA VAL E 222 -15.14 4.70 37.35
C VAL E 222 -14.43 4.73 38.70
N ALA E 223 -14.88 3.94 39.66
CA ALA E 223 -14.34 3.94 41.03
C ALA E 223 -12.84 3.65 41.01
N SER E 224 -12.38 2.77 40.13
CA SER E 224 -10.96 2.36 40.10
C SER E 224 -10.10 3.58 39.75
N LEU E 225 -10.52 4.32 38.73
CA LEU E 225 -9.77 5.52 38.28
C LEU E 225 -9.81 6.59 39.37
N VAL E 226 -10.96 6.80 39.99
CA VAL E 226 -11.07 7.76 41.11
C VAL E 226 -10.11 7.36 42.24
N ALA E 227 -10.10 6.09 42.63
CA ALA E 227 -9.24 5.61 43.74
C ALA E 227 -7.78 5.81 43.38
N PHE E 228 -7.40 5.51 42.13
CA PHE E 228 -6.01 5.73 41.67
C PHE E 228 -5.64 7.20 41.81
N LEU E 229 -6.46 8.09 41.26
CA LEU E 229 -6.17 9.54 41.26
C LEU E 229 -6.16 10.12 42.67
N ALA E 230 -6.91 9.52 43.60
CA ALA E 230 -6.96 10.00 44.99
C ALA E 230 -5.78 9.47 45.80
N SER E 231 -4.95 8.61 45.22
CA SER E 231 -3.90 7.86 45.95
C SER E 231 -2.54 8.53 45.84
N ASP E 232 -1.61 8.10 46.68
CA ASP E 232 -0.22 8.65 46.68
C ASP E 232 0.51 8.29 45.39
N ALA E 233 0.02 7.26 44.67
CA ALA E 233 0.63 6.85 43.38
C ALA E 233 0.44 7.94 42.33
N ALA E 234 -0.59 8.78 42.48
CA ALA E 234 -0.95 9.84 41.53
C ALA E 234 -0.33 11.19 41.95
N SER E 235 0.79 11.15 42.66
CA SER E 235 1.41 12.35 43.27
C SER E 235 1.82 13.44 42.26
N PHE E 236 1.99 13.12 40.98
CA PHE E 236 2.35 14.14 39.97
C PHE E 236 1.14 14.46 39.08
N ILE E 237 -0.05 14.03 39.46
CA ILE E 237 -1.26 14.25 38.63
C ILE E 237 -2.13 15.32 39.29
N THR E 238 -2.21 16.49 38.68
CA THR E 238 -3.05 17.58 39.18
C THR E 238 -3.46 18.52 38.05
N GLY E 239 -4.66 19.08 38.18
CA GLY E 239 -5.20 20.05 37.21
C GLY E 239 -5.91 19.42 36.03
N SER E 240 -5.74 18.12 35.85
CA SER E 240 -6.07 17.40 34.61
C SER E 240 -7.44 16.71 34.66
N TYR E 241 -7.92 16.43 33.46
CA TYR E 241 -9.23 15.82 33.16
C TYR E 241 -8.97 14.43 32.60
N HIS E 242 -9.57 13.42 33.22
CA HIS E 242 -9.28 12.01 32.90
C HIS E 242 -10.57 11.31 32.51
N LEU E 243 -10.65 10.96 31.24
CA LEU E 243 -11.83 10.29 30.68
C LEU E 243 -11.83 8.81 31.01
N VAL E 244 -13.00 8.30 31.35
CA VAL E 244 -13.25 6.84 31.49
C VAL E 244 -14.55 6.60 30.72
N ASP E 245 -14.44 6.55 29.39
CA ASP E 245 -15.60 6.75 28.51
C ASP E 245 -15.73 5.71 27.39
N GLY E 246 -14.98 4.62 27.44
CA GLY E 246 -15.10 3.55 26.45
C GLY E 246 -14.95 4.03 25.01
N GLY E 247 -14.22 5.12 24.80
CA GLY E 247 -13.95 5.65 23.45
C GLY E 247 -14.94 6.69 22.97
N TYR E 248 -15.89 7.10 23.82
CA TYR E 248 -16.99 8.02 23.40
C TYR E 248 -16.43 9.27 22.71
N THR E 249 -15.43 9.91 23.33
CA THR E 249 -14.95 11.24 22.88
C THR E 249 -13.84 11.13 21.83
N ALA E 250 -13.39 9.91 21.54
CA ALA E 250 -12.33 9.64 20.55
C ALA E 250 -12.84 9.75 19.11
N GLN E 251 -14.15 9.94 18.93
N GLN E 251 -14.16 9.93 18.94
CA GLN E 251 -14.73 10.14 17.58
CA GLN E 251 -14.77 10.09 17.59
C GLN E 251 -15.65 11.36 17.61
C GLN E 251 -15.60 11.37 17.53
N MSE F 1 11.72 -47.33 -4.70
CA MSE F 1 12.72 -46.99 -3.65
C MSE F 1 13.21 -45.54 -3.75
O MSE F 1 14.34 -45.24 -3.38
CB MSE F 1 13.92 -47.94 -3.75
N ALA F 2 12.34 -44.64 -4.22
CA ALA F 2 12.70 -43.24 -4.34
C ALA F 2 12.77 -42.59 -2.96
N GLN F 3 13.85 -41.88 -2.68
CA GLN F 3 14.01 -41.09 -1.44
C GLN F 3 14.55 -39.71 -1.81
N TYR F 4 14.11 -38.70 -1.06
CA TYR F 4 14.45 -37.29 -1.31
C TYR F 4 15.18 -36.68 -0.11
N ASP F 5 16.15 -35.82 -0.41
CA ASP F 5 16.94 -35.13 0.62
C ASP F 5 16.12 -33.95 1.16
N VAL F 6 15.10 -34.27 1.96
CA VAL F 6 14.21 -33.24 2.56
C VAL F 6 14.10 -33.44 4.07
N ALA F 7 15.06 -34.14 4.67
CA ALA F 7 15.00 -34.46 6.12
C ALA F 7 15.45 -33.27 6.96
N ASP F 8 15.15 -33.34 8.26
CA ASP F 8 15.65 -32.39 9.28
C ASP F 8 15.21 -30.96 8.96
N ARG F 9 13.98 -30.82 8.49
CA ARG F 9 13.39 -29.51 8.20
C ARG F 9 11.87 -29.63 8.22
N SER F 10 11.17 -28.51 8.30
CA SER F 10 9.71 -28.50 8.16
C SER F 10 9.33 -28.07 6.74
N ALA F 11 8.15 -28.51 6.31
CA ALA F 11 7.59 -28.24 4.97
C ALA F 11 6.14 -27.82 5.14
N ILE F 12 5.77 -26.68 4.57
CA ILE F 12 4.33 -26.30 4.47
C ILE F 12 3.80 -26.86 3.16
N VAL F 13 2.65 -27.53 3.21
CA VAL F 13 1.92 -27.86 1.97
C VAL F 13 0.53 -27.25 2.08
N THR F 14 0.28 -26.16 1.34
CA THR F 14 -1.05 -25.52 1.32
C THR F 14 -1.99 -26.34 0.45
N GLY F 15 -3.26 -26.42 0.83
CA GLY F 15 -4.21 -27.32 0.15
C GLY F 15 -3.79 -28.78 0.27
N GLY F 16 -3.15 -29.13 1.38
CA GLY F 16 -2.58 -30.46 1.59
C GLY F 16 -3.61 -31.50 1.99
N GLY F 17 -4.87 -31.09 2.16
CA GLY F 17 -5.92 -32.02 2.63
C GLY F 17 -6.53 -32.86 1.51
N SER F 18 -6.15 -32.64 0.25
CA SER F 18 -6.82 -33.28 -0.91
C SER F 18 -5.86 -33.39 -2.10
N GLY F 19 -6.14 -34.33 -3.00
CA GLY F 19 -5.57 -34.34 -4.35
C GLY F 19 -4.07 -34.24 -4.40
N ILE F 20 -3.55 -33.30 -5.18
CA ILE F 20 -2.09 -33.18 -5.40
C ILE F 20 -1.39 -32.80 -4.10
N GLY F 21 -1.95 -31.86 -3.35
CA GLY F 21 -1.37 -31.44 -2.06
C GLY F 21 -1.21 -32.61 -1.11
N ARG F 22 -2.21 -33.48 -1.03
CA ARG F 22 -2.16 -34.69 -0.18
C ARG F 22 -0.98 -35.56 -0.61
N ALA F 23 -0.86 -35.81 -1.91
CA ALA F 23 0.22 -36.65 -2.47
C ALA F 23 1.57 -36.03 -2.15
N VAL F 24 1.69 -34.72 -2.30
CA VAL F 24 2.94 -33.98 -1.97
C VAL F 24 3.27 -34.18 -0.49
N ALA F 25 2.27 -34.01 0.39
CA ALA F 25 2.48 -34.12 1.83
C ALA F 25 2.97 -35.52 2.19
N LEU F 26 2.35 -36.55 1.63
CA LEU F 26 2.72 -37.95 1.92
C LEU F 26 4.16 -38.20 1.45
N THR F 27 4.51 -37.75 0.24
CA THR F 27 5.86 -38.00 -0.32
C THR F 27 6.93 -37.29 0.51
N LEU F 28 6.72 -36.00 0.82
CA LEU F 28 7.71 -35.26 1.64
C LEU F 28 7.90 -35.91 3.01
N ALA F 29 6.80 -36.26 3.70
CA ALA F 29 6.88 -36.87 5.04
C ALA F 29 7.58 -38.23 5.00
N ALA F 30 7.37 -39.01 3.93
CA ALA F 30 7.98 -40.35 3.79
C ALA F 30 9.50 -40.25 3.65
N SER F 31 10.02 -39.10 3.24
CA SER F 31 11.48 -38.85 3.15
C SER F 31 12.00 -38.02 4.34
N GLY F 32 11.18 -37.83 5.38
CA GLY F 32 11.64 -37.31 6.68
C GLY F 32 11.36 -35.83 6.92
N ALA F 33 10.68 -35.16 6.00
CA ALA F 33 10.25 -33.77 6.22
C ALA F 33 9.14 -33.76 7.28
N ALA F 34 9.20 -32.82 8.21
CA ALA F 34 8.10 -32.57 9.16
C ALA F 34 7.09 -31.69 8.43
N VAL F 35 5.95 -32.25 8.04
CA VAL F 35 5.02 -31.54 7.12
C VAL F 35 3.91 -30.85 7.91
N LEU F 36 3.76 -29.54 7.68
CA LEU F 36 2.53 -28.84 8.12
C LEU F 36 1.53 -28.86 6.98
N VAL F 37 0.45 -29.59 7.19
CA VAL F 37 -0.64 -29.72 6.19
C VAL F 37 -1.63 -28.60 6.46
N THR F 38 -1.74 -27.63 5.55
CA THR F 38 -2.69 -26.52 5.72
C THR F 38 -3.79 -26.64 4.69
N ASP F 39 -5.00 -26.30 5.11
CA ASP F 39 -6.18 -26.46 4.25
C ASP F 39 -7.35 -25.73 4.87
N LEU F 40 -8.26 -25.24 4.02
CA LEU F 40 -9.57 -24.75 4.46
C LEU F 40 -10.26 -25.84 5.30
N ASN F 41 -10.12 -27.09 4.86
CA ASN F 41 -10.87 -28.23 5.43
C ASN F 41 -10.04 -28.89 6.53
N GLU F 42 -10.40 -28.63 7.78
CA GLU F 42 -9.66 -29.12 8.95
C GLU F 42 -9.64 -30.65 8.98
N GLU F 43 -10.79 -31.28 8.77
CA GLU F 43 -10.91 -32.75 8.85
C GLU F 43 -10.08 -33.42 7.75
N HIS F 44 -10.04 -32.85 6.54
CA HIS F 44 -9.21 -33.38 5.45
C HIS F 44 -7.74 -33.27 5.83
N ALA F 45 -7.34 -32.12 6.37
CA ALA F 45 -5.94 -31.91 6.79
C ALA F 45 -5.57 -32.92 7.88
N GLN F 46 -6.49 -33.13 8.81
CA GLN F 46 -6.25 -34.07 9.94
C GLN F 46 -6.12 -35.49 9.39
N ALA F 47 -6.90 -35.82 8.36
CA ALA F 47 -6.88 -37.18 7.78
C ALA F 47 -5.51 -37.46 7.14
N VAL F 48 -4.94 -36.46 6.47
CA VAL F 48 -3.62 -36.61 5.80
C VAL F 48 -2.53 -36.74 6.87
N VAL F 49 -2.62 -35.95 7.94
CA VAL F 49 -1.68 -36.06 9.08
C VAL F 49 -1.74 -37.49 9.66
N ALA F 50 -2.95 -38.04 9.83
CA ALA F 50 -3.10 -39.40 10.40
C ALA F 50 -2.45 -40.43 9.47
N GLU F 51 -2.59 -40.26 8.17
CA GLU F 51 -1.96 -41.17 7.16
C GLU F 51 -0.44 -41.09 7.29
N ILE F 52 0.08 -39.87 7.36
CA ILE F 52 1.54 -39.64 7.46
C ILE F 52 2.06 -40.33 8.73
N GLU F 53 1.41 -40.10 9.86
CA GLU F 53 1.86 -40.66 11.15
C GLU F 53 1.79 -42.19 11.15
N ALA F 54 0.73 -42.77 10.57
CA ALA F 54 0.56 -44.23 10.51
C ALA F 54 1.70 -44.84 9.68
N ALA F 55 2.17 -44.13 8.66
CA ALA F 55 3.29 -44.57 7.80
C ALA F 55 4.65 -44.27 8.45
N GLY F 56 4.67 -43.73 9.67
CA GLY F 56 5.91 -43.51 10.45
C GLY F 56 6.50 -42.12 10.30
N GLY F 57 5.78 -41.18 9.69
CA GLY F 57 6.30 -39.82 9.48
C GLY F 57 5.85 -38.83 10.52
N LYS F 58 6.28 -37.58 10.38
CA LYS F 58 5.93 -36.48 11.28
C LYS F 58 5.13 -35.44 10.51
N ALA F 59 3.99 -35.05 11.06
CA ALA F 59 3.16 -33.98 10.48
C ALA F 59 2.23 -33.39 11.51
N ALA F 60 1.64 -32.26 11.14
CA ALA F 60 0.60 -31.58 11.93
C ALA F 60 -0.31 -30.84 10.96
N ALA F 61 -1.55 -30.63 11.37
CA ALA F 61 -2.56 -29.93 10.56
C ALA F 61 -2.73 -28.50 11.06
N LEU F 62 -3.01 -27.58 10.14
CA LEU F 62 -3.44 -26.22 10.50
C LEU F 62 -4.51 -25.79 9.51
N ALA F 63 -5.71 -25.57 10.02
CA ALA F 63 -6.87 -25.22 9.18
C ALA F 63 -6.99 -23.71 9.05
N GLY F 64 -7.21 -23.25 7.82
CA GLY F 64 -7.45 -21.83 7.57
C GLY F 64 -7.46 -21.51 6.10
N ASP F 65 -7.56 -20.22 5.81
CA ASP F 65 -7.76 -19.69 4.46
C ASP F 65 -6.50 -18.95 4.01
N VAL F 66 -5.84 -19.44 2.97
CA VAL F 66 -4.57 -18.83 2.48
C VAL F 66 -4.78 -17.42 1.95
N THR F 67 -6.02 -17.02 1.64
CA THR F 67 -6.29 -15.64 1.21
C THR F 67 -6.26 -14.66 2.38
N ASP F 68 -6.14 -15.14 3.61
CA ASP F 68 -5.88 -14.28 4.78
C ASP F 68 -4.38 -14.23 5.02
N PRO F 69 -3.70 -13.08 4.81
CA PRO F 69 -2.26 -13.01 5.02
C PRO F 69 -1.81 -13.48 6.42
N ALA F 70 -2.64 -13.24 7.43
CA ALA F 70 -2.37 -13.67 8.82
C ALA F 70 -2.23 -15.20 8.90
N PHE F 71 -2.95 -15.93 8.03
CA PHE F 71 -2.92 -17.40 8.07
C PHE F 71 -1.59 -17.94 7.54
N GLY F 72 -1.06 -17.32 6.50
CA GLY F 72 0.27 -17.69 5.99
C GLY F 72 1.34 -17.43 7.04
N GLU F 73 1.19 -16.34 7.80
CA GLU F 73 2.13 -16.03 8.91
C GLU F 73 2.03 -17.12 9.99
N ALA F 74 0.81 -17.47 10.38
CA ALA F 74 0.56 -18.52 11.40
C ALA F 74 1.09 -19.87 10.92
N SER F 75 1.00 -20.12 9.61
CA SER F 75 1.48 -21.39 9.02
C SER F 75 2.99 -21.47 9.15
N VAL F 76 3.69 -20.38 8.83
CA VAL F 76 5.17 -20.33 8.92
C VAL F 76 5.58 -20.54 10.38
N ALA F 77 4.89 -19.91 11.33
CA ALA F 77 5.21 -20.05 12.77
C ALA F 77 5.03 -21.50 13.23
N ALA F 78 3.92 -22.12 12.83
CA ALA F 78 3.58 -23.50 13.23
C ALA F 78 4.57 -24.50 12.61
N ALA F 79 4.94 -24.27 11.35
CA ALA F 79 5.93 -25.11 10.65
C ALA F 79 7.29 -25.00 11.35
N ASN F 80 7.74 -23.78 11.61
CA ASN F 80 9.05 -23.53 12.27
C ASN F 80 9.11 -24.22 13.63
N ALA F 81 7.97 -24.37 14.30
CA ALA F 81 7.90 -25.02 15.63
C ALA F 81 8.19 -26.52 15.54
N LEU F 82 7.94 -27.15 14.39
CA LEU F 82 8.22 -28.59 14.18
C LEU F 82 9.70 -28.78 13.90
N ALA F 83 10.24 -27.91 13.04
CA ALA F 83 11.63 -27.94 12.57
C ALA F 83 11.85 -26.69 11.72
N PRO F 84 13.12 -26.30 11.45
CA PRO F 84 13.36 -25.10 10.65
C PRO F 84 12.65 -25.19 9.29
N LEU F 85 11.88 -24.15 8.95
CA LEU F 85 11.12 -24.14 7.68
C LEU F 85 12.09 -23.99 6.53
N LYS F 86 12.12 -24.98 5.64
CA LYS F 86 12.99 -24.99 4.46
C LYS F 86 12.27 -25.51 3.21
N ILE F 87 10.98 -25.81 3.31
CA ILE F 87 10.16 -26.16 2.12
C ILE F 87 8.80 -25.50 2.26
N ALA F 88 8.30 -24.88 1.20
CA ALA F 88 6.89 -24.47 1.13
C ALA F 88 6.38 -24.83 -0.25
N VAL F 89 5.25 -25.51 -0.28
CA VAL F 89 4.55 -25.84 -1.53
C VAL F 89 3.23 -25.08 -1.53
N ASN F 90 3.15 -24.05 -2.36
CA ASN F 90 1.96 -23.20 -2.47
C ASN F 90 1.05 -23.85 -3.52
N ASN F 91 0.18 -24.72 -3.03
CA ASN F 91 -0.57 -25.68 -3.86
C ASN F 91 -2.08 -25.43 -3.84
N ALA F 92 -2.59 -24.81 -2.77
CA ALA F 92 -4.04 -24.52 -2.65
C ALA F 92 -4.51 -23.77 -3.90
N GLY F 93 -5.67 -24.17 -4.42
CA GLY F 93 -6.20 -23.54 -5.64
C GLY F 93 -7.61 -24.02 -5.94
N ILE F 94 -8.29 -23.26 -6.79
CA ILE F 94 -9.68 -23.54 -7.21
C ILE F 94 -9.76 -23.46 -8.73
N GLY F 95 -10.75 -24.14 -9.30
CA GLY F 95 -10.90 -24.22 -10.77
C GLY F 95 -11.53 -22.98 -11.36
N GLY F 96 -12.46 -22.37 -10.63
CA GLY F 96 -13.15 -21.14 -11.06
C GLY F 96 -14.37 -21.39 -11.92
N GLU F 97 -15.12 -20.33 -12.14
CA GLU F 97 -16.30 -20.35 -13.04
C GLU F 97 -15.86 -20.81 -14.43
N ALA F 98 -16.72 -21.58 -15.10
CA ALA F 98 -16.56 -21.95 -16.51
C ALA F 98 -17.40 -20.99 -17.35
N ALA F 99 -16.74 -20.05 -18.01
CA ALA F 99 -17.40 -18.98 -18.78
C ALA F 99 -16.39 -18.35 -19.71
N THR F 100 -16.86 -17.75 -20.79
CA THR F 100 -15.99 -16.97 -21.69
C THR F 100 -15.52 -15.72 -20.98
N VAL F 101 -14.43 -15.13 -21.46
CA VAL F 101 -13.90 -13.86 -20.88
C VAL F 101 -15.02 -12.81 -20.85
N GLY F 102 -15.80 -12.70 -21.93
CA GLY F 102 -16.88 -11.70 -22.04
C GLY F 102 -17.99 -11.91 -21.02
N ASP F 103 -18.26 -13.18 -20.66
CA ASP F 103 -19.37 -13.53 -19.73
C ASP F 103 -18.90 -13.63 -18.29
N TYR F 104 -17.59 -13.71 -18.08
CA TYR F 104 -17.03 -14.04 -16.75
C TYR F 104 -17.57 -13.05 -15.70
N SER F 105 -18.04 -13.56 -14.57
CA SER F 105 -18.51 -12.67 -13.49
C SER F 105 -17.32 -12.02 -12.79
N LEU F 106 -17.47 -10.75 -12.40
CA LEU F 106 -16.34 -10.01 -11.80
C LEU F 106 -15.94 -10.65 -10.48
N ASP F 107 -16.89 -11.04 -9.64
CA ASP F 107 -16.54 -11.64 -8.32
C ASP F 107 -15.84 -13.00 -8.56
N SER F 108 -16.30 -13.75 -9.55
CA SER F 108 -15.70 -15.06 -9.90
C SER F 108 -14.25 -14.88 -10.37
N TRP F 109 -14.02 -13.89 -11.22
CA TRP F 109 -12.67 -13.55 -11.70
C TRP F 109 -11.79 -13.22 -10.49
N ARG F 110 -12.26 -12.30 -9.66
CA ARG F 110 -11.47 -11.80 -8.51
C ARG F 110 -11.15 -12.93 -7.53
N LYS F 111 -12.09 -13.86 -7.36
CA LYS F 111 -11.89 -14.98 -6.41
C LYS F 111 -10.77 -15.90 -6.89
N VAL F 112 -10.74 -16.19 -8.18
CA VAL F 112 -9.70 -17.08 -8.75
C VAL F 112 -8.35 -16.39 -8.64
N ILE F 113 -8.29 -15.10 -8.96
CA ILE F 113 -7.02 -14.35 -8.81
C ILE F 113 -6.62 -14.36 -7.33
N GLU F 114 -7.59 -14.20 -6.43
CA GLU F 114 -7.25 -14.05 -4.99
C GLU F 114 -6.62 -15.33 -4.45
N VAL F 115 -7.19 -16.50 -4.78
CA VAL F 115 -6.70 -17.79 -4.23
C VAL F 115 -5.49 -18.26 -5.03
N ASN F 116 -5.59 -18.24 -6.35
CA ASN F 116 -4.58 -18.92 -7.19
C ASN F 116 -3.36 -18.04 -7.45
N LEU F 117 -3.46 -16.74 -7.24
CA LEU F 117 -2.28 -15.86 -7.34
C LEU F 117 -1.99 -15.14 -6.02
N ASN F 118 -2.90 -14.28 -5.57
CA ASN F 118 -2.56 -13.36 -4.46
C ASN F 118 -2.21 -14.14 -3.20
N ALA F 119 -2.91 -15.24 -2.91
CA ALA F 119 -2.66 -16.07 -1.71
C ALA F 119 -1.30 -16.75 -1.78
N VAL F 120 -0.83 -17.07 -2.99
CA VAL F 120 0.54 -17.61 -3.14
C VAL F 120 1.53 -16.54 -2.71
N PHE F 121 1.37 -15.33 -3.22
CA PHE F 121 2.17 -14.16 -2.81
C PHE F 121 2.06 -13.94 -1.29
N TYR F 122 0.85 -13.99 -0.74
CA TYR F 122 0.67 -13.71 0.71
C TYR F 122 1.49 -14.71 1.52
N GLY F 123 1.41 -15.99 1.17
CA GLY F 123 2.15 -17.04 1.88
C GLY F 123 3.66 -16.90 1.68
N MSE F 124 4.07 -16.51 0.48
CA MSE F 124 5.50 -16.40 0.16
C MSE F 124 6.20 -15.35 1.01
O MSE F 124 7.39 -15.48 1.27
CB MSE F 124 5.71 -16.08 -1.32
CG MSE F 124 5.54 -17.31 -2.15
SE MSE F 124 5.67 -16.93 -4.06
CE MSE F 124 7.49 -16.28 -4.18
N GLN F 125 5.49 -14.30 1.43
CA GLN F 125 6.17 -13.25 2.18
C GLN F 125 6.82 -13.81 3.45
N PRO F 126 6.08 -14.43 4.39
CA PRO F 126 6.72 -15.00 5.57
C PRO F 126 7.59 -16.21 5.28
N GLN F 127 7.25 -17.00 4.24
CA GLN F 127 8.06 -18.16 3.82
C GLN F 127 9.47 -17.70 3.44
N LEU F 128 9.54 -16.72 2.55
CA LEU F 128 10.85 -16.19 2.06
C LEU F 128 11.66 -15.65 3.24
N LYS F 129 11.05 -14.86 4.10
CA LYS F 129 11.77 -14.24 5.24
C LYS F 129 12.28 -15.31 6.19
N ALA F 130 11.49 -16.34 6.45
CA ALA F 130 11.87 -17.44 7.37
C ALA F 130 13.04 -18.22 6.80
N MSE F 131 12.96 -18.56 5.51
CA MSE F 131 13.98 -19.39 4.88
C MSE F 131 15.28 -18.62 4.71
O MSE F 131 16.36 -19.19 4.88
CB MSE F 131 13.46 -19.93 3.55
CG MSE F 131 12.39 -20.94 3.77
SE MSE F 131 11.85 -21.70 2.08
CE MSE F 131 10.02 -22.18 2.60
N ALA F 132 15.18 -17.32 4.40
CA ALA F 132 16.36 -16.47 4.32
C ALA F 132 17.06 -16.42 5.67
N ALA F 133 16.29 -16.30 6.76
CA ALA F 133 16.83 -16.16 8.12
C ALA F 133 17.49 -17.46 8.61
N ASN F 134 17.04 -18.62 8.14
CA ASN F 134 17.60 -19.90 8.64
C ASN F 134 18.51 -20.57 7.61
N GLY F 135 19.00 -19.83 6.62
CA GLY F 135 20.16 -20.25 5.79
C GLY F 135 19.80 -20.81 4.44
N GLY F 136 18.51 -20.76 4.06
CA GLY F 136 18.07 -21.15 2.71
C GLY F 136 16.93 -22.16 2.72
N GLY F 137 16.40 -22.43 1.54
CA GLY F 137 15.31 -23.40 1.40
C GLY F 137 14.76 -23.40 -0.01
N ALA F 138 13.56 -23.96 -0.16
CA ALA F 138 12.92 -24.10 -1.48
C ALA F 138 11.42 -23.82 -1.36
N ILE F 139 10.93 -22.98 -2.27
CA ILE F 139 9.48 -22.75 -2.45
C ILE F 139 9.08 -23.31 -3.80
N VAL F 140 8.06 -24.16 -3.79
CA VAL F 140 7.52 -24.75 -5.04
C VAL F 140 6.10 -24.23 -5.19
N ASN F 141 5.85 -23.49 -6.26
CA ASN F 141 4.52 -22.96 -6.57
C ASN F 141 3.85 -23.89 -7.57
N MSE F 142 2.61 -24.26 -7.26
CA MSE F 142 1.86 -25.17 -8.12
C MSE F 142 1.19 -24.34 -9.20
O MSE F 142 0.18 -23.70 -8.96
CB MSE F 142 0.82 -25.96 -7.33
CG MSE F 142 0.26 -27.12 -8.14
SE MSE F 142 1.61 -28.52 -8.45
CE MSE F 142 1.90 -29.04 -6.58
N ALA F 143 1.81 -24.33 -10.39
CA ALA F 143 1.21 -23.72 -11.54
C ALA F 143 0.41 -24.80 -12.29
N SER F 144 0.60 -24.89 -13.61
CA SER F 144 -0.19 -25.78 -14.48
C SER F 144 0.40 -25.69 -15.88
N ILE F 145 0.06 -26.64 -16.73
CA ILE F 145 0.18 -26.43 -18.20
C ILE F 145 -0.44 -25.08 -18.57
N LEU F 146 -1.52 -24.70 -17.87
CA LEU F 146 -2.28 -23.47 -18.19
C LEU F 146 -1.56 -22.22 -17.65
N GLY F 147 -0.33 -22.37 -17.14
CA GLY F 147 0.59 -21.25 -16.95
C GLY F 147 1.35 -20.90 -18.22
N SER F 148 1.25 -21.72 -19.27
CA SER F 148 1.98 -21.44 -20.54
C SER F 148 1.11 -21.56 -21.79
N VAL F 149 -0.06 -22.21 -21.70
CA VAL F 149 -1.05 -22.24 -22.80
C VAL F 149 -2.42 -21.93 -22.23
N GLY F 150 -3.36 -21.67 -23.13
CA GLY F 150 -4.74 -21.34 -22.75
C GLY F 150 -5.65 -22.54 -22.79
N PHE F 151 -6.86 -22.35 -22.29
CA PHE F 151 -7.93 -23.38 -22.33
C PHE F 151 -9.28 -22.66 -22.27
N ALA F 152 -10.06 -22.75 -23.34
CA ALA F 152 -11.30 -21.98 -23.48
C ALA F 152 -12.18 -22.14 -22.24
N ASN F 153 -12.71 -21.01 -21.77
CA ASN F 153 -13.70 -20.89 -20.67
C ASN F 153 -13.08 -20.98 -19.27
N SER F 154 -11.75 -20.99 -19.17
CA SER F 154 -11.04 -20.96 -17.87
C SER F 154 -10.03 -19.81 -17.81
N SER F 155 -10.40 -18.63 -18.30
CA SER F 155 -9.45 -17.50 -18.47
C SER F 155 -8.88 -17.04 -17.13
N ALA F 156 -9.69 -16.95 -16.07
CA ALA F 156 -9.19 -16.43 -14.78
C ALA F 156 -8.10 -17.39 -14.26
N TYR F 157 -8.38 -18.68 -14.35
CA TYR F 157 -7.45 -19.73 -13.90
C TYR F 157 -6.15 -19.66 -14.72
N VAL F 158 -6.29 -19.63 -16.05
CA VAL F 158 -5.14 -19.55 -16.97
C VAL F 158 -4.31 -18.31 -16.64
N THR F 159 -4.99 -17.19 -16.44
CA THR F 159 -4.34 -15.90 -16.11
C THR F 159 -3.53 -16.02 -14.81
N ALA F 160 -4.17 -16.52 -13.75
CA ALA F 160 -3.50 -16.70 -12.43
C ALA F 160 -2.28 -17.63 -12.57
N LYS F 161 -2.42 -18.72 -13.31
CA LYS F 161 -1.31 -19.70 -13.45
C LYS F 161 -0.14 -19.09 -14.22
N HIS F 162 -0.42 -18.32 -15.28
CA HIS F 162 0.62 -17.55 -15.99
C HIS F 162 1.31 -16.58 -15.03
N ALA F 163 0.53 -15.91 -14.19
CA ALA F 163 1.06 -14.90 -13.23
C ALA F 163 2.08 -15.56 -12.31
N LEU F 164 1.84 -16.80 -11.89
CA LEU F 164 2.72 -17.51 -10.95
C LEU F 164 4.13 -17.66 -11.53
N LEU F 165 4.28 -17.80 -12.83
CA LEU F 165 5.63 -17.96 -13.41
C LEU F 165 6.47 -16.70 -13.17
N GLY F 166 5.83 -15.52 -13.23
CA GLY F 166 6.54 -14.25 -13.02
C GLY F 166 6.86 -14.04 -11.54
N LEU F 167 5.91 -14.31 -10.66
CA LEU F 167 6.14 -14.23 -9.20
C LEU F 167 7.31 -15.15 -8.82
N THR F 168 7.31 -16.36 -9.39
CA THR F 168 8.36 -17.36 -9.17
C THR F 168 9.72 -16.83 -9.62
N GLN F 169 9.79 -16.33 -10.87
CA GLN F 169 11.05 -15.74 -11.38
C GLN F 169 11.53 -14.64 -10.44
N ASN F 170 10.65 -13.73 -10.04
CA ASN F 170 11.09 -12.55 -9.27
C ASN F 170 11.63 -12.95 -7.90
N ALA F 171 10.91 -13.80 -7.18
CA ALA F 171 11.35 -14.24 -5.84
C ALA F 171 12.68 -14.98 -5.99
N ALA F 172 12.82 -15.80 -7.03
CA ALA F 172 14.08 -16.53 -7.30
C ALA F 172 15.23 -15.54 -7.46
N LEU F 173 15.05 -14.48 -8.25
CA LEU F 173 16.13 -13.48 -8.46
C LEU F 173 16.48 -12.77 -7.15
N GLU F 174 15.46 -12.43 -6.36
CA GLU F 174 15.63 -11.55 -5.18
C GLU F 174 16.25 -12.31 -3.99
N TYR F 175 15.98 -13.62 -3.85
CA TYR F 175 16.41 -14.39 -2.66
C TYR F 175 17.45 -15.47 -2.98
N ALA F 176 17.94 -15.50 -4.22
CA ALA F 176 19.04 -16.42 -4.60
C ALA F 176 20.27 -16.19 -3.70
N ALA F 177 20.60 -14.93 -3.40
CA ALA F 177 21.78 -14.60 -2.60
C ALA F 177 21.64 -15.16 -1.17
N ASP F 178 20.39 -15.37 -0.74
CA ASP F 178 20.04 -15.98 0.57
C ASP F 178 19.84 -17.50 0.48
N LYS F 179 20.15 -18.10 -0.68
CA LYS F 179 20.05 -19.56 -0.93
C LYS F 179 18.60 -20.04 -0.80
N VAL F 180 17.63 -19.18 -1.07
CA VAL F 180 16.21 -19.57 -1.13
C VAL F 180 15.84 -19.74 -2.60
N ARG F 181 15.57 -20.98 -3.00
CA ARG F 181 15.18 -21.30 -4.38
C ARG F 181 13.67 -21.17 -4.51
N VAL F 182 13.21 -20.74 -5.68
CA VAL F 182 11.75 -20.63 -5.97
C VAL F 182 11.53 -21.17 -7.37
N VAL F 183 10.66 -22.17 -7.50
CA VAL F 183 10.36 -22.82 -8.80
C VAL F 183 8.87 -23.01 -8.93
N ALA F 184 8.46 -23.29 -10.16
CA ALA F 184 7.05 -23.52 -10.49
C ALA F 184 6.92 -24.88 -11.16
N VAL F 185 5.91 -25.63 -10.76
CA VAL F 185 5.58 -26.93 -11.39
C VAL F 185 4.30 -26.75 -12.20
N GLY F 186 4.28 -27.34 -13.40
CA GLY F 186 3.16 -27.25 -14.34
C GLY F 186 2.59 -28.60 -14.68
N PRO F 187 1.66 -29.14 -13.87
CA PRO F 187 1.03 -30.39 -14.25
C PRO F 187 0.05 -30.25 -15.42
N GLY F 188 0.01 -31.31 -16.23
CA GLY F 188 -1.12 -31.53 -17.13
C GLY F 188 -2.36 -31.84 -16.32
N PHE F 189 -3.39 -32.34 -16.96
CA PHE F 189 -4.60 -32.78 -16.26
C PHE F 189 -4.26 -34.02 -15.43
N ILE F 190 -4.66 -33.96 -14.16
CA ILE F 190 -4.33 -34.98 -13.14
C ILE F 190 -5.63 -35.59 -12.65
N ARG F 191 -5.61 -36.91 -12.53
CA ARG F 191 -6.76 -37.70 -12.09
C ARG F 191 -6.85 -37.65 -10.56
N THR F 192 -7.12 -36.46 -10.01
CA THR F 192 -7.50 -36.31 -8.60
C THR F 192 -8.91 -36.86 -8.42
N PRO F 193 -9.29 -37.26 -7.19
CA PRO F 193 -10.65 -37.73 -6.96
C PRO F 193 -11.75 -36.82 -7.52
N LEU F 194 -11.59 -35.49 -7.41
CA LEU F 194 -12.63 -34.54 -7.88
C LEU F 194 -12.63 -34.45 -9.41
N VAL F 195 -11.47 -34.56 -10.04
CA VAL F 195 -11.40 -34.61 -11.53
C VAL F 195 -12.13 -35.86 -12.00
N GLU F 196 -11.81 -37.02 -11.40
CA GLU F 196 -12.46 -38.31 -11.72
C GLU F 196 -13.97 -38.18 -11.58
N ALA F 197 -14.42 -37.58 -10.49
CA ALA F 197 -15.85 -37.51 -10.12
C ALA F 197 -16.59 -36.52 -11.02
N ASN F 198 -15.89 -35.53 -11.58
CA ASN F 198 -16.50 -34.51 -12.46
C ASN F 198 -16.68 -35.05 -13.88
N LEU F 199 -15.61 -35.60 -14.45
CA LEU F 199 -15.57 -36.02 -15.87
C LEU F 199 -16.54 -37.17 -16.13
N SER F 200 -17.38 -37.01 -17.14
CA SER F 200 -18.07 -38.14 -17.80
C SER F 200 -17.01 -39.03 -18.46
N ALA F 201 -17.35 -40.28 -18.73
CA ALA F 201 -16.44 -41.22 -19.43
C ALA F 201 -16.00 -40.62 -20.78
N GLU F 202 -16.88 -39.86 -21.43
CA GLU F 202 -16.58 -39.20 -22.73
C GLU F 202 -15.61 -38.03 -22.55
N ALA F 203 -15.88 -37.15 -21.59
CA ALA F 203 -15.07 -35.94 -21.34
C ALA F 203 -13.66 -36.34 -20.88
N LEU F 204 -13.57 -37.42 -20.12
CA LEU F 204 -12.29 -38.01 -19.69
C LEU F 204 -11.48 -38.44 -20.93
N ALA F 205 -12.13 -39.16 -21.84
CA ALA F 205 -11.49 -39.68 -23.07
C ALA F 205 -10.95 -38.51 -23.92
N PHE F 206 -11.69 -37.41 -23.98
CA PHE F 206 -11.30 -36.20 -24.75
C PHE F 206 -9.98 -35.64 -24.21
N LEU F 207 -9.90 -35.47 -22.89
CA LEU F 207 -8.70 -34.89 -22.23
C LEU F 207 -7.50 -35.82 -22.39
N GLU F 208 -7.72 -37.12 -22.25
CA GLU F 208 -6.67 -38.15 -22.45
C GLU F 208 -6.04 -37.99 -23.84
N GLY F 209 -6.88 -37.72 -24.84
CA GLY F 209 -6.44 -37.50 -26.23
C GLY F 209 -5.52 -36.31 -26.41
N LYS F 210 -5.58 -35.33 -25.50
CA LYS F 210 -4.74 -34.11 -25.55
C LYS F 210 -3.36 -34.33 -24.90
N HIS F 211 -3.15 -35.47 -24.23
CA HIS F 211 -1.83 -35.81 -23.66
C HIS F 211 -1.20 -36.91 -24.51
N ALA F 212 0.04 -36.71 -24.96
CA ALA F 212 0.75 -37.71 -25.78
C ALA F 212 0.71 -39.09 -25.12
N LEU F 213 0.85 -39.17 -23.80
CA LEU F 213 0.87 -40.47 -23.08
C LEU F 213 -0.49 -41.16 -23.11
N GLY F 214 -1.55 -40.46 -23.53
CA GLY F 214 -2.87 -41.06 -23.76
C GLY F 214 -3.61 -41.33 -22.45
N ARG F 215 -3.23 -40.64 -21.39
CA ARG F 215 -3.87 -40.75 -20.07
C ARG F 215 -3.66 -39.44 -19.32
N LEU F 216 -4.46 -39.23 -18.29
CA LEU F 216 -4.23 -38.14 -17.33
C LEU F 216 -3.13 -38.59 -16.36
N GLY F 217 -2.50 -37.63 -15.70
CA GLY F 217 -1.47 -37.92 -14.68
C GLY F 217 -2.08 -38.38 -13.38
N GLU F 218 -1.25 -38.97 -12.53
CA GLU F 218 -1.64 -39.34 -11.15
C GLU F 218 -1.06 -38.30 -10.19
N PRO F 219 -1.73 -38.03 -9.06
CA PRO F 219 -1.19 -37.11 -8.05
C PRO F 219 0.25 -37.42 -7.63
N GLU F 220 0.57 -38.71 -7.48
CA GLU F 220 1.92 -39.15 -7.06
C GLU F 220 2.96 -38.74 -8.11
N GLU F 221 2.57 -38.67 -9.37
CA GLU F 221 3.51 -38.29 -10.47
C GLU F 221 3.85 -36.79 -10.43
N VAL F 222 2.98 -35.96 -9.87
CA VAL F 222 3.29 -34.54 -9.59
C VAL F 222 4.12 -34.46 -8.30
N ALA F 223 3.69 -35.20 -7.27
CA ALA F 223 4.32 -35.16 -5.94
C ALA F 223 5.82 -35.49 -6.03
N SER F 224 6.19 -36.44 -6.89
CA SER F 224 7.60 -36.84 -7.03
C SER F 224 8.45 -35.65 -7.50
N LEU F 225 7.98 -34.94 -8.53
CA LEU F 225 8.73 -33.79 -9.08
C LEU F 225 8.80 -32.67 -8.04
N VAL F 226 7.69 -32.40 -7.36
CA VAL F 226 7.67 -31.39 -6.27
C VAL F 226 8.73 -31.75 -5.21
N ALA F 227 8.72 -33.00 -4.75
CA ALA F 227 9.65 -33.47 -3.70
C ALA F 227 11.09 -33.33 -4.19
N PHE F 228 11.36 -33.71 -5.43
CA PHE F 228 12.71 -33.55 -5.99
C PHE F 228 13.11 -32.08 -5.95
N LEU F 229 12.25 -31.21 -6.48
CA LEU F 229 12.56 -29.77 -6.60
C LEU F 229 12.71 -29.11 -5.22
N ALA F 230 12.02 -29.63 -4.21
CA ALA F 230 12.07 -29.08 -2.84
C ALA F 230 13.31 -29.58 -2.10
N SER F 231 14.04 -30.53 -2.67
CA SER F 231 15.13 -31.25 -1.97
C SER F 231 16.49 -30.63 -2.25
N ASP F 232 17.48 -31.03 -1.45
CA ASP F 232 18.87 -30.52 -1.55
C ASP F 232 19.51 -30.93 -2.88
N ALA F 233 19.02 -31.98 -3.52
CA ALA F 233 19.55 -32.45 -4.82
C ALA F 233 19.27 -31.41 -5.92
N ALA F 234 18.24 -30.58 -5.72
CA ALA F 234 17.83 -29.53 -6.69
C ALA F 234 18.49 -28.19 -6.37
N SER F 235 19.67 -28.20 -5.73
CA SER F 235 20.33 -26.99 -5.21
C SER F 235 20.73 -25.97 -6.28
N PHE F 236 20.79 -26.34 -7.57
CA PHE F 236 21.09 -25.36 -8.64
C PHE F 236 19.84 -25.05 -9.47
N ILE F 237 18.66 -25.47 -9.01
CA ILE F 237 17.41 -25.25 -9.77
C ILE F 237 16.61 -24.14 -9.09
N THR F 238 16.49 -23.00 -9.77
CA THR F 238 15.69 -21.87 -9.25
C THR F 238 15.22 -20.97 -10.38
N GLY F 239 14.06 -20.36 -10.17
CA GLY F 239 13.47 -19.40 -11.12
C GLY F 239 12.67 -20.08 -12.21
N SER F 240 12.78 -21.40 -12.32
CA SER F 240 12.37 -22.16 -13.52
C SER F 240 11.00 -22.83 -13.37
N TYR F 241 10.44 -23.16 -14.53
CA TYR F 241 9.11 -23.77 -14.70
C TYR F 241 9.29 -25.19 -15.22
N HIS F 242 8.71 -26.15 -14.52
CA HIS F 242 8.92 -27.58 -14.78
C HIS F 242 7.60 -28.29 -15.04
N LEU F 243 7.41 -28.68 -16.30
CA LEU F 243 6.17 -29.34 -16.75
C LEU F 243 6.17 -30.80 -16.32
N VAL F 244 5.01 -31.26 -15.86
CA VAL F 244 4.76 -32.70 -15.64
C VAL F 244 3.42 -32.97 -16.32
N ASP F 245 3.45 -33.08 -17.65
CA ASP F 245 2.22 -32.90 -18.47
C ASP F 245 1.99 -33.99 -19.52
N GLY F 246 2.72 -35.09 -19.45
CA GLY F 246 2.58 -36.20 -20.40
C GLY F 246 2.64 -35.78 -21.85
N GLY F 247 3.34 -34.67 -22.14
CA GLY F 247 3.56 -34.19 -23.51
C GLY F 247 2.52 -33.19 -24.00
N TYR F 248 1.60 -32.77 -23.13
CA TYR F 248 0.49 -31.87 -23.51
C TYR F 248 1.00 -30.63 -24.27
N THR F 249 2.03 -29.96 -23.75
CA THR F 249 2.51 -28.66 -24.31
C THR F 249 3.56 -28.85 -25.40
N ALA F 250 3.94 -30.09 -25.70
CA ALA F 250 4.95 -30.40 -26.73
C ALA F 250 4.38 -30.33 -28.15
N GLN F 251 3.06 -30.18 -28.27
N GLN F 251 3.05 -30.23 -28.28
CA GLN F 251 2.39 -30.01 -29.59
CA GLN F 251 2.37 -30.05 -29.58
C GLN F 251 1.51 -28.76 -29.59
C GLN F 251 1.49 -28.81 -29.53
N MSE G 1 7.28 6.56 -44.52
CA MSE G 1 6.02 6.39 -45.32
C MSE G 1 5.20 5.21 -44.84
O MSE G 1 4.39 4.68 -45.60
CB MSE G 1 6.36 6.21 -46.80
N ALA G 2 5.34 4.82 -43.58
CA ALA G 2 4.60 3.67 -43.05
C ALA G 2 3.11 4.03 -42.92
N GLN G 3 2.24 3.16 -43.43
CA GLN G 3 0.78 3.30 -43.28
C GLN G 3 0.18 1.95 -42.91
N TYR G 4 -0.86 1.98 -42.09
CA TYR G 4 -1.50 0.76 -41.55
C TYR G 4 -2.95 0.70 -42.01
N ASP G 5 -3.41 -0.52 -42.24
CA ASP G 5 -4.83 -0.77 -42.61
C ASP G 5 -5.69 -0.77 -41.35
N VAL G 6 -5.96 0.43 -40.82
CA VAL G 6 -6.79 0.64 -39.61
C VAL G 6 -7.90 1.67 -39.87
N ALA G 7 -8.25 1.92 -41.13
CA ALA G 7 -9.25 2.96 -41.43
C ALA G 7 -10.68 2.43 -41.26
N ASP G 8 -11.65 3.35 -41.26
CA ASP G 8 -13.10 3.03 -41.26
C ASP G 8 -13.48 2.25 -39.99
N ARG G 9 -12.84 2.57 -38.88
CA ARG G 9 -13.12 1.92 -37.59
C ARG G 9 -12.68 2.83 -36.46
N SER G 10 -13.16 2.55 -35.25
CA SER G 10 -12.69 3.25 -34.05
C SER G 10 -11.70 2.38 -33.28
N ALA G 11 -10.88 3.04 -32.48
CA ALA G 11 -9.83 2.40 -31.68
C ALA G 11 -9.83 3.00 -30.28
N ILE G 12 -9.89 2.17 -29.25
CA ILE G 12 -9.68 2.63 -27.86
C ILE G 12 -8.20 2.51 -27.58
N VAL G 13 -7.61 3.56 -27.02
CA VAL G 13 -6.26 3.48 -26.46
C VAL G 13 -6.36 3.90 -25.01
N THR G 14 -6.25 2.94 -24.08
CA THR G 14 -6.28 3.28 -22.65
C THR G 14 -4.92 3.81 -22.21
N GLY G 15 -4.91 4.71 -21.23
CA GLY G 15 -3.67 5.44 -20.89
C GLY G 15 -3.07 6.16 -22.10
N GLY G 16 -3.91 6.65 -23.01
CA GLY G 16 -3.46 7.31 -24.23
C GLY G 16 -3.02 8.75 -24.03
N GLY G 17 -3.08 9.28 -22.80
CA GLY G 17 -2.72 10.70 -22.55
C GLY G 17 -1.22 10.94 -22.42
N SER G 18 -0.41 9.89 -22.43
CA SER G 18 1.04 9.99 -22.11
C SER G 18 1.82 8.84 -22.73
N GLY G 19 3.12 9.04 -22.90
CA GLY G 19 4.09 7.96 -23.15
C GLY G 19 3.74 7.07 -24.33
N ILE G 20 3.77 5.76 -24.11
CA ILE G 20 3.54 4.77 -25.19
C ILE G 20 2.12 4.89 -25.72
N GLY G 21 1.14 5.05 -24.83
CA GLY G 21 -0.28 5.19 -25.22
C GLY G 21 -0.46 6.35 -26.16
N ARG G 22 0.16 7.48 -25.85
CA ARG G 22 0.10 8.69 -26.71
C ARG G 22 0.63 8.36 -28.12
N ALA G 23 1.79 7.71 -28.18
CA ALA G 23 2.43 7.36 -29.47
C ALA G 23 1.52 6.42 -30.26
N VAL G 24 0.92 5.45 -29.57
CA VAL G 24 -0.01 4.50 -30.23
C VAL G 24 -1.19 5.27 -30.82
N ALA G 25 -1.77 6.19 -30.05
CA ALA G 25 -2.94 6.97 -30.49
C ALA G 25 -2.56 7.79 -31.72
N LEU G 26 -1.41 8.45 -31.69
CA LEU G 26 -0.95 9.27 -32.83
C LEU G 26 -0.77 8.41 -34.08
N THR G 27 -0.16 7.24 -33.93
CA THR G 27 0.16 6.38 -35.08
C THR G 27 -1.14 5.81 -35.67
N LEU G 28 -2.04 5.34 -34.81
CA LEU G 28 -3.33 4.78 -35.29
C LEU G 28 -4.13 5.88 -36.02
N ALA G 29 -4.18 7.08 -35.44
CA ALA G 29 -5.01 8.15 -36.03
C ALA G 29 -4.41 8.62 -37.36
N ALA G 30 -3.09 8.60 -37.49
CA ALA G 30 -2.41 9.05 -38.73
C ALA G 30 -2.72 8.11 -39.89
N SER G 31 -3.15 6.88 -39.61
CA SER G 31 -3.50 5.89 -40.65
C SER G 31 -5.03 5.76 -40.78
N GLY G 32 -5.79 6.65 -40.15
CA GLY G 32 -7.23 6.82 -40.41
C GLY G 32 -8.16 6.21 -39.36
N ALA G 33 -7.64 5.60 -38.29
CA ALA G 33 -8.49 5.11 -37.20
C ALA G 33 -9.07 6.31 -36.44
N ALA G 34 -10.34 6.23 -36.06
CA ALA G 34 -10.99 7.20 -35.15
C ALA G 34 -10.65 6.78 -33.72
N VAL G 35 -9.77 7.53 -33.07
CA VAL G 35 -9.17 7.08 -31.80
C VAL G 35 -9.91 7.69 -30.60
N LEU G 36 -10.36 6.82 -29.70
CA LEU G 36 -10.86 7.26 -28.38
C LEU G 36 -9.68 7.18 -27.42
N VAL G 37 -9.19 8.34 -27.00
CA VAL G 37 -8.06 8.42 -26.06
C VAL G 37 -8.66 8.40 -24.66
N THR G 38 -8.44 7.34 -23.90
CA THR G 38 -8.96 7.27 -22.51
C THR G 38 -7.80 7.37 -21.53
N ASP G 39 -8.03 8.04 -20.41
CA ASP G 39 -6.97 8.29 -19.42
C ASP G 39 -7.60 8.81 -18.13
N LEU G 40 -6.93 8.56 -17.01
CA LEU G 40 -7.30 9.22 -15.72
C LEU G 40 -7.27 10.73 -15.90
N ASN G 41 -6.29 11.20 -16.66
CA ASN G 41 -5.97 12.63 -16.79
C ASN G 41 -6.70 13.20 -18.02
N GLU G 42 -7.80 13.91 -17.79
CA GLU G 42 -8.62 14.44 -18.90
C GLU G 42 -7.82 15.40 -19.76
N GLU G 43 -7.08 16.32 -19.15
CA GLU G 43 -6.34 17.34 -19.91
C GLU G 43 -5.25 16.69 -20.76
N HIS G 44 -4.56 15.68 -20.25
CA HIS G 44 -3.52 14.94 -21.02
C HIS G 44 -4.18 14.25 -22.21
N ALA G 45 -5.32 13.61 -21.99
CA ALA G 45 -6.07 12.94 -23.07
C ALA G 45 -6.49 13.97 -24.13
N GLN G 46 -6.99 15.12 -23.69
CA GLN G 46 -7.43 16.21 -24.59
C GLN G 46 -6.25 16.74 -25.41
N ALA G 47 -5.06 16.82 -24.81
CA ALA G 47 -3.85 17.33 -25.48
C ALA G 47 -3.48 16.40 -26.64
N VAL G 48 -3.61 15.10 -26.43
CA VAL G 48 -3.30 14.08 -27.47
C VAL G 48 -4.33 14.20 -28.58
N VAL G 49 -5.61 14.29 -28.23
CA VAL G 49 -6.70 14.47 -29.23
C VAL G 49 -6.42 15.73 -30.06
N ALA G 50 -6.00 16.82 -29.40
CA ALA G 50 -5.69 18.09 -30.12
C ALA G 50 -4.58 17.87 -31.13
N GLU G 51 -3.52 17.14 -30.74
CA GLU G 51 -2.39 16.82 -31.64
C GLU G 51 -2.89 16.01 -32.83
N ILE G 52 -3.71 15.00 -32.56
CA ILE G 52 -4.28 14.11 -33.60
C ILE G 52 -5.08 14.95 -34.60
N GLU G 53 -5.95 15.83 -34.10
CA GLU G 53 -6.83 16.63 -34.98
C GLU G 53 -6.01 17.66 -35.77
N ALA G 54 -4.99 18.27 -35.16
CA ALA G 54 -4.08 19.20 -35.85
C ALA G 54 -3.43 18.49 -37.06
N ALA G 55 -3.06 17.22 -36.91
CA ALA G 55 -2.38 16.43 -37.95
C ALA G 55 -3.35 15.91 -39.02
N GLY G 56 -4.65 16.16 -38.85
CA GLY G 56 -5.69 15.83 -39.84
C GLY G 56 -6.50 14.60 -39.48
N GLY G 57 -6.32 14.06 -38.27
CA GLY G 57 -6.98 12.81 -37.85
C GLY G 57 -8.27 13.04 -37.08
N LYS G 58 -8.92 11.95 -36.71
CA LYS G 58 -10.18 11.96 -35.93
C LYS G 58 -9.93 11.30 -34.59
N ALA G 59 -10.28 11.99 -33.52
CA ALA G 59 -10.14 11.47 -32.15
C ALA G 59 -11.07 12.20 -31.19
N ALA G 60 -11.27 11.58 -30.03
CA ALA G 60 -12.04 12.17 -28.92
C ALA G 60 -11.45 11.64 -27.62
N ALA G 61 -11.58 12.43 -26.56
CA ALA G 61 -11.02 12.09 -25.24
C ALA G 61 -12.14 11.62 -24.33
N LEU G 62 -11.86 10.62 -23.51
CA LEU G 62 -12.79 10.22 -22.43
C LEU G 62 -11.98 9.96 -21.17
N ALA G 63 -12.23 10.74 -20.14
CA ALA G 63 -11.48 10.63 -18.88
C ALA G 63 -12.20 9.67 -17.95
N GLY G 64 -11.42 8.81 -17.32
CA GLY G 64 -11.94 7.91 -16.29
C GLY G 64 -10.90 6.91 -15.88
N ASP G 65 -11.32 5.98 -15.05
CA ASP G 65 -10.43 5.01 -14.39
C ASP G 65 -10.75 3.62 -14.91
N VAL G 66 -9.80 2.97 -15.57
CA VAL G 66 -10.03 1.63 -16.17
C VAL G 66 -10.32 0.58 -15.10
N THR G 67 -9.99 0.84 -13.83
CA THR G 67 -10.30 -0.11 -12.74
C THR G 67 -11.78 -0.10 -12.40
N ASP G 68 -12.54 0.86 -12.92
CA ASP G 68 -14.01 0.85 -12.81
C ASP G 68 -14.56 0.13 -14.04
N PRO G 69 -15.14 -1.09 -13.88
CA PRO G 69 -15.68 -1.79 -15.05
C PRO G 69 -16.67 -0.93 -15.86
N ALA G 70 -17.44 -0.07 -15.18
CA ALA G 70 -18.40 0.81 -15.87
C ALA G 70 -17.68 1.73 -16.86
N PHE G 71 -16.43 2.10 -16.57
CA PHE G 71 -15.69 3.03 -17.43
C PHE G 71 -15.32 2.33 -18.75
N GLY G 72 -14.91 1.07 -18.69
CA GLY G 72 -14.60 0.32 -19.92
C GLY G 72 -15.83 0.16 -20.81
N GLU G 73 -17.00 0.01 -20.19
CA GLU G 73 -18.29 -0.07 -20.92
C GLU G 73 -18.56 1.28 -21.60
N ALA G 74 -18.37 2.38 -20.86
CA ALA G 74 -18.58 3.74 -21.38
C ALA G 74 -17.60 4.01 -22.52
N SER G 75 -16.38 3.49 -22.39
CA SER G 75 -15.33 3.67 -23.42
C SER G 75 -15.74 2.99 -24.72
N VAL G 76 -16.23 1.75 -24.64
CA VAL G 76 -16.69 1.01 -25.82
C VAL G 76 -17.86 1.76 -26.49
N ALA G 77 -18.81 2.26 -25.71
CA ALA G 77 -19.96 3.02 -26.26
C ALA G 77 -19.47 4.29 -26.97
N ALA G 78 -18.53 5.00 -26.36
CA ALA G 78 -18.01 6.27 -26.92
C ALA G 78 -17.24 5.98 -28.20
N ALA G 79 -16.46 4.90 -28.24
CA ALA G 79 -15.70 4.51 -29.44
C ALA G 79 -16.65 4.16 -30.58
N ASN G 80 -17.65 3.31 -30.31
CA ASN G 80 -18.66 2.90 -31.31
C ASN G 80 -19.40 4.12 -31.87
N ALA G 81 -19.57 5.18 -31.09
CA ALA G 81 -20.24 6.42 -31.55
C ALA G 81 -19.41 7.12 -32.64
N LEU G 82 -18.09 6.94 -32.62
CA LEU G 82 -17.19 7.54 -33.64
C LEU G 82 -17.24 6.72 -34.93
N ALA G 83 -17.10 5.41 -34.79
CA ALA G 83 -17.01 4.45 -35.90
C ALA G 83 -17.02 3.05 -35.29
N PRO G 84 -17.27 1.98 -36.06
CA PRO G 84 -17.33 0.66 -35.46
C PRO G 84 -16.03 0.30 -34.72
N LEU G 85 -16.15 -0.07 -33.45
CA LEU G 85 -14.99 -0.46 -32.63
C LEU G 85 -14.38 -1.73 -33.19
N LYS G 86 -13.14 -1.64 -33.66
CA LYS G 86 -12.42 -2.82 -34.17
C LYS G 86 -10.96 -2.85 -33.69
N ILE G 87 -10.57 -1.91 -32.81
CA ILE G 87 -9.22 -1.90 -32.19
C ILE G 87 -9.37 -1.49 -30.74
N ALA G 88 -8.71 -2.22 -29.84
CA ALA G 88 -8.55 -1.76 -28.46
C ALA G 88 -7.12 -2.02 -28.05
N VAL G 89 -6.49 -1.00 -27.47
CA VAL G 89 -5.12 -1.15 -26.93
C VAL G 89 -5.20 -0.91 -25.43
N ASN G 90 -5.09 -2.00 -24.68
CA ASN G 90 -5.16 -1.95 -23.20
C ASN G 90 -3.76 -1.64 -22.68
N ASN G 91 -3.48 -0.35 -22.56
CA ASN G 91 -2.11 0.16 -22.38
C ASN G 91 -1.94 0.82 -21.00
N ALA G 92 -3.01 1.34 -20.39
CA ALA G 92 -2.91 1.98 -19.07
C ALA G 92 -2.18 1.04 -18.12
N GLY G 93 -1.23 1.56 -17.35
CA GLY G 93 -0.47 0.77 -16.39
C GLY G 93 0.32 1.65 -15.45
N ILE G 94 0.74 1.06 -14.33
CA ILE G 94 1.53 1.73 -13.28
C ILE G 94 2.70 0.82 -12.88
N GLY G 95 3.72 1.41 -12.25
CA GLY G 95 4.99 0.72 -11.95
C GLY G 95 5.00 -0.05 -10.64
N GLY G 96 4.33 0.47 -9.60
CA GLY G 96 4.29 -0.13 -8.25
C GLY G 96 5.47 0.21 -7.35
N GLU G 97 5.38 -0.19 -6.09
CA GLU G 97 6.45 -0.04 -5.07
C GLU G 97 7.72 -0.76 -5.54
N ALA G 98 8.89 -0.18 -5.21
CA ALA G 98 10.19 -0.86 -5.40
C ALA G 98 10.58 -1.53 -4.08
N ALA G 99 10.38 -2.84 -3.99
CA ALA G 99 10.62 -3.61 -2.76
C ALA G 99 10.71 -5.09 -3.10
N THR G 100 11.33 -5.88 -2.23
CA THR G 100 11.41 -7.34 -2.39
C THR G 100 10.04 -7.96 -2.18
N VAL G 101 9.85 -9.18 -2.64
CA VAL G 101 8.57 -9.91 -2.42
C VAL G 101 8.25 -9.95 -0.93
N GLY G 102 9.25 -10.25 -0.08
CA GLY G 102 9.04 -10.35 1.37
C GLY G 102 8.60 -9.04 2.02
N ASP G 103 9.07 -7.92 1.50
CA ASP G 103 8.81 -6.56 2.05
C ASP G 103 7.60 -5.90 1.38
N TYR G 104 7.08 -6.50 0.31
CA TYR G 104 6.13 -5.82 -0.59
C TYR G 104 4.84 -5.47 0.16
N SER G 105 4.42 -4.23 -0.05
CA SER G 105 3.15 -3.70 0.46
C SER G 105 1.96 -4.48 -0.13
N LEU G 106 1.06 -4.98 0.73
CA LEU G 106 -0.18 -5.63 0.24
C LEU G 106 -0.98 -4.62 -0.58
N ASP G 107 -1.02 -3.37 -0.12
CA ASP G 107 -1.75 -2.29 -0.82
C ASP G 107 -1.16 -2.08 -2.23
N SER G 108 0.17 -1.96 -2.32
CA SER G 108 0.83 -1.74 -3.62
C SER G 108 0.64 -2.97 -4.52
N TRP G 109 0.80 -4.17 -3.98
CA TRP G 109 0.59 -5.43 -4.75
C TRP G 109 -0.81 -5.40 -5.38
N ARG G 110 -1.83 -5.14 -4.57
CA ARG G 110 -3.23 -5.23 -5.02
C ARG G 110 -3.52 -4.14 -6.04
N LYS G 111 -2.93 -2.96 -5.87
CA LYS G 111 -3.16 -1.83 -6.80
C LYS G 111 -2.53 -2.13 -8.16
N VAL G 112 -1.32 -2.70 -8.16
CA VAL G 112 -0.62 -3.03 -9.43
C VAL G 112 -1.39 -4.13 -10.15
N ILE G 113 -1.83 -5.16 -9.42
CA ILE G 113 -2.65 -6.23 -10.05
C ILE G 113 -3.94 -5.60 -10.58
N GLU G 114 -4.54 -4.68 -9.82
CA GLU G 114 -5.86 -4.13 -10.20
C GLU G 114 -5.79 -3.39 -11.53
N VAL G 115 -4.77 -2.56 -11.72
CA VAL G 115 -4.65 -1.74 -12.97
C VAL G 115 -4.03 -2.57 -14.08
N ASN G 116 -2.92 -3.22 -13.79
CA ASN G 116 -2.10 -3.83 -14.84
C ASN G 116 -2.69 -5.16 -15.31
N LEU G 117 -3.54 -5.77 -14.51
CA LEU G 117 -4.19 -7.03 -14.91
C LEU G 117 -5.70 -6.90 -14.91
N ASN G 118 -6.31 -6.65 -13.76
CA ASN G 118 -7.77 -6.79 -13.65
C ASN G 118 -8.48 -5.78 -14.57
N ALA G 119 -7.97 -4.56 -14.69
CA ALA G 119 -8.57 -3.51 -15.52
C ALA G 119 -8.45 -3.84 -17.02
N VAL G 120 -7.45 -4.62 -17.40
CA VAL G 120 -7.31 -5.09 -18.80
C VAL G 120 -8.46 -6.06 -19.06
N PHE G 121 -8.66 -7.00 -18.15
CA PHE G 121 -9.81 -7.93 -18.17
C PHE G 121 -11.13 -7.14 -18.17
N TYR G 122 -11.28 -6.16 -17.28
CA TYR G 122 -12.55 -5.38 -17.20
C TYR G 122 -12.87 -4.75 -18.56
N GLY G 123 -11.87 -4.11 -19.17
CA GLY G 123 -12.08 -3.46 -20.48
C GLY G 123 -12.34 -4.48 -21.59
N MSE G 124 -11.67 -5.62 -21.53
CA MSE G 124 -11.80 -6.62 -22.57
C MSE G 124 -13.21 -7.17 -22.68
O MSE G 124 -13.64 -7.54 -23.76
CB MSE G 124 -10.81 -7.77 -22.38
CG MSE G 124 -9.43 -7.40 -22.86
SE MSE G 124 -8.13 -8.78 -22.43
CE MSE G 124 -8.80 -10.24 -23.55
N GLN G 125 -13.98 -7.20 -21.58
CA GLN G 125 -15.30 -7.80 -21.64
C GLN G 125 -16.19 -7.08 -22.65
N PRO G 126 -16.42 -5.75 -22.51
CA PRO G 126 -17.22 -5.05 -23.52
C PRO G 126 -16.51 -4.90 -24.88
N GLN G 127 -15.18 -4.85 -24.88
CA GLN G 127 -14.39 -4.78 -26.13
C GLN G 127 -14.67 -6.03 -26.98
N LEU G 128 -14.51 -7.20 -26.37
CA LEU G 128 -14.70 -8.49 -27.08
C LEU G 128 -16.13 -8.58 -27.60
N LYS G 129 -17.11 -8.23 -26.78
CA LYS G 129 -18.53 -8.37 -27.18
C LYS G 129 -18.85 -7.42 -28.34
N ALA G 130 -18.33 -6.20 -28.29
CA ALA G 130 -18.60 -5.18 -29.33
C ALA G 130 -17.99 -5.60 -30.66
N MSE G 131 -16.74 -6.09 -30.62
CA MSE G 131 -16.03 -6.45 -31.83
C MSE G 131 -16.63 -7.71 -32.44
O MSE G 131 -16.70 -7.82 -33.67
CB MSE G 131 -14.54 -6.63 -31.53
CG MSE G 131 -13.92 -5.33 -31.14
SE MSE G 131 -11.98 -5.48 -31.02
CE MSE G 131 -11.60 -4.00 -29.78
N ALA G 132 -17.06 -8.65 -31.60
CA ALA G 132 -17.76 -9.83 -32.08
C ALA G 132 -19.01 -9.39 -32.84
N ALA G 133 -19.75 -8.44 -32.28
CA ALA G 133 -21.03 -7.98 -32.87
C ALA G 133 -20.81 -7.27 -34.20
N ASN G 134 -19.68 -6.60 -34.40
CA ASN G 134 -19.48 -5.87 -35.69
C ASN G 134 -18.51 -6.57 -36.63
N GLY G 135 -18.30 -7.88 -36.45
CA GLY G 135 -17.72 -8.72 -37.50
C GLY G 135 -16.25 -9.01 -37.30
N GLY G 136 -15.66 -8.52 -36.20
CA GLY G 136 -14.28 -8.84 -35.84
C GLY G 136 -13.47 -7.61 -35.52
N GLY G 137 -12.25 -7.83 -35.07
CA GLY G 137 -11.35 -6.74 -34.69
C GLY G 137 -10.10 -7.26 -34.04
N ALA G 138 -9.40 -6.39 -33.35
CA ALA G 138 -8.12 -6.71 -32.73
C ALA G 138 -7.99 -6.03 -31.38
N ILE G 139 -7.57 -6.80 -30.38
CA ILE G 139 -7.22 -6.27 -29.05
C ILE G 139 -5.73 -6.47 -28.88
N VAL G 140 -5.02 -5.39 -28.57
CA VAL G 140 -3.57 -5.45 -28.26
C VAL G 140 -3.41 -5.11 -26.79
N ASN G 141 -2.87 -6.05 -26.03
CA ASN G 141 -2.60 -5.84 -24.60
C ASN G 141 -1.13 -5.45 -24.42
N MSE G 142 -0.90 -4.38 -23.66
CA MSE G 142 0.45 -3.90 -23.46
C MSE G 142 1.05 -4.68 -22.30
O MSE G 142 0.78 -4.36 -21.14
CB MSE G 142 0.48 -2.40 -23.19
CG MSE G 142 1.88 -1.82 -23.31
SE MSE G 142 2.58 -1.87 -25.15
CE MSE G 142 1.30 -0.64 -25.99
N ALA G 143 1.84 -5.70 -22.64
CA ALA G 143 2.62 -6.43 -21.65
C ALA G 143 4.01 -5.76 -21.54
N SER G 144 5.07 -6.55 -21.56
CA SER G 144 6.44 -6.10 -21.29
C SER G 144 7.38 -7.26 -21.54
N ILE G 145 8.67 -6.99 -21.71
CA ILE G 145 9.71 -8.03 -21.46
C ILE G 145 9.43 -8.71 -20.12
N LEU G 146 8.93 -7.96 -19.14
CA LEU G 146 8.69 -8.49 -17.79
C LEU G 146 7.43 -9.35 -17.72
N GLY G 147 6.80 -9.61 -18.87
CA GLY G 147 5.82 -10.70 -18.99
C GLY G 147 6.46 -12.05 -19.25
N SER G 148 7.77 -12.12 -19.51
CA SER G 148 8.45 -13.41 -19.77
C SER G 148 9.72 -13.61 -18.94
N VAL G 149 10.29 -12.55 -18.37
CA VAL G 149 11.43 -12.62 -17.43
C VAL G 149 11.12 -11.76 -16.20
N GLY G 150 11.95 -11.91 -15.17
CA GLY G 150 11.81 -11.15 -13.91
C GLY G 150 12.70 -9.92 -13.86
N PHE G 151 12.48 -9.10 -12.84
CA PHE G 151 13.32 -7.92 -12.56
C PHE G 151 13.21 -7.61 -11.08
N ALA G 152 14.30 -7.83 -10.34
CA ALA G 152 14.30 -7.72 -8.87
C ALA G 152 13.63 -6.42 -8.42
N ASN G 153 12.73 -6.57 -7.45
CA ASN G 153 12.04 -5.51 -6.67
C ASN G 153 10.82 -4.94 -7.41
N SER G 154 10.42 -5.55 -8.52
CA SER G 154 9.18 -5.18 -9.24
C SER G 154 8.28 -6.40 -9.40
N SER G 155 8.13 -7.20 -8.35
CA SER G 155 7.42 -8.50 -8.44
C SER G 155 5.95 -8.32 -8.86
N ALA G 156 5.25 -7.34 -8.32
CA ALA G 156 3.80 -7.18 -8.62
C ALA G 156 3.64 -6.90 -10.12
N TYR G 157 4.47 -6.00 -10.62
CA TYR G 157 4.47 -5.58 -12.03
C TYR G 157 4.78 -6.78 -12.93
N VAL G 158 5.86 -7.48 -12.62
CA VAL G 158 6.30 -8.68 -13.38
C VAL G 158 5.16 -9.72 -13.39
N THR G 159 4.56 -9.93 -12.23
CA THR G 159 3.46 -10.91 -12.06
C THR G 159 2.28 -10.52 -12.95
N ALA G 160 1.86 -9.27 -12.89
CA ALA G 160 0.73 -8.76 -13.71
C ALA G 160 1.03 -8.92 -15.20
N LYS G 161 2.23 -8.57 -15.63
CA LYS G 161 2.59 -8.65 -17.07
C LYS G 161 2.62 -10.10 -17.53
N HIS G 162 3.11 -11.02 -16.70
CA HIS G 162 3.05 -12.47 -17.00
C HIS G 162 1.59 -12.90 -17.16
N ALA G 163 0.72 -12.44 -16.26
CA ALA G 163 -0.72 -12.78 -16.27
C ALA G 163 -1.35 -12.40 -17.60
N LEU G 164 -0.96 -11.26 -18.16
CA LEU G 164 -1.56 -10.77 -19.43
C LEU G 164 -1.36 -11.75 -20.58
N LEU G 165 -0.24 -12.48 -20.60
CA LEU G 165 0.02 -13.44 -21.69
C LEU G 165 -1.05 -14.54 -21.68
N GLY G 166 -1.47 -14.97 -20.49
CA GLY G 166 -2.51 -16.00 -20.36
C GLY G 166 -3.89 -15.49 -20.74
N LEU G 167 -4.24 -14.31 -20.25
CA LEU G 167 -5.52 -13.64 -20.59
C LEU G 167 -5.61 -13.46 -22.11
N THR G 168 -4.50 -13.04 -22.71
CA THR G 168 -4.39 -12.87 -24.18
C THR G 168 -4.64 -14.21 -24.88
N GLN G 169 -3.94 -15.27 -24.47
CA GLN G 169 -4.10 -16.60 -25.10
C GLN G 169 -5.57 -17.01 -25.00
N ASN G 170 -6.16 -16.89 -23.82
CA ASN G 170 -7.52 -17.43 -23.62
C ASN G 170 -8.55 -16.67 -24.45
N ALA G 171 -8.52 -15.34 -24.43
CA ALA G 171 -9.48 -14.55 -25.22
C ALA G 171 -9.29 -14.85 -26.71
N ALA G 172 -8.04 -15.04 -27.14
CA ALA G 172 -7.76 -15.39 -28.55
C ALA G 172 -8.45 -16.71 -28.90
N LEU G 173 -8.34 -17.71 -28.03
CA LEU G 173 -8.95 -19.04 -28.31
C LEU G 173 -10.48 -18.91 -28.38
N GLU G 174 -11.06 -18.13 -27.46
CA GLU G 174 -12.53 -18.09 -27.28
C GLU G 174 -13.21 -17.26 -28.36
N TYR G 175 -12.54 -16.22 -28.88
CA TYR G 175 -13.19 -15.27 -29.80
C TYR G 175 -12.64 -15.35 -31.23
N ALA G 176 -11.77 -16.33 -31.50
CA ALA G 176 -11.21 -16.55 -32.84
C ALA G 176 -12.35 -16.75 -33.86
N ALA G 177 -13.38 -17.51 -33.47
CA ALA G 177 -14.53 -17.83 -34.36
C ALA G 177 -15.28 -16.55 -34.75
N ASP G 178 -15.25 -15.53 -33.89
CA ASP G 178 -15.87 -14.21 -34.15
C ASP G 178 -14.88 -13.28 -34.86
N LYS G 179 -13.70 -13.77 -35.23
CA LYS G 179 -12.65 -13.01 -35.95
C LYS G 179 -12.16 -11.84 -35.07
N VAL G 180 -12.23 -11.99 -33.75
CA VAL G 180 -11.60 -11.02 -32.82
C VAL G 180 -10.25 -11.59 -32.43
N ARG G 181 -9.18 -10.91 -32.85
CA ARG G 181 -7.79 -11.30 -32.55
C ARG G 181 -7.39 -10.65 -31.25
N VAL G 182 -6.58 -11.36 -30.46
CA VAL G 182 -6.06 -10.82 -29.19
C VAL G 182 -4.58 -11.17 -29.13
N VAL G 183 -3.74 -10.15 -28.96
CA VAL G 183 -2.27 -10.32 -28.91
C VAL G 183 -1.70 -9.49 -27.77
N ALA G 184 -0.47 -9.80 -27.40
CA ALA G 184 0.29 -9.06 -26.37
C ALA G 184 1.59 -8.52 -26.98
N VAL G 185 1.90 -7.28 -26.67
CA VAL G 185 3.18 -6.67 -27.05
C VAL G 185 4.06 -6.57 -25.81
N GLY G 186 5.34 -6.88 -25.97
CA GLY G 186 6.30 -6.86 -24.86
C GLY G 186 7.44 -5.89 -25.10
N PRO G 187 7.28 -4.59 -24.76
CA PRO G 187 8.41 -3.69 -24.94
C PRO G 187 9.52 -3.93 -23.91
N GLY G 188 10.76 -3.71 -24.35
CA GLY G 188 11.89 -3.50 -23.43
C GLY G 188 11.71 -2.18 -22.71
N PHE G 189 12.74 -1.70 -22.05
CA PHE G 189 12.67 -0.38 -21.39
C PHE G 189 12.59 0.70 -22.48
N ILE G 190 11.64 1.62 -22.30
CA ILE G 190 11.29 2.67 -23.29
C ILE G 190 11.50 4.04 -22.66
N ARG G 191 12.10 4.95 -23.41
CA ARG G 191 12.36 6.32 -22.94
C ARG G 191 11.12 7.18 -23.08
N THR G 192 10.11 6.86 -22.29
CA THR G 192 8.98 7.76 -22.05
C THR G 192 9.47 8.92 -21.21
N PRO G 193 8.74 10.05 -21.21
CA PRO G 193 9.14 11.19 -20.36
C PRO G 193 9.38 10.83 -18.89
N LEU G 194 8.55 9.95 -18.32
CA LEU G 194 8.66 9.63 -16.88
C LEU G 194 9.83 8.67 -16.62
N VAL G 195 10.19 7.84 -17.58
CA VAL G 195 11.43 7.02 -17.47
C VAL G 195 12.64 7.95 -17.50
N GLU G 196 12.68 8.89 -18.46
CA GLU G 196 13.81 9.84 -18.59
C GLU G 196 13.90 10.75 -17.36
N ALA G 197 12.76 11.06 -16.74
CA ALA G 197 12.71 11.95 -15.56
C ALA G 197 13.16 11.22 -14.30
N ASN G 198 12.81 9.94 -14.17
CA ASN G 198 12.96 9.18 -12.91
C ASN G 198 14.30 8.44 -12.83
N LEU G 199 14.82 7.94 -13.95
CA LEU G 199 16.09 7.17 -13.98
C LEU G 199 17.25 8.16 -13.81
N SER G 200 18.19 7.85 -12.92
CA SER G 200 19.50 8.53 -12.90
C SER G 200 20.27 8.15 -14.16
N ALA G 201 21.24 8.98 -14.55
CA ALA G 201 22.12 8.71 -15.70
C ALA G 201 22.77 7.33 -15.56
N GLU G 202 23.21 6.97 -14.35
CA GLU G 202 23.88 5.68 -14.09
C GLU G 202 22.87 4.52 -14.25
N ALA G 203 21.66 4.71 -13.76
CA ALA G 203 20.58 3.70 -13.88
C ALA G 203 20.23 3.48 -15.35
N LEU G 204 20.13 4.57 -16.12
CA LEU G 204 19.88 4.56 -17.58
C LEU G 204 21.00 3.79 -18.29
N ALA G 205 22.26 4.09 -17.96
CA ALA G 205 23.43 3.45 -18.60
C ALA G 205 23.40 1.93 -18.34
N PHE G 206 22.99 1.57 -17.13
CA PHE G 206 22.91 0.16 -16.71
C PHE G 206 21.86 -0.58 -17.54
N LEU G 207 20.69 0.03 -17.71
CA LEU G 207 19.59 -0.57 -18.51
C LEU G 207 20.00 -0.64 -19.98
N GLU G 208 20.66 0.38 -20.51
CA GLU G 208 21.11 0.37 -21.92
C GLU G 208 21.95 -0.89 -22.18
N GLY G 209 22.81 -1.25 -21.23
CA GLY G 209 23.71 -2.41 -21.33
C GLY G 209 22.99 -3.75 -21.37
N LYS G 210 21.72 -3.78 -20.95
CA LYS G 210 20.90 -5.01 -20.91
C LYS G 210 20.16 -5.22 -22.23
N HIS G 211 20.10 -4.21 -23.07
CA HIS G 211 19.50 -4.32 -24.42
C HIS G 211 20.64 -4.48 -25.41
N ALA G 212 20.55 -5.48 -26.29
CA ALA G 212 21.64 -5.75 -27.26
C ALA G 212 21.91 -4.51 -28.10
N LEU G 213 20.86 -3.75 -28.46
CA LEU G 213 21.04 -2.54 -29.30
C LEU G 213 21.79 -1.43 -28.56
N GLY G 214 21.94 -1.53 -27.23
CA GLY G 214 22.79 -0.59 -26.46
C GLY G 214 22.07 0.72 -26.16
N ARG G 215 20.76 0.73 -26.32
CA ARG G 215 19.92 1.90 -26.03
C ARG G 215 18.57 1.42 -25.55
N LEU G 216 17.82 2.31 -24.91
CA LEU G 216 16.40 2.04 -24.62
C LEU G 216 15.61 2.31 -25.89
N GLY G 217 14.38 1.82 -25.93
CA GLY G 217 13.48 2.02 -27.08
C GLY G 217 12.82 3.38 -27.02
N GLU G 218 12.25 3.81 -28.14
CA GLU G 218 11.43 5.02 -28.21
C GLU G 218 9.96 4.62 -28.23
N PRO G 219 9.06 5.47 -27.71
CA PRO G 219 7.63 5.17 -27.77
C PRO G 219 7.12 4.85 -29.19
N GLU G 220 7.59 5.55 -30.20
CA GLU G 220 7.16 5.35 -31.61
C GLU G 220 7.53 3.93 -32.07
N GLU G 221 8.60 3.37 -31.54
CA GLU G 221 9.07 2.02 -31.93
C GLU G 221 8.15 0.94 -31.36
N VAL G 222 7.44 1.22 -30.27
CA VAL G 222 6.39 0.33 -29.74
C VAL G 222 5.11 0.58 -30.53
N ALA G 223 4.79 1.85 -30.77
CA ALA G 223 3.54 2.25 -31.46
C ALA G 223 3.43 1.60 -32.85
N SER G 224 4.53 1.49 -33.58
CA SER G 224 4.52 0.91 -34.94
C SER G 224 4.08 -0.57 -34.88
N LEU G 225 4.63 -1.33 -33.95
CA LEU G 225 4.27 -2.76 -33.79
C LEU G 225 2.82 -2.89 -33.36
N VAL G 226 2.37 -2.04 -32.45
CA VAL G 226 0.96 -2.06 -31.99
C VAL G 226 0.04 -1.77 -33.19
N ALA G 227 0.35 -0.73 -33.96
CA ALA G 227 -0.46 -0.35 -35.14
C ALA G 227 -0.51 -1.51 -36.12
N PHE G 228 0.62 -2.15 -36.38
CA PHE G 228 0.64 -3.30 -37.31
C PHE G 228 -0.26 -4.41 -36.80
N LEU G 229 -0.10 -4.81 -35.54
CA LEU G 229 -0.88 -5.93 -34.98
C LEU G 229 -2.38 -5.60 -34.90
N ALA G 230 -2.74 -4.32 -34.75
CA ALA G 230 -4.15 -3.89 -34.70
C ALA G 230 -4.78 -3.82 -36.10
N SER G 231 -3.98 -3.94 -37.15
CA SER G 231 -4.40 -3.68 -38.55
C SER G 231 -4.86 -4.96 -39.26
N ASP G 232 -5.48 -4.77 -40.41
CA ASP G 232 -6.01 -5.89 -41.21
C ASP G 232 -4.86 -6.74 -41.78
N ALA G 233 -3.65 -6.18 -41.84
CA ALA G 233 -2.47 -6.91 -42.34
C ALA G 233 -2.11 -8.05 -41.39
N ALA G 234 -2.45 -7.89 -40.11
CA ALA G 234 -2.16 -8.89 -39.06
C ALA G 234 -3.31 -9.90 -38.88
N SER G 235 -4.08 -10.16 -39.93
CA SER G 235 -5.33 -10.96 -39.84
C SER G 235 -5.12 -12.43 -39.44
N PHE G 236 -3.89 -12.97 -39.53
CA PHE G 236 -3.62 -14.35 -39.06
C PHE G 236 -2.81 -14.36 -37.76
N ILE G 237 -2.68 -13.20 -37.12
CA ILE G 237 -1.90 -13.10 -35.85
C ILE G 237 -2.86 -12.99 -34.68
N THR G 238 -2.93 -14.04 -33.87
CA THR G 238 -3.73 -14.01 -32.64
C THR G 238 -3.18 -14.96 -31.59
N GLY G 239 -3.34 -14.58 -30.33
CA GLY G 239 -2.97 -15.40 -29.16
C GLY G 239 -1.53 -15.21 -28.74
N SER G 240 -0.74 -14.53 -29.57
CA SER G 240 0.73 -14.51 -29.51
C SER G 240 1.28 -13.26 -28.81
N TYR G 241 2.52 -13.39 -28.37
CA TYR G 241 3.30 -12.39 -27.61
C TYR G 241 4.42 -11.91 -28.51
N HIS G 242 4.51 -10.60 -28.71
CA HIS G 242 5.46 -10.01 -29.68
C HIS G 242 6.37 -9.03 -28.97
N LEU G 243 7.63 -9.37 -28.89
CA LEU G 243 8.64 -8.55 -28.20
C LEU G 243 9.10 -7.41 -29.10
N VAL G 244 9.25 -6.24 -28.49
CA VAL G 244 9.93 -5.09 -29.13
C VAL G 244 10.94 -4.62 -28.08
N ASP G 245 12.06 -5.33 -27.99
CA ASP G 245 12.92 -5.26 -26.78
C ASP G 245 14.40 -5.05 -27.05
N GLY G 246 14.78 -4.77 -28.29
CA GLY G 246 16.20 -4.49 -28.61
C GLY G 246 17.10 -5.65 -28.26
N GLY G 247 16.56 -6.88 -28.19
CA GLY G 247 17.36 -8.08 -27.89
C GLY G 247 17.48 -8.40 -26.40
N TYR G 248 16.78 -7.69 -25.53
CA TYR G 248 16.85 -7.90 -24.07
C TYR G 248 16.67 -9.38 -23.69
N THR G 249 15.63 -10.04 -24.22
CA THR G 249 15.29 -11.42 -23.80
C THR G 249 16.01 -12.48 -24.64
N ALA G 250 16.82 -12.07 -25.61
CA ALA G 250 17.59 -13.00 -26.46
C ALA G 250 18.83 -13.55 -25.74
N GLN G 251 19.16 -13.02 -24.57
N GLN G 251 19.15 -13.05 -24.55
CA GLN G 251 20.30 -13.49 -23.74
CA GLN G 251 20.30 -13.52 -23.75
C GLN G 251 19.78 -13.85 -22.35
C GLN G 251 19.85 -13.86 -22.33
N MSE H 1 -4.30 -0.36 -47.89
CA MSE H 1 -3.36 0.80 -48.02
C MSE H 1 -2.06 0.59 -47.25
O MSE H 1 -1.35 1.55 -46.96
CB MSE H 1 -4.03 2.07 -47.50
N ALA H 2 -1.70 -0.67 -46.94
CA ALA H 2 -0.53 -0.93 -46.13
C ALA H 2 0.73 -0.56 -46.92
N GLN H 3 1.66 0.15 -46.29
CA GLN H 3 2.94 0.54 -46.89
C GLN H 3 4.03 0.36 -45.85
N TYR H 4 5.21 -0.07 -46.28
CA TYR H 4 6.34 -0.37 -45.37
C TYR H 4 7.54 0.51 -45.72
N ASP H 5 8.25 0.93 -44.68
CA ASP H 5 9.50 1.72 -44.82
C ASP H 5 10.64 0.77 -45.21
N VAL H 6 10.65 0.35 -46.47
CA VAL H 6 11.67 -0.57 -47.01
C VAL H 6 12.24 -0.03 -48.32
N ALA H 7 12.10 1.27 -48.57
CA ALA H 7 12.53 1.87 -49.85
C ALA H 7 14.04 2.16 -49.83
N ASP H 8 14.59 2.46 -51.01
CA ASP H 8 15.99 2.92 -51.19
C ASP H 8 16.97 1.88 -50.66
N ARG H 9 16.65 0.60 -50.83
CA ARG H 9 17.52 -0.50 -50.38
C ARG H 9 17.21 -1.75 -51.20
N SER H 10 18.12 -2.72 -51.19
CA SER H 10 17.86 -4.03 -51.81
C SER H 10 17.46 -5.04 -50.74
N ALA H 11 16.76 -6.07 -51.18
CA ALA H 11 16.27 -7.15 -50.32
C ALA H 11 16.51 -8.48 -51.04
N ILE H 12 17.15 -9.43 -50.36
CA ILE H 12 17.22 -10.82 -50.84
C ILE H 12 16.02 -11.56 -50.28
N VAL H 13 15.32 -12.28 -51.14
CA VAL H 13 14.29 -13.26 -50.69
C VAL H 13 14.67 -14.62 -51.26
N THR H 14 15.13 -15.52 -50.40
CA THR H 14 15.51 -16.88 -50.86
C THR H 14 14.24 -17.72 -50.98
N GLY H 15 14.22 -18.63 -51.93
CA GLY H 15 12.98 -19.33 -52.29
C GLY H 15 11.86 -18.37 -52.66
N GLY H 16 12.21 -17.25 -53.29
CA GLY H 16 11.24 -16.20 -53.64
C GLY H 16 10.44 -16.51 -54.90
N GLY H 17 10.69 -17.67 -55.54
CA GLY H 17 10.03 -18.00 -56.80
C GLY H 17 8.61 -18.52 -56.64
N SER H 18 8.22 -18.88 -55.42
CA SER H 18 6.90 -19.50 -55.18
C SER H 18 6.50 -19.33 -53.73
N GLY H 19 5.22 -19.57 -53.46
CA GLY H 19 4.68 -19.72 -52.11
C GLY H 19 4.88 -18.48 -51.26
N ILE H 20 5.29 -18.69 -50.01
CA ILE H 20 5.45 -17.57 -49.06
C ILE H 20 6.54 -16.62 -49.57
N GLY H 21 7.64 -17.15 -50.08
CA GLY H 21 8.74 -16.31 -50.60
C GLY H 21 8.26 -15.37 -51.69
N ARG H 22 7.44 -15.88 -52.60
CA ARG H 22 6.85 -15.04 -53.66
C ARG H 22 6.05 -13.90 -53.03
N ALA H 23 5.20 -14.22 -52.05
CA ALA H 23 4.34 -13.22 -51.40
C ALA H 23 5.21 -12.16 -50.73
N VAL H 24 6.27 -12.59 -50.06
CA VAL H 24 7.23 -11.66 -49.41
C VAL H 24 7.85 -10.73 -50.47
N ALA H 25 8.35 -11.29 -51.57
CA ALA H 25 9.01 -10.50 -52.63
C ALA H 25 8.04 -9.44 -53.16
N LEU H 26 6.80 -9.83 -53.45
CA LEU H 26 5.80 -8.90 -54.01
C LEU H 26 5.51 -7.78 -53.02
N THR H 27 5.33 -8.11 -51.75
CA THR H 27 4.98 -7.10 -50.72
C THR H 27 6.16 -6.12 -50.55
N LEU H 28 7.38 -6.65 -50.43
CA LEU H 28 8.57 -5.79 -50.27
C LEU H 28 8.73 -4.87 -51.49
N ALA H 29 8.61 -5.42 -52.70
CA ALA H 29 8.79 -4.63 -53.93
C ALA H 29 7.71 -3.55 -54.05
N ALA H 30 6.48 -3.84 -53.62
CA ALA H 30 5.36 -2.88 -53.71
C ALA H 30 5.58 -1.66 -52.80
N SER H 31 6.43 -1.81 -51.78
CA SER H 31 6.80 -0.69 -50.88
C SER H 31 8.17 -0.10 -51.23
N GLY H 32 8.76 -0.49 -52.36
CA GLY H 32 9.93 0.19 -52.94
C GLY H 32 11.26 -0.51 -52.76
N ALA H 33 11.31 -1.65 -52.10
CA ALA H 33 12.57 -2.43 -51.99
C ALA H 33 12.91 -2.98 -53.38
N ALA H 34 14.20 -2.95 -53.73
CA ALA H 34 14.73 -3.61 -54.94
C ALA H 34 15.00 -5.07 -54.59
N VAL H 35 14.19 -5.99 -55.10
CA VAL H 35 14.17 -7.38 -54.57
C VAL H 35 14.99 -8.29 -55.45
N LEU H 36 15.98 -8.96 -54.87
CA LEU H 36 16.68 -10.05 -55.56
C LEU H 36 15.94 -11.33 -55.21
N VAL H 37 15.28 -11.90 -56.21
CA VAL H 37 14.52 -13.16 -56.04
C VAL H 37 15.48 -14.32 -56.31
N THR H 38 15.83 -15.10 -55.29
CA THR H 38 16.70 -16.27 -55.48
C THR H 38 15.88 -17.55 -55.31
N ASP H 39 16.19 -18.55 -56.12
CA ASP H 39 15.42 -19.80 -56.14
C ASP H 39 16.16 -20.84 -56.96
N LEU H 40 15.98 -22.11 -56.60
CA LEU H 40 16.41 -23.26 -57.43
C LEU H 40 15.77 -23.18 -58.82
N ASN H 41 14.51 -22.77 -58.85
CA ASN H 41 13.66 -22.76 -60.05
C ASN H 41 13.78 -21.40 -60.75
N GLU H 42 14.61 -21.34 -61.78
CA GLU H 42 14.93 -20.08 -62.49
C GLU H 42 13.67 -19.53 -63.15
N GLU H 43 12.84 -20.40 -63.72
CA GLU H 43 11.56 -20.04 -64.36
C GLU H 43 10.66 -19.28 -63.37
N HIS H 44 10.45 -19.87 -62.19
CA HIS H 44 9.61 -19.29 -61.13
C HIS H 44 10.20 -17.94 -60.68
N ALA H 45 11.51 -17.88 -60.48
CA ALA H 45 12.19 -16.66 -60.00
C ALA H 45 11.99 -15.53 -61.03
N GLN H 46 12.16 -15.85 -62.32
CA GLN H 46 11.96 -14.86 -63.39
C GLN H 46 10.50 -14.42 -63.45
N ALA H 47 9.56 -15.33 -63.22
CA ALA H 47 8.12 -15.04 -63.25
C ALA H 47 7.76 -14.05 -62.14
N VAL H 48 8.33 -14.22 -60.95
CA VAL H 48 8.06 -13.29 -59.82
C VAL H 48 8.68 -11.93 -60.15
N VAL H 49 9.86 -11.91 -60.74
CA VAL H 49 10.48 -10.62 -61.17
C VAL H 49 9.56 -9.90 -62.16
N ALA H 50 8.99 -10.64 -63.12
CA ALA H 50 8.06 -10.05 -64.11
C ALA H 50 6.81 -9.49 -63.42
N GLU H 51 6.27 -10.21 -62.43
CA GLU H 51 5.12 -9.72 -61.64
C GLU H 51 5.46 -8.39 -60.99
N ILE H 52 6.62 -8.33 -60.34
CA ILE H 52 7.06 -7.13 -59.60
C ILE H 52 7.18 -5.95 -60.56
N GLU H 53 7.85 -6.17 -61.70
CA GLU H 53 8.09 -5.10 -62.69
C GLU H 53 6.77 -4.67 -63.33
N ALA H 54 5.84 -5.60 -63.54
CA ALA H 54 4.50 -5.29 -64.10
C ALA H 54 3.72 -4.35 -63.16
N ALA H 55 3.99 -4.45 -61.86
CA ALA H 55 3.36 -3.58 -60.84
C ALA H 55 4.17 -2.29 -60.62
N GLY H 56 5.26 -2.09 -61.38
CA GLY H 56 6.08 -0.88 -61.32
C GLY H 56 7.25 -0.97 -60.36
N GLY H 57 7.52 -2.16 -59.81
CA GLY H 57 8.60 -2.35 -58.84
C GLY H 57 9.92 -2.68 -59.49
N LYS H 58 10.97 -2.78 -58.67
CA LYS H 58 12.33 -3.12 -59.12
C LYS H 58 12.70 -4.50 -58.57
N ALA H 59 13.15 -5.40 -59.44
CA ALA H 59 13.58 -6.73 -59.01
C ALA H 59 14.50 -7.37 -60.03
N ALA H 60 15.21 -8.39 -59.60
CA ALA H 60 16.06 -9.21 -60.47
C ALA H 60 16.11 -10.63 -59.92
N ALA H 61 16.35 -11.59 -60.81
CA ALA H 61 16.37 -13.02 -60.47
C ALA H 61 17.81 -13.51 -60.40
N LEU H 62 18.09 -14.37 -59.43
CA LEU H 62 19.34 -15.15 -59.41
C LEU H 62 18.99 -16.60 -59.07
N ALA H 63 19.23 -17.51 -60.01
CA ALA H 63 18.91 -18.94 -59.84
C ALA H 63 20.10 -19.66 -59.23
N GLY H 64 19.83 -20.49 -58.23
CA GLY H 64 20.89 -21.27 -57.57
C GLY H 64 20.40 -21.97 -56.34
N ASP H 65 21.34 -22.60 -55.64
CA ASP H 65 21.06 -23.47 -54.48
C ASP H 65 21.66 -22.82 -53.24
N VAL H 66 20.82 -22.49 -52.25
CA VAL H 66 21.27 -21.82 -51.01
C VAL H 66 22.23 -22.70 -50.20
N THR H 67 22.25 -24.02 -50.44
CA THR H 67 23.17 -24.95 -49.70
C THR H 67 24.61 -24.80 -50.20
N ASP H 68 24.82 -24.08 -51.32
CA ASP H 68 26.17 -23.68 -51.76
C ASP H 68 26.51 -22.34 -51.11
N PRO H 69 27.48 -22.27 -50.17
CA PRO H 69 27.86 -20.98 -49.58
C PRO H 69 28.23 -19.91 -50.61
N ALA H 70 28.86 -20.33 -51.71
CA ALA H 70 29.23 -19.42 -52.81
C ALA H 70 27.99 -18.75 -53.41
N PHE H 71 26.84 -19.44 -53.44
CA PHE H 71 25.61 -18.85 -53.98
C PHE H 71 25.09 -17.72 -53.07
N GLY H 72 25.17 -17.93 -51.75
CA GLY H 72 24.82 -16.88 -50.78
C GLY H 72 25.66 -15.63 -50.98
N GLU H 73 26.96 -15.81 -51.24
CA GLU H 73 27.89 -14.71 -51.51
C GLU H 73 27.48 -14.01 -52.81
N ALA H 74 27.19 -14.77 -53.85
CA ALA H 74 26.78 -14.24 -55.17
C ALA H 74 25.45 -13.47 -55.03
N SER H 75 24.55 -13.96 -54.17
CA SER H 75 23.25 -13.30 -53.92
C SER H 75 23.47 -11.92 -53.30
N VAL H 76 24.37 -11.82 -52.32
CA VAL H 76 24.66 -10.53 -51.66
C VAL H 76 25.28 -9.55 -52.66
N ALA H 77 26.23 -10.00 -53.47
CA ALA H 77 26.85 -9.15 -54.51
C ALA H 77 25.80 -8.64 -55.49
N ALA H 78 24.91 -9.52 -55.96
CA ALA H 78 23.88 -9.17 -56.96
C ALA H 78 22.86 -8.19 -56.36
N ALA H 79 22.49 -8.39 -55.09
CA ALA H 79 21.56 -7.48 -54.40
C ALA H 79 22.20 -6.10 -54.21
N ASN H 80 23.45 -6.06 -53.75
CA ASN H 80 24.18 -4.78 -53.52
C ASN H 80 24.29 -3.97 -54.82
N ALA H 81 24.34 -4.65 -55.97
CA ALA H 81 24.40 -4.00 -57.29
C ALA H 81 23.10 -3.25 -57.61
N LEU H 82 21.96 -3.69 -57.07
CA LEU H 82 20.65 -3.01 -57.29
C LEU H 82 20.56 -1.76 -56.41
N ALA H 83 20.91 -1.92 -55.14
CA ALA H 83 20.78 -0.89 -54.09
C ALA H 83 21.44 -1.44 -52.84
N PRO H 84 21.77 -0.61 -51.83
CA PRO H 84 22.43 -1.13 -50.64
C PRO H 84 21.60 -2.23 -49.96
N LEU H 85 22.23 -3.37 -49.71
CA LEU H 85 21.55 -4.54 -49.11
C LEU H 85 21.22 -4.23 -47.65
N LYS H 86 19.94 -4.15 -47.33
CA LYS H 86 19.50 -3.90 -45.94
C LYS H 86 18.37 -4.84 -45.52
N ILE H 87 18.01 -5.79 -46.37
CA ILE H 87 16.97 -6.81 -46.03
C ILE H 87 17.42 -8.15 -46.60
N ALA H 88 17.30 -9.20 -45.80
CA ALA H 88 17.42 -10.58 -46.28
C ALA H 88 16.35 -11.41 -45.62
N VAL H 89 15.59 -12.13 -46.42
CA VAL H 89 14.57 -13.08 -45.90
C VAL H 89 15.04 -14.47 -46.30
N ASN H 90 15.50 -15.23 -45.31
CA ASN H 90 15.98 -16.61 -45.55
C ASN H 90 14.78 -17.54 -45.44
N ASN H 91 14.14 -17.73 -46.59
CA ASN H 91 12.80 -18.36 -46.67
C ASN H 91 12.88 -19.74 -47.33
N ALA H 92 13.86 -20.01 -48.19
CA ALA H 92 13.96 -21.31 -48.88
C ALA H 92 13.91 -22.43 -47.84
N GLY H 93 13.12 -23.46 -48.12
CA GLY H 93 12.93 -24.58 -47.18
C GLY H 93 12.27 -25.76 -47.85
N ILE H 94 12.45 -26.93 -47.24
CA ILE H 94 11.84 -28.20 -47.69
C ILE H 94 11.22 -28.91 -46.47
N GLY H 95 10.25 -29.77 -46.73
CA GLY H 95 9.49 -30.45 -45.67
C GLY H 95 10.22 -31.66 -45.10
N GLY H 96 10.97 -32.37 -45.94
CA GLY H 96 11.57 -33.65 -45.57
C GLY H 96 10.55 -34.78 -45.65
N GLU H 97 11.00 -36.01 -45.42
CA GLU H 97 10.11 -37.19 -45.50
C GLU H 97 9.21 -37.23 -44.27
N ALA H 98 8.09 -37.95 -44.38
CA ALA H 98 7.16 -38.22 -43.27
C ALA H 98 7.50 -39.59 -42.68
N ALA H 99 8.08 -39.60 -41.48
CA ALA H 99 8.53 -40.83 -40.82
C ALA H 99 8.82 -40.55 -39.36
N THR H 100 8.73 -41.60 -38.53
CA THR H 100 9.07 -41.50 -37.11
C THR H 100 10.57 -41.24 -36.98
N VAL H 101 10.98 -40.69 -35.84
CA VAL H 101 12.41 -40.46 -35.54
C VAL H 101 13.18 -41.78 -35.69
N GLY H 102 12.65 -42.87 -35.16
CA GLY H 102 13.32 -44.18 -35.19
C GLY H 102 13.52 -44.68 -36.61
N ASP H 103 12.57 -44.38 -37.50
CA ASP H 103 12.59 -44.83 -38.91
C ASP H 103 13.26 -43.83 -39.85
N TYR H 104 13.43 -42.59 -39.39
CA TYR H 104 13.81 -41.47 -40.28
C TYR H 104 15.07 -41.81 -41.09
N SER H 105 15.03 -41.51 -42.38
CA SER H 105 16.20 -41.68 -43.28
C SER H 105 17.32 -40.73 -42.85
N LEU H 106 18.53 -41.27 -42.68
CA LEU H 106 19.71 -40.44 -42.32
C LEU H 106 19.91 -39.35 -43.36
N ASP H 107 19.79 -39.70 -44.64
CA ASP H 107 20.01 -38.73 -45.75
C ASP H 107 18.93 -37.66 -45.76
N SER H 108 17.67 -38.03 -45.55
CA SER H 108 16.55 -37.07 -45.48
C SER H 108 16.76 -36.10 -44.31
N TRP H 109 17.09 -36.64 -43.13
CA TRP H 109 17.45 -35.81 -41.95
C TRP H 109 18.53 -34.79 -42.33
N ARG H 110 19.65 -35.27 -42.88
CA ARG H 110 20.78 -34.38 -43.20
C ARG H 110 20.40 -33.33 -44.24
N LYS H 111 19.55 -33.69 -45.20
CA LYS H 111 19.12 -32.76 -46.28
C LYS H 111 18.24 -31.65 -45.69
N VAL H 112 17.34 -32.02 -44.79
CA VAL H 112 16.44 -31.03 -44.13
C VAL H 112 17.28 -30.08 -43.28
N ILE H 113 18.21 -30.61 -42.49
CA ILE H 113 19.09 -29.74 -41.70
C ILE H 113 19.90 -28.84 -42.66
N GLU H 114 20.38 -29.41 -43.77
CA GLU H 114 21.27 -28.66 -44.69
C GLU H 114 20.54 -27.45 -45.29
N VAL H 115 19.32 -27.65 -45.78
CA VAL H 115 18.56 -26.55 -46.43
C VAL H 115 17.97 -25.63 -45.34
N ASN H 116 17.29 -26.22 -44.37
CA ASN H 116 16.44 -25.44 -43.46
C ASN H 116 17.25 -24.73 -42.37
N LEU H 117 18.45 -25.22 -42.08
CA LEU H 117 19.30 -24.60 -41.06
C LEU H 117 20.62 -24.13 -41.67
N ASN H 118 21.44 -25.04 -42.20
CA ASN H 118 22.83 -24.71 -42.55
C ASN H 118 22.85 -23.67 -43.67
N ALA H 119 21.95 -23.77 -44.65
CA ALA H 119 21.88 -22.78 -45.75
C ALA H 119 21.47 -21.39 -45.25
N VAL H 120 20.67 -21.33 -44.19
CA VAL H 120 20.30 -20.03 -43.57
C VAL H 120 21.58 -19.43 -42.99
N PHE H 121 22.34 -20.22 -42.26
CA PHE H 121 23.65 -19.79 -41.72
C PHE H 121 24.59 -19.38 -42.86
N TYR H 122 24.68 -20.19 -43.92
CA TYR H 122 25.60 -19.88 -45.05
C TYR H 122 25.25 -18.52 -45.66
N GLY H 123 23.95 -18.27 -45.87
CA GLY H 123 23.49 -17.00 -46.44
C GLY H 123 23.75 -15.83 -45.48
N MSE H 124 23.56 -16.08 -44.18
CA MSE H 124 23.68 -15.02 -43.19
C MSE H 124 25.08 -14.47 -43.09
O MSE H 124 25.25 -13.29 -42.79
CB MSE H 124 23.22 -15.53 -41.82
CG MSE H 124 21.70 -15.47 -41.70
SE MSE H 124 21.12 -16.28 -40.02
CE MSE H 124 21.77 -14.91 -38.80
N GLN H 125 26.11 -15.29 -43.35
CA GLN H 125 27.48 -14.80 -43.19
C GLN H 125 27.72 -13.55 -44.05
N PRO H 126 27.55 -13.61 -45.40
CA PRO H 126 27.73 -12.41 -46.21
C PRO H 126 26.65 -11.34 -46.02
N GLN H 127 25.43 -11.75 -45.66
CA GLN H 127 24.34 -10.80 -45.38
C GLN H 127 24.73 -9.90 -44.21
N LEU H 128 25.12 -10.51 -43.09
CA LEU H 128 25.49 -9.78 -41.86
C LEU H 128 26.62 -8.80 -42.18
N LYS H 129 27.65 -9.27 -42.87
CA LYS H 129 28.85 -8.44 -43.14
C LYS H 129 28.48 -7.26 -44.04
N ALA H 130 27.63 -7.47 -45.03
CA ALA H 130 27.21 -6.41 -45.97
C ALA H 130 26.41 -5.35 -45.23
N MSE H 131 25.48 -5.79 -44.39
CA MSE H 131 24.61 -4.87 -43.69
C MSE H 131 25.39 -4.12 -42.61
O MSE H 131 25.13 -2.93 -42.40
CB MSE H 131 23.42 -5.62 -43.12
CG MSE H 131 22.52 -6.11 -44.23
SE MSE H 131 20.93 -6.97 -43.51
CE MSE H 131 20.53 -8.17 -44.98
N ALA H 132 26.32 -4.80 -41.95
CA ALA H 132 27.16 -4.12 -40.97
C ALA H 132 27.99 -3.03 -41.66
N ALA H 133 28.48 -3.31 -42.86
CA ALA H 133 29.36 -2.40 -43.60
C ALA H 133 28.61 -1.15 -44.06
N ASN H 134 27.30 -1.25 -44.30
CA ASN H 134 26.52 -0.12 -44.87
C ASN H 134 25.55 0.49 -43.86
N GLY H 135 25.78 0.27 -42.57
CA GLY H 135 25.13 1.06 -41.51
C GLY H 135 23.93 0.37 -40.89
N GLY H 136 23.61 -0.84 -41.32
CA GLY H 136 22.60 -1.67 -40.65
C GLY H 136 21.58 -2.24 -41.60
N GLY H 137 20.64 -3.01 -41.05
CA GLY H 137 19.56 -3.60 -41.83
C GLY H 137 18.84 -4.65 -41.02
N ALA H 138 18.11 -5.52 -41.71
CA ALA H 138 17.26 -6.53 -41.05
C ALA H 138 17.34 -7.87 -41.78
N ILE H 139 17.53 -8.93 -41.01
CA ILE H 139 17.47 -10.32 -41.52
C ILE H 139 16.25 -10.98 -40.89
N VAL H 140 15.36 -11.49 -41.72
CA VAL H 140 14.17 -12.22 -41.23
C VAL H 140 14.35 -13.68 -41.64
N ASN H 141 14.42 -14.56 -40.66
CA ASN H 141 14.53 -16.01 -40.92
C ASN H 141 13.14 -16.63 -40.85
N MSE H 142 12.80 -17.43 -41.86
CA MSE H 142 11.49 -18.07 -41.88
C MSE H 142 11.54 -19.34 -41.06
O MSE H 142 12.02 -20.37 -41.52
CB MSE H 142 11.04 -18.37 -43.31
CG MSE H 142 9.57 -18.73 -43.40
SE MSE H 142 8.41 -17.18 -43.04
CE MSE H 142 8.90 -16.06 -44.58
N ALA H 143 11.05 -19.24 -39.81
CA ALA H 143 10.91 -20.43 -38.99
C ALA H 143 9.51 -21.01 -39.20
N SER H 144 8.81 -21.36 -38.12
CA SER H 144 7.51 -22.05 -38.15
C SER H 144 6.97 -22.04 -36.74
N ILE H 145 5.67 -22.30 -36.60
CA ILE H 145 5.14 -22.83 -35.31
C ILE H 145 6.00 -24.01 -34.86
N LEU H 146 6.51 -24.79 -35.80
CA LEU H 146 7.29 -26.00 -35.49
C LEU H 146 8.71 -25.64 -35.07
N GLY H 147 8.99 -24.36 -34.88
CA GLY H 147 10.19 -23.90 -34.15
C GLY H 147 9.98 -23.87 -32.65
N SER H 148 8.75 -24.05 -32.18
CA SER H 148 8.46 -24.01 -30.73
C SER H 148 7.60 -25.17 -30.22
N VAL H 149 6.88 -25.86 -31.11
CA VAL H 149 6.18 -27.12 -30.77
C VAL H 149 6.58 -28.20 -31.77
N GLY H 150 6.20 -29.43 -31.47
CA GLY H 150 6.49 -30.59 -32.32
C GLY H 150 5.31 -30.93 -33.21
N PHE H 151 5.55 -31.83 -34.17
CA PHE H 151 4.50 -32.38 -35.04
C PHE H 151 4.93 -33.79 -35.46
N ALA H 152 4.21 -34.82 -35.02
CA ALA H 152 4.62 -36.22 -35.22
C ALA H 152 4.96 -36.48 -36.69
N ASN H 153 6.10 -37.14 -36.90
CA ASN H 153 6.58 -37.64 -38.22
C ASN H 153 7.30 -36.56 -39.05
N SER H 154 7.52 -35.36 -38.50
CA SER H 154 8.32 -34.33 -39.17
C SER H 154 9.47 -33.85 -38.28
N SER H 155 10.18 -34.77 -37.64
CA SER H 155 11.19 -34.43 -36.62
C SER H 155 12.34 -33.59 -37.19
N ALA H 156 12.85 -33.91 -38.38
CA ALA H 156 13.99 -33.18 -38.95
C ALA H 156 13.60 -31.72 -39.17
N TYR H 157 12.41 -31.52 -39.72
CA TYR H 157 11.86 -30.18 -40.00
C TYR H 157 11.71 -29.39 -38.69
N VAL H 158 11.05 -30.02 -37.71
CA VAL H 158 10.83 -29.40 -36.37
C VAL H 158 12.18 -29.02 -35.76
N THR H 159 13.14 -29.94 -35.84
CA THR H 159 14.48 -29.75 -35.27
C THR H 159 15.16 -28.54 -35.92
N ALA H 160 15.15 -28.46 -37.25
CA ALA H 160 15.78 -27.36 -38.00
C ALA H 160 15.11 -26.03 -37.66
N LYS H 161 13.78 -26.01 -37.59
CA LYS H 161 13.03 -24.76 -37.27
C LYS H 161 13.32 -24.32 -35.83
N HIS H 162 13.41 -25.25 -34.89
CA HIS H 162 13.87 -24.92 -33.52
C HIS H 162 15.28 -24.30 -33.55
N ALA H 163 16.18 -24.88 -34.32
CA ALA H 163 17.59 -24.42 -34.42
C ALA H 163 17.64 -22.96 -34.87
N LEU H 164 16.77 -22.58 -35.81
CA LEU H 164 16.76 -21.21 -36.35
C LEU H 164 16.54 -20.18 -35.25
N LEU H 165 15.77 -20.50 -34.22
CA LEU H 165 15.50 -19.50 -33.15
C LEU H 165 16.82 -19.17 -32.44
N GLY H 166 17.68 -20.18 -32.26
CA GLY H 166 18.99 -19.96 -31.60
C GLY H 166 19.94 -19.17 -32.48
N LEU H 167 20.04 -19.53 -33.76
CA LEU H 167 20.88 -18.80 -34.73
C LEU H 167 20.42 -17.34 -34.81
N THR H 168 19.12 -17.12 -34.80
CA THR H 168 18.51 -15.78 -34.83
C THR H 168 18.93 -14.99 -33.59
N GLN H 169 18.77 -15.59 -32.41
CA GLN H 169 19.17 -14.92 -31.15
C GLN H 169 20.65 -14.54 -31.22
N ASN H 170 21.49 -15.48 -31.62
CA ASN H 170 22.96 -15.24 -31.56
C ASN H 170 23.38 -14.13 -32.52
N ALA H 171 22.91 -14.17 -33.76
CA ALA H 171 23.27 -13.13 -34.73
C ALA H 171 22.74 -11.77 -34.25
N ALA H 172 21.53 -11.74 -33.69
CA ALA H 172 20.96 -10.51 -33.12
C ALA H 172 21.89 -9.93 -32.05
N LEU H 173 22.40 -10.77 -31.14
CA LEU H 173 23.27 -10.29 -30.03
C LEU H 173 24.58 -9.77 -30.60
N GLU H 174 25.14 -10.47 -31.58
CA GLU H 174 26.50 -10.17 -32.09
C GLU H 174 26.52 -8.92 -32.97
N TYR H 175 25.42 -8.62 -33.68
CA TYR H 175 25.42 -7.54 -34.70
C TYR H 175 24.50 -6.37 -34.33
N ALA H 176 23.95 -6.37 -33.11
CA ALA H 176 23.13 -5.27 -32.60
C ALA H 176 23.91 -3.95 -32.62
N ALA H 177 25.19 -4.00 -32.23
CA ALA H 177 26.05 -2.79 -32.18
C ALA H 177 26.19 -2.19 -33.60
N ASP H 178 26.10 -3.03 -34.62
CA ASP H 178 26.19 -2.62 -36.04
C ASP H 178 24.80 -2.27 -36.61
N LYS H 179 23.76 -2.30 -35.77
CA LYS H 179 22.37 -1.98 -36.16
C LYS H 179 21.85 -2.99 -37.20
N VAL H 180 22.36 -4.22 -37.16
CA VAL H 180 21.79 -5.30 -38.00
C VAL H 180 20.84 -6.11 -37.11
N ARG H 181 19.55 -6.02 -37.40
CA ARG H 181 18.51 -6.74 -36.64
C ARG H 181 18.33 -8.12 -37.24
N VAL H 182 18.07 -9.10 -36.40
CA VAL H 182 17.82 -10.48 -36.86
C VAL H 182 16.63 -11.03 -36.09
N VAL H 183 15.61 -11.47 -36.81
CA VAL H 183 14.35 -11.94 -36.20
C VAL H 183 13.90 -13.23 -36.89
N ALA H 184 13.01 -13.95 -36.23
CA ALA H 184 12.43 -15.18 -36.78
C ALA H 184 10.91 -15.03 -36.84
N VAL H 185 10.33 -15.45 -37.96
CA VAL H 185 8.87 -15.47 -38.13
C VAL H 185 8.39 -16.92 -38.08
N GLY H 186 7.30 -17.18 -37.35
CA GLY H 186 6.80 -18.54 -37.17
C GLY H 186 5.38 -18.69 -37.69
N PRO H 187 5.19 -18.96 -38.99
CA PRO H 187 3.83 -19.15 -39.48
C PRO H 187 3.24 -20.45 -38.99
N GLY H 188 1.92 -20.45 -38.82
CA GLY H 188 1.15 -21.69 -38.72
C GLY H 188 1.11 -22.33 -40.10
N PHE H 189 0.20 -23.27 -40.29
CA PHE H 189 0.03 -23.88 -41.62
C PHE H 189 -0.57 -22.86 -42.57
N ILE H 190 0.08 -22.70 -43.72
CA ILE H 190 -0.27 -21.69 -44.75
C ILE H 190 -0.75 -22.42 -46.00
N ARG H 191 -1.91 -22.02 -46.51
CA ARG H 191 -2.44 -22.65 -47.74
C ARG H 191 -1.89 -21.93 -48.97
N THR H 192 -0.61 -22.14 -49.25
CA THR H 192 -0.04 -21.78 -50.56
C THR H 192 -0.76 -22.57 -51.64
N PRO H 193 -0.68 -22.15 -52.91
CA PRO H 193 -1.28 -22.95 -53.98
C PRO H 193 -0.78 -24.40 -53.98
N LEU H 194 0.51 -24.62 -53.68
CA LEU H 194 1.10 -25.96 -53.65
C LEU H 194 0.45 -26.79 -52.54
N VAL H 195 0.26 -26.21 -51.37
CA VAL H 195 -0.42 -26.90 -50.24
C VAL H 195 -1.86 -27.23 -50.65
N GLU H 196 -2.55 -26.29 -51.30
CA GLU H 196 -3.96 -26.49 -51.73
C GLU H 196 -4.05 -27.67 -52.70
N ALA H 197 -3.04 -27.85 -53.55
CA ALA H 197 -2.99 -28.97 -54.51
C ALA H 197 -2.65 -30.29 -53.82
N ASN H 198 -1.77 -30.25 -52.82
CA ASN H 198 -1.20 -31.46 -52.18
C ASN H 198 -2.12 -32.06 -51.11
N LEU H 199 -2.77 -31.24 -50.29
CA LEU H 199 -3.58 -31.73 -49.15
C LEU H 199 -4.89 -32.32 -49.64
N SER H 200 -5.29 -33.47 -49.08
CA SER H 200 -6.66 -33.99 -49.22
C SER H 200 -7.61 -33.08 -48.46
N ALA H 201 -8.89 -33.10 -48.81
CA ALA H 201 -9.92 -32.31 -48.11
C ALA H 201 -9.89 -32.66 -46.61
N GLU H 202 -9.78 -33.95 -46.29
CA GLU H 202 -9.76 -34.43 -44.89
C GLU H 202 -8.52 -33.92 -44.14
N ALA H 203 -7.36 -33.95 -44.81
CA ALA H 203 -6.09 -33.46 -44.22
C ALA H 203 -6.15 -31.95 -43.99
N LEU H 204 -6.69 -31.22 -44.95
CA LEU H 204 -6.88 -29.75 -44.83
C LEU H 204 -7.81 -29.46 -43.64
N ALA H 205 -8.96 -30.11 -43.58
CA ALA H 205 -9.96 -29.90 -42.50
C ALA H 205 -9.33 -30.16 -41.12
N PHE H 206 -8.54 -31.22 -41.02
CA PHE H 206 -7.84 -31.60 -39.77
C PHE H 206 -6.92 -30.46 -39.31
N LEU H 207 -6.11 -29.94 -40.23
CA LEU H 207 -5.18 -28.83 -39.91
C LEU H 207 -5.95 -27.57 -39.55
N GLU H 208 -7.02 -27.26 -40.27
CA GLU H 208 -7.85 -26.06 -39.97
C GLU H 208 -8.30 -26.12 -38.51
N GLY H 209 -8.69 -27.30 -38.03
CA GLY H 209 -9.21 -27.50 -36.66
C GLY H 209 -8.15 -27.26 -35.59
N LYS H 210 -6.87 -27.27 -35.96
CA LYS H 210 -5.75 -27.05 -35.03
C LYS H 210 -5.43 -25.56 -34.88
N HIS H 211 -6.03 -24.71 -35.71
CA HIS H 211 -5.85 -23.25 -35.61
C HIS H 211 -7.12 -22.64 -35.02
N ALA H 212 -7.01 -21.80 -33.98
CA ALA H 212 -8.19 -21.17 -33.37
C ALA H 212 -9.06 -20.46 -34.43
N LEU H 213 -8.43 -19.82 -35.41
CA LEU H 213 -9.17 -19.07 -36.45
C LEU H 213 -9.96 -20.00 -37.37
N GLY H 214 -9.67 -21.31 -37.34
CA GLY H 214 -10.47 -22.30 -38.09
C GLY H 214 -10.17 -22.31 -39.57
N ARG H 215 -8.98 -21.82 -39.93
CA ARG H 215 -8.52 -21.80 -41.33
C ARG H 215 -7.00 -21.83 -41.34
N LEU H 216 -6.43 -22.25 -42.46
CA LEU H 216 -4.99 -22.06 -42.73
C LEU H 216 -4.74 -20.60 -43.09
N GLY H 217 -3.51 -20.14 -42.90
CA GLY H 217 -3.14 -18.76 -43.22
C GLY H 217 -2.94 -18.57 -44.71
N GLU H 218 -3.00 -17.32 -45.16
CA GLU H 218 -2.69 -16.98 -46.56
C GLU H 218 -1.24 -16.54 -46.64
N PRO H 219 -0.56 -16.77 -47.78
CA PRO H 219 0.82 -16.30 -47.90
C PRO H 219 0.98 -14.79 -47.64
N GLU H 220 0.02 -13.99 -48.07
CA GLU H 220 0.03 -12.52 -47.85
C GLU H 220 0.05 -12.19 -46.35
N GLU H 221 -0.55 -13.05 -45.53
CA GLU H 221 -0.67 -12.81 -44.07
C GLU H 221 0.68 -13.04 -43.38
N VAL H 222 1.55 -13.83 -43.98
CA VAL H 222 2.94 -14.02 -43.51
C VAL H 222 3.79 -12.88 -44.07
N ALA H 223 3.60 -12.56 -45.35
CA ALA H 223 4.41 -11.54 -46.05
C ALA H 223 4.29 -10.18 -45.35
N SER H 224 3.11 -9.85 -44.85
CA SER H 224 2.89 -8.53 -44.19
C SER H 224 3.77 -8.42 -42.95
N LEU H 225 3.77 -9.46 -42.12
CA LEU H 225 4.60 -9.47 -40.89
C LEU H 225 6.08 -9.43 -41.25
N VAL H 226 6.49 -10.18 -42.27
CA VAL H 226 7.90 -10.17 -42.71
C VAL H 226 8.30 -8.75 -43.17
N ALA H 227 7.47 -8.13 -44.01
CA ALA H 227 7.74 -6.77 -44.52
C ALA H 227 7.82 -5.78 -43.35
N PHE H 228 6.92 -5.89 -42.39
CA PHE H 228 6.96 -4.99 -41.21
C PHE H 228 8.30 -5.16 -40.48
N LEU H 229 8.67 -6.40 -40.16
CA LEU H 229 9.89 -6.68 -39.37
C LEU H 229 11.14 -6.30 -40.14
N ALA H 230 11.09 -6.34 -41.48
CA ALA H 230 12.24 -5.96 -42.32
C ALA H 230 12.35 -4.43 -42.48
N SER H 231 11.37 -3.68 -41.98
CA SER H 231 11.27 -2.23 -42.24
C SER H 231 11.88 -1.38 -41.12
N ASP H 232 12.06 -0.10 -41.39
CA ASP H 232 12.63 0.86 -40.43
C ASP H 232 11.69 1.06 -39.24
N ALA H 233 10.40 0.73 -39.41
CA ALA H 233 9.41 0.84 -38.31
C ALA H 233 9.72 -0.16 -37.20
N ALA H 234 10.41 -1.25 -37.53
CA ALA H 234 10.74 -2.34 -36.58
C ALA H 234 12.14 -2.15 -35.97
N SER H 235 12.60 -0.91 -35.89
CA SER H 235 13.98 -0.57 -35.51
C SER H 235 14.37 -1.03 -34.10
N PHE H 236 13.42 -1.33 -33.21
CA PHE H 236 13.75 -1.84 -31.85
C PHE H 236 13.42 -3.34 -31.73
N ILE H 237 13.15 -4.01 -32.84
CA ILE H 237 12.79 -5.45 -32.79
C ILE H 237 13.98 -6.27 -33.30
N THR H 238 14.62 -7.01 -32.40
CA THR H 238 15.72 -7.91 -32.78
C THR H 238 15.84 -9.07 -31.80
N GLY H 239 16.27 -10.21 -32.31
CA GLY H 239 16.52 -11.43 -31.52
C GLY H 239 15.27 -12.27 -31.29
N SER H 240 14.10 -11.73 -31.64
CA SER H 240 12.79 -12.25 -31.22
C SER H 240 12.12 -13.13 -32.28
N TYR H 241 11.20 -13.94 -31.79
CA TYR H 241 10.41 -14.92 -32.57
C TYR H 241 8.96 -14.43 -32.61
N HIS H 242 8.42 -14.30 -33.81
CA HIS H 242 7.10 -13.66 -34.02
C HIS H 242 6.18 -14.64 -34.73
N LEU H 243 5.18 -15.11 -34.00
CA LEU H 243 4.21 -16.09 -34.52
C LEU H 243 3.15 -15.41 -35.38
N VAL H 244 2.81 -16.07 -36.49
CA VAL H 244 1.66 -15.69 -37.33
C VAL H 244 0.93 -17.01 -37.60
N ASP H 245 0.18 -17.45 -36.59
CA ASP H 245 -0.23 -18.87 -36.51
C ASP H 245 -1.73 -19.09 -36.23
N GLY H 246 -2.55 -18.04 -36.27
CA GLY H 246 -4.01 -18.19 -36.10
C GLY H 246 -4.40 -18.81 -34.77
N GLY H 247 -3.54 -18.69 -33.75
CA GLY H 247 -3.82 -19.21 -32.41
C GLY H 247 -3.28 -20.62 -32.17
N TYR H 248 -2.56 -21.19 -33.13
CA TYR H 248 -2.13 -22.61 -33.05
C TYR H 248 -1.40 -22.90 -31.74
N THR H 249 -0.43 -22.06 -31.36
CA THR H 249 0.45 -22.31 -30.19
C THR H 249 -0.13 -21.78 -28.88
N ALA H 250 -1.28 -21.11 -28.94
CA ALA H 250 -1.94 -20.54 -27.74
C ALA H 250 -2.68 -21.62 -26.95
N GLN H 251 -2.70 -22.87 -27.42
N GLN H 251 -2.71 -22.86 -27.44
CA GLN H 251 -3.35 -23.98 -26.71
CA GLN H 251 -3.35 -23.99 -26.74
C GLN H 251 -2.46 -25.22 -26.68
C GLN H 251 -2.41 -25.20 -26.75
C1 IPA I . -12.89 15.03 7.03
C2 IPA I . -11.58 14.52 6.49
C3 IPA I . -11.57 14.28 5.02
O2 IPA I . -10.51 15.38 6.78
PA NAD J . -8.49 17.55 -3.56
O1A NAD J . -9.70 18.15 -4.22
O2A NAD J . -8.00 16.19 -3.94
O5B NAD J . -7.30 18.60 -3.75
C5B NAD J . -5.99 18.27 -3.27
C4B NAD J . -4.98 18.90 -4.18
O4B NAD J . -3.66 18.68 -3.63
C3B NAD J . -4.98 18.32 -5.61
O3B NAD J . -5.04 19.34 -6.61
C2B NAD J . -3.67 17.54 -5.67
O2B NAD J . -3.12 17.45 -6.98
C1B NAD J . -2.80 18.33 -4.70
N9A NAD J . -1.68 17.54 -4.19
C8A NAD J . -1.74 16.30 -3.63
N7A NAD J . -0.55 15.83 -3.31
C5A NAD J . 0.34 16.80 -3.71
C6A NAD J . 1.77 16.89 -3.66
N6A NAD J . 2.54 15.92 -3.18
N1A NAD J . 2.33 18.03 -4.16
C2A NAD J . 1.55 19.00 -4.65
N3A NAD J . 0.21 19.00 -4.75
C4A NAD J . -0.36 17.87 -4.27
O3 NAD J . -8.65 17.53 -1.97
PN NAD J . -9.29 18.53 -0.93
O1N NAD J . -10.44 17.80 -0.32
O2N NAD J . -9.51 19.89 -1.52
O5D NAD J . -8.12 18.58 0.16
C5D NAD J . -7.33 19.74 0.44
C4D NAD J . -6.95 19.70 1.89
O4D NAD J . -8.14 19.75 2.70
C3D NAD J . -6.22 18.42 2.33
O3D NAD J . -5.15 18.74 3.24
C2D NAD J . -7.30 17.64 3.06
O2D NAD J . -6.74 16.72 3.99
C1D NAD J . -8.05 18.78 3.73
N1N NAD J . -9.42 18.45 4.17
C2N NAD J . -10.33 18.00 3.27
C3N NAD J . -11.63 17.71 3.69
C7N NAD J . -12.67 17.24 2.72
O7N NAD J . -12.54 17.44 1.50
N7N NAD J . -13.73 16.63 3.23
C4N NAD J . -11.95 17.85 5.04
C5N NAD J . -11.00 18.29 5.94
C6N NAD J . -9.74 18.58 5.48
ZN ZN K . -17.38 13.35 19.12
ZN ZN L . -0.22 17.54 -16.56
ZN ZN M . -7.94 17.08 -14.89
C1 IPA N . 10.43 15.91 27.17
C2 IPA N . 9.02 15.91 27.65
C3 IPA N . 8.54 17.17 28.29
O2 IPA N . 8.15 15.49 26.61
PA NAD O . 15.64 7.71 28.08
O1A NAD O . 16.00 7.66 29.53
O2A NAD O . 16.65 8.19 27.08
O5B NAD O . 15.18 6.24 27.66
C5B NAD O . 14.80 6.00 26.31
C4B NAD O . 15.12 4.57 25.98
O4B NAD O . 14.61 4.28 24.66
C3B NAD O . 16.62 4.26 25.96
O3B NAD O . 16.93 3.13 26.77
C2B NAD O . 16.92 4.02 24.48
O2B NAD O . 17.95 3.09 24.22
C1B NAD O . 15.57 3.54 23.96
N9A NAD O . 15.42 3.75 22.52
C8A NAD O . 15.57 4.92 21.82
N7A NAD O . 15.41 4.75 20.52
C5A NAD O . 15.15 3.41 20.35
C6A NAD O . 14.88 2.59 19.22
N6A NAD O . 14.88 3.06 17.96
N1A NAD O . 14.68 1.26 19.43
C2A NAD O . 14.69 0.78 20.68
N3A NAD O . 14.93 1.46 21.81
C4A NAD O . 15.15 2.77 21.60
O3 NAD O . 14.30 8.54 27.82
PN NAD O . 12.98 8.76 28.71
O1N NAD O . 12.99 10.17 29.21
O2N NAD O . 12.79 7.66 29.70
O5D NAD O . 11.89 8.66 27.54
C5D NAD O . 10.95 7.58 27.46
C4D NAD O . 9.71 8.15 26.78
O4D NAD O . 9.11 9.13 27.64
C3D NAD O . 9.96 8.85 25.44
O3D NAD O . 8.89 8.55 24.54
C2D NAD O . 9.90 10.33 25.81
O2D NAD O . 9.55 11.12 24.70
C1D NAD O . 8.82 10.28 26.86
N1N NAD O . 8.77 11.45 27.75
C2N NAD O . 9.86 11.77 28.52
C3N NAD O . 9.79 12.85 29.38
C7N NAD O . 10.99 13.27 30.18
O7N NAD O . 11.89 12.46 30.42
N7N NAD O . 11.02 14.52 30.61
C4N NAD O . 8.61 13.55 29.49
C5N NAD O . 7.51 13.21 28.70
C6N NAD O . 7.63 12.16 27.84
ZN ZN P . -0.44 26.62 28.84
ZN ZN Q . 25.48 -3.62 23.75
ZN ZN R . 25.63 1.90 29.38
ZN ZN S . 16.52 12.49 40.85
C1 IPA T . 28.26 -24.29 -22.01
C2 IPA T . 26.90 -24.25 -21.41
C3 IPA T . 26.47 -22.91 -20.88
O2 IPA T . 25.95 -24.77 -22.34
PA NAD U . 33.36 -32.50 -21.23
O1A NAD U . 33.88 -32.45 -19.82
O2A NAD U . 34.22 -32.04 -22.36
O5B NAD U . 32.85 -33.98 -21.50
C5B NAD U . 32.28 -34.32 -22.77
C4B NAD U . 32.61 -35.76 -23.09
O4B NAD U . 32.03 -36.09 -24.37
C3B NAD U . 34.12 -36.06 -23.19
O3B NAD U . 34.49 -37.15 -22.36
C2B NAD U . 34.33 -36.37 -24.67
O2B NAD U . 35.32 -37.36 -24.93
C1B NAD U . 32.95 -36.87 -25.10
N9A NAD U . 32.72 -36.74 -26.53
C8A NAD U . 32.85 -35.60 -27.29
N7A NAD U . 32.59 -35.82 -28.57
C5A NAD U . 32.29 -37.16 -28.67
C6A NAD U . 31.93 -38.01 -29.76
N6A NAD U . 31.83 -37.58 -31.03
N1A NAD U . 31.70 -39.31 -29.47
C2A NAD U . 31.79 -39.75 -28.21
N3A NAD U . 32.12 -39.04 -27.13
C4A NAD U . 32.36 -37.74 -27.39
O3 NAD U . 31.96 -31.72 -21.35
PN NAD U . 30.84 -31.35 -20.26
O1N NAD U . 31.09 -29.94 -19.84
O2N NAD U . 30.74 -32.42 -19.22
O5D NAD U . 29.54 -31.37 -21.19
C5D NAD U . 28.68 -32.52 -21.28
C4D NAD U . 27.42 -32.05 -21.96
O4D NAD U . 26.80 -31.03 -21.15
C3D NAD U . 27.64 -31.43 -23.34
O3D NAD U . 26.57 -31.80 -24.21
C2D NAD U . 27.57 -29.93 -23.06
O2D NAD U . 27.18 -29.21 -24.21
C1D NAD U . 26.52 -29.91 -21.98
N1N NAD U . 26.55 -28.70 -21.13
C2N NAD U . 27.70 -28.35 -20.48
C3N NAD U . 27.72 -27.25 -19.64
C7N NAD U . 29.01 -26.85 -18.96
O7N NAD U . 29.91 -27.69 -18.81
N7N NAD U . 29.12 -25.60 -18.56
C4N NAD U . 26.55 -26.54 -19.44
C5N NAD U . 25.40 -26.89 -20.13
C6N NAD U . 25.42 -27.98 -20.96
ZN ZN V . 17.77 -13.35 -20.10
ZN ZN W . 42.95 -43.99 -25.53
ZN ZN X . 43.24 -38.51 -19.85
C1 IPA Y . -8.19 37.14 29.92
C2 IPA Y . -9.43 37.27 30.77
C3 IPA Y . -9.77 38.66 31.16
O2 IPA Y . -10.58 36.73 30.13
PA NAD Z . -15.64 46.07 30.20
O1A NAD Z . -14.75 47.07 29.49
O2A NAD Z . -15.82 46.16 31.68
O5B NAD Z . -17.04 46.07 29.46
C5B NAD Z . -18.08 45.19 29.94
C4B NAD Z . -19.42 45.86 29.75
O4B NAD Z . -20.46 44.95 30.19
C3B NAD Z . -19.59 47.16 30.55
O3B NAD Z . -20.00 48.25 29.71
C2B NAD Z . -20.65 46.81 31.60
O2B NAD Z . -21.50 47.90 31.92
C1B NAD Z . -21.41 45.68 30.92
N9A NAD Z . -22.11 44.82 31.87
C8A NAD Z . -21.57 44.19 32.97
N7A NAD Z . -22.47 43.50 33.64
C5A NAD Z . -23.67 43.70 32.99
C6A NAD Z . -25.00 43.25 33.21
N6A NAD Z . -25.34 42.48 34.25
N1A NAD Z . -25.95 43.68 32.34
C2A NAD Z . -25.62 44.47 31.31
N3A NAD Z . -24.40 44.93 31.01
C4A NAD Z . -23.45 44.54 31.87
O3 NAD Z . -15.16 44.58 29.86
PN NAD Z . -14.37 43.97 28.60
O1N NAD Z . -12.94 43.86 29.02
O2N NAD Z . -14.72 44.73 27.35
O5D NAD Z . -15.00 42.50 28.54
C5D NAD Z . -16.08 42.15 27.65
C4D NAD Z . -16.17 40.65 27.64
O4D NAD Z . -14.93 40.11 27.15
C3D NAD Z . -16.40 40.02 29.02
O3D NAD Z . -17.31 38.93 28.89
C2D NAD Z . -15.02 39.53 29.42
O2D NAD Z . -15.09 38.44 30.34
C1D NAD Z . -14.48 39.11 28.06
N1N NAD Z . -13.00 39.05 27.98
C2N NAD Z . -12.27 40.16 28.29
C3N NAD Z . -10.89 40.13 28.17
C7N NAD Z . -10.09 41.35 28.52
O7N NAD Z . -10.62 42.46 28.53
N7N NAD Z . -8.81 41.16 28.82
C4N NAD Z . -10.27 38.95 27.73
C5N NAD Z . -11.04 37.86 27.41
C6N NAD Z . -12.41 37.91 27.55
C1 IPA AA . -23.00 10.77 30.66
C2 IPA AA . -23.66 11.72 31.62
C3 IPA AA . -24.73 11.10 32.48
O2 IPA AA . -22.70 12.33 32.46
PA NAD BA . -27.21 8.74 41.20
O1A NAD BA . -27.34 7.27 40.98
O2A NAD BA . -28.39 9.65 41.01
O5B NAD BA . -26.55 8.99 42.63
C5B NAD BA . -26.33 10.34 43.05
C4B NAD BA . -26.27 10.35 44.56
O4B NAD BA . -26.05 11.72 44.97
C3B NAD BA . -27.57 9.88 45.24
O3B NAD BA . -27.27 8.94 46.28
C2B NAD BA . -28.20 11.19 45.72
O2B NAD BA . -29.02 11.04 46.88
C1B NAD BA . -26.97 12.06 45.97
N9A NAD BA . -27.26 13.50 45.91
C8A NAD BA . -27.90 14.18 44.91
N7A NAD BA . -28.02 15.46 45.17
C5A NAD BA . -27.44 15.64 46.41
C6A NAD BA . -27.25 16.77 47.26
N6A NAD BA . -27.68 17.99 46.95
N1A NAD BA . -26.63 16.56 48.45
C2A NAD BA . -26.19 15.34 48.78
N3A NAD BA . -26.34 14.22 48.07
C4A NAD BA . -26.96 14.40 46.88
O3 NAD BA . -26.05 9.34 40.25
PN NAD BA . -24.76 8.63 39.59
O1N NAD BA . -25.15 8.11 38.24
O2N NAD BA . -24.12 7.71 40.57
O5D NAD BA . -23.86 9.94 39.37
C5D NAD BA . -22.84 10.31 40.31
C4D NAD BA . -22.01 11.39 39.66
O4D NAD BA . -21.43 10.86 38.45
C3D NAD BA . -22.78 12.64 39.24
O3D NAD BA . -21.97 13.81 39.38
C2D NAD BA . -23.04 12.41 37.75
O2D NAD BA . -23.23 13.64 37.06
C1D NAD BA . -21.73 11.73 37.38
N1N NAD BA . -21.80 10.94 36.13
C2N NAD BA . -22.74 9.95 35.99
C3N NAD BA . -22.76 9.19 34.83
C7N NAD BA . -23.78 8.11 34.61
O7N NAD BA . -24.33 7.57 35.58
N7N NAD BA . -24.04 7.77 33.36
C4N NAD BA . -21.80 9.44 33.85
C5N NAD BA . -20.88 10.44 34.02
C6N NAD BA . -20.92 11.21 35.16
ZN ZN CA . -25.36 -4.21 35.64
C1 IPA DA . -6.61 -28.05 -14.30
C2 IPA DA . -5.22 -28.12 -14.81
C3 IPA DA . -5.08 -28.52 -16.26
O2 IPA DA . -4.55 -26.92 -14.55
PA NAD EA . -8.27 -30.35 -4.91
O1A NAD EA . -8.26 -31.85 -4.84
O2A NAD EA . -9.57 -29.61 -4.97
O5B NAD EA . -7.42 -29.83 -3.66
C5B NAD EA . -7.29 -28.42 -3.44
C4B NAD EA . -7.16 -28.19 -1.95
O4B NAD EA . -6.93 -26.80 -1.71
C3B NAD EA . -8.41 -28.59 -1.15
O3B NAD EA . -8.10 -29.41 -0.03
C2B NAD EA . -8.98 -27.24 -0.73
O2B NAD EA . -9.73 -27.30 0.49
C1B NAD EA . -7.73 -26.38 -0.63
N9A NAD EA . -8.00 -24.95 -0.74
C8A NAD EA . -8.73 -24.32 -1.70
N7A NAD EA . -8.84 -23.03 -1.48
C5A NAD EA . -8.18 -22.80 -0.29
C6A NAD EA . -7.95 -21.64 0.51
N6A NAD EA . -8.43 -20.43 0.17
N1A NAD EA . -7.25 -21.80 1.65
C2A NAD EA . -6.78 -23.01 2.00
N3A NAD EA . -6.95 -24.16 1.33
C4A NAD EA . -7.65 -24.01 0.18
O3 NAD EA . -7.40 -29.82 -6.13
PN NAD EA . -6.04 -30.27 -6.83
O1N NAD EA . -6.38 -30.69 -8.22
O2N NAD EA . -5.27 -31.22 -5.96
O5D NAD EA . -5.33 -28.86 -6.92
C5D NAD EA . -4.11 -28.53 -6.24
C4D NAD EA . -3.34 -27.57 -7.11
O4D NAD EA . -2.95 -28.24 -8.33
C3D NAD EA . -4.11 -26.32 -7.55
O3D NAD EA . -3.26 -25.18 -7.51
C2D NAD EA . -4.46 -26.62 -8.99
O2D NAD EA . -4.68 -25.45 -9.75
C1D NAD EA . -3.21 -27.38 -9.41
N1N NAD EA . -3.36 -28.20 -10.63
C2N NAD EA . -4.30 -29.18 -10.67
C3N NAD EA . -4.40 -29.98 -11.79
C7N NAD EA . -5.43 -31.07 -11.86
O7N NAD EA . -5.94 -31.53 -10.84
N7N NAD EA . -5.74 -31.52 -13.07
C4N NAD EA . -3.53 -29.78 -12.86
C5N NAD EA . -2.63 -28.72 -12.83
C6N NAD EA . -2.55 -27.95 -11.69
ZN ZN FA . -0.06 -26.67 -27.94
C1 IPA GA . 8.86 -1.19 -17.38
C2 IPA GA . 9.05 -2.11 -18.52
C3 IPA GA . 10.42 -2.68 -18.68
O2 IPA GA . 8.07 -3.12 -18.49
PA NAD HA . 3.03 6.59 -18.65
O1A NAD HA . 3.82 7.49 -19.54
O2A NAD HA . 2.97 6.84 -17.17
O5B NAD HA . 1.52 6.56 -19.21
C5B NAD HA . 0.55 5.75 -18.54
C4B NAD HA . -0.79 6.39 -18.73
O4B NAD HA . -1.81 5.53 -18.18
C3B NAD HA . -0.94 7.75 -18.03
O3B NAD HA . -1.42 8.75 -18.93
C2B NAD HA . -1.91 7.47 -16.89
O2B NAD HA . -2.76 8.55 -16.56
C1B NAD HA . -2.73 6.30 -17.45
N9A NAD HA . -3.34 5.49 -16.40
C8A NAD HA . -2.75 4.92 -15.30
N7A NAD HA . -3.61 4.30 -14.52
C5A NAD HA . -4.85 4.49 -15.13
C6A NAD HA . -6.17 4.07 -14.79
N6A NAD HA . -6.45 3.38 -13.69
N1A NAD HA . -7.18 4.46 -15.63
C2A NAD HA . -6.89 5.17 -16.73
N3A NAD HA . -5.68 5.60 -17.13
C4A NAD HA . -4.69 5.24 -16.29
O3 NAD HA . 3.50 5.07 -18.85
PN NAD HA . 4.01 4.25 -20.14
O1N NAD HA . 5.47 3.97 -19.90
O2N NAD HA . 3.60 4.90 -21.42
O5D NAD HA . 3.21 2.90 -19.91
C5D NAD HA . 2.18 2.47 -20.82
C4D NAD HA . 2.16 0.96 -20.79
O4D NAD HA . 3.40 0.47 -21.32
C3D NAD HA . 2.03 0.35 -19.39
O3D NAD HA . 1.20 -0.80 -19.45
C2D NAD HA . 3.44 -0.09 -19.07
O2D NAD HA . 3.44 -1.17 -18.14
C1D NAD HA . 3.90 -0.52 -20.45
N1N NAD HA . 5.35 -0.60 -20.63
C2N NAD HA . 6.14 0.52 -20.44
C3N NAD HA . 7.50 0.43 -20.65
C7N NAD HA . 8.39 1.62 -20.39
O7N NAD HA . 7.93 2.75 -20.39
N7N NAD HA . 9.68 1.36 -20.20
C4N NAD HA . 8.05 -0.77 -21.09
C5N NAD HA . 7.24 -1.87 -21.26
C6N NAD HA . 5.89 -1.77 -21.01
C1 IPA IA . 3.56 -25.51 -40.41
C2 IPA IA . 4.78 -26.09 -41.08
C3 IPA IA . 4.64 -26.32 -42.54
O2 IPA IA . 5.92 -25.29 -40.87
PA NAD JA . 7.38 -23.91 -51.21
O1A NAD JA . 6.01 -23.60 -51.76
O2A NAD JA . 7.93 -25.30 -51.34
O5B NAD JA . 8.41 -22.84 -51.78
C5B NAD JA . 9.78 -22.95 -51.40
C4B NAD JA . 10.64 -22.31 -52.45
O4B NAD JA . 12.01 -22.45 -52.05
C3B NAD JA . 10.52 -22.93 -53.85
O3B NAD JA . 10.32 -21.90 -54.83
C2B NAD JA . 11.83 -23.70 -54.01
O2B NAD JA . 12.29 -23.80 -55.35
C1B NAD JA . 12.79 -22.90 -53.13
N9A NAD JA . 13.92 -23.69 -52.65
C8A NAD JA . 13.90 -24.90 -52.01
N7A NAD JA . 15.11 -25.36 -51.75
C5A NAD JA . 15.98 -24.43 -52.25
C6A NAD JA . 17.41 -24.31 -52.30
N6A NAD JA . 18.23 -25.25 -51.81
N1A NAD JA . 17.93 -23.22 -52.90
C2A NAD JA . 17.12 -22.27 -53.40
N3A NAD JA . 15.79 -22.29 -53.42
C4A NAD JA . 15.25 -23.38 -52.83
O3 NAD JA . 7.43 -23.56 -49.65
PN NAD JA . 6.59 -22.52 -48.75
O1N NAD JA . 5.41 -23.23 -48.18
O2N NAD JA . 6.37 -21.23 -49.47
O5D NAD JA . 7.65 -22.33 -47.57
C5D NAD JA . 8.60 -21.25 -47.53
C4D NAD JA . 9.19 -21.21 -46.14
O4D NAD JA . 8.13 -21.05 -45.19
C3D NAD JA . 9.93 -22.49 -45.72
O3D NAD JA . 11.04 -22.18 -44.87
C2D NAD JA . 8.91 -23.24 -44.89
O2D NAD JA . 9.53 -24.13 -43.99
C1D NAD JA . 8.24 -22.06 -44.20
N1N NAD JA . 6.90 -22.35 -43.66
C2N NAD JA . 5.91 -22.82 -44.48
C3N NAD JA . 4.63 -23.03 -43.97
C7N NAD JA . 3.52 -23.56 -44.82
O7N NAD JA . 3.54 -23.40 -46.05
N7N NAD JA . 2.53 -24.18 -44.20
C4N NAD JA . 4.40 -22.76 -42.61
C5N NAD JA . 5.43 -22.32 -41.81
C6N NAD JA . 6.66 -22.12 -42.36
ZN ZN KA . -6.29 -19.98 -51.62
#